data_4JAR
#
_entry.id   4JAR
#
_cell.length_a   72.598
_cell.length_b   48.521
_cell.length_c   195.234
_cell.angle_alpha   90.00
_cell.angle_beta   98.41
_cell.angle_gamma   90.00
#
_symmetry.space_group_name_H-M   'P 1 21 1'
#
_entity_poly.entity_id   1
_entity_poly.type   'polypeptide(L)'
_entity_poly.pdbx_seq_one_letter_code
;MSVIAGVFGALPPHRYSQSEITDSFVEFPGLKEHEEIIRRLHAAAKVNGRHLVLPLQQYPSLTDFGDANEIFIEKAVDLG
VEALLGALDDANLRPSDIDMIATATVTGVAVPSLDARIAGRLGLRPDVRRMPLFGLGCVAGAAGVARLRDYLRGAPDDVA
VLVSVELCSLTYPAVKPTVSSLVGTALFGDGAAAVVAVGDRRAEQVRAGGPDILDSRSSLYPDSLHIMGWDVGSHGLRLR
LSPDLTNLIERYLANDVTTFLDAHRLTKDDIGAWVSHPGGPKVIDAVATSLALPPEALELTWRSLGEIGNLSSASILHIL
RDTIEKRPPSGSAGLMLAMGPGFCTELVLLRWR
;
_entity_poly.pdbx_strand_id   A,C,B,D
#
# COMPACT_ATOMS: atom_id res chain seq x y z
N SER A 2 1.12 -0.28 -10.69
CA SER A 2 1.00 0.74 -11.73
C SER A 2 1.99 1.91 -11.57
N VAL A 3 2.72 2.21 -12.63
CA VAL A 3 3.73 3.25 -12.54
C VAL A 3 3.74 4.10 -13.81
N ILE A 4 4.02 5.38 -13.66
CA ILE A 4 4.02 6.29 -14.79
C ILE A 4 5.17 5.96 -15.71
N ALA A 5 4.93 6.05 -17.02
CA ALA A 5 5.97 5.79 -18.01
C ALA A 5 6.24 6.99 -18.90
N GLY A 6 5.21 7.78 -19.18
CA GLY A 6 5.35 8.94 -20.05
C GLY A 6 4.43 10.10 -19.73
N VAL A 7 4.99 11.30 -19.72
CA VAL A 7 4.20 12.51 -19.56
C VAL A 7 4.63 13.53 -20.59
N PHE A 8 3.64 14.14 -21.24
CA PHE A 8 3.90 15.09 -22.31
C PHE A 8 2.75 16.10 -22.40
N GLY A 9 3.11 17.38 -22.47
CA GLY A 9 2.14 18.46 -22.72
C GLY A 9 2.17 19.03 -24.13
N ALA A 10 1.03 19.51 -24.59
CA ALA A 10 0.86 19.96 -25.96
C ALA A 10 0.10 21.25 -26.06
N LEU A 11 0.59 22.16 -26.89
CA LEU A 11 -0.02 23.46 -26.99
C LEU A 11 -0.36 23.81 -28.40
N PRO A 12 -1.32 24.69 -28.57
CA PRO A 12 -1.62 25.24 -29.87
C PRO A 12 -0.53 26.23 -30.24
N PRO A 13 -0.21 26.32 -31.51
CA PRO A 13 0.91 27.17 -31.92
C PRO A 13 0.82 28.57 -31.31
N HIS A 14 -0.28 29.26 -31.55
CA HIS A 14 -0.50 30.63 -31.11
C HIS A 14 -0.24 30.80 -29.62
N ARG A 15 0.62 31.76 -29.27
CA ARG A 15 0.71 32.23 -27.88
C ARG A 15 0.44 33.73 -27.85
N TYR A 16 -0.12 34.22 -26.75
CA TYR A 16 -0.33 35.65 -26.58
C TYR A 16 -0.13 36.04 -25.12
N SER A 17 0.64 37.09 -24.91
CA SER A 17 0.83 37.61 -23.57
C SER A 17 -0.50 38.10 -22.95
N GLN A 18 -0.51 38.25 -21.62
CA GLN A 18 -1.74 38.60 -20.94
C GLN A 18 -2.19 40.00 -21.35
N SER A 19 -1.24 40.92 -21.47
CA SER A 19 -1.57 42.31 -21.75
C SER A 19 -2.11 42.46 -23.17
N GLU A 20 -1.53 41.66 -24.07
CA GLU A 20 -1.95 41.61 -25.46
C GLU A 20 -3.35 41.04 -25.58
N ILE A 21 -3.65 40.03 -24.78
CA ILE A 21 -5.00 39.47 -24.70
C ILE A 21 -5.98 40.51 -24.15
N THR A 22 -5.68 41.09 -23.01
CA THR A 22 -6.55 42.06 -22.40
C THR A 22 -6.80 43.26 -23.30
N ASP A 23 -5.77 43.77 -23.95
CA ASP A 23 -5.92 44.96 -24.76
C ASP A 23 -6.94 44.70 -25.87
N SER A 24 -6.83 43.58 -26.56
CA SER A 24 -7.83 43.22 -27.55
C SER A 24 -9.19 42.91 -26.94
N PHE A 25 -9.19 42.25 -25.80
CA PHE A 25 -10.43 41.75 -25.18
C PHE A 25 -11.38 42.86 -24.79
N VAL A 26 -10.84 43.96 -24.28
CA VAL A 26 -11.64 45.11 -23.88
C VAL A 26 -12.34 45.77 -25.05
N GLU A 27 -11.81 45.59 -26.24
CA GLU A 27 -12.45 46.04 -27.47
C GLU A 27 -13.77 45.39 -27.76
N PHE A 28 -13.91 44.11 -27.44
CA PHE A 28 -14.93 43.28 -28.02
C PHE A 28 -16.26 43.91 -27.69
N PRO A 29 -17.31 43.62 -28.56
CA PRO A 29 -18.49 44.49 -28.40
C PRO A 29 -19.21 44.38 -27.05
N GLY A 30 -19.73 45.51 -26.60
CA GLY A 30 -20.27 45.65 -25.27
C GLY A 30 -19.14 45.90 -24.31
N LEU A 31 -18.09 45.10 -24.45
CA LEU A 31 -17.08 44.88 -23.44
C LEU A 31 -16.32 46.14 -23.08
N LYS A 32 -16.30 47.12 -23.96
CA LYS A 32 -15.58 48.36 -23.67
C LYS A 32 -16.09 49.16 -22.45
N GLU A 33 -17.36 48.97 -22.05
CA GLU A 33 -17.92 49.67 -20.90
C GLU A 33 -17.64 48.96 -19.59
N HIS A 34 -16.94 47.84 -19.67
CA HIS A 34 -16.43 47.12 -18.50
C HIS A 34 -14.91 47.18 -18.38
N GLU A 35 -14.29 48.14 -19.04
CA GLU A 35 -12.86 48.18 -19.23
C GLU A 35 -12.10 48.28 -17.96
N GLU A 36 -12.73 48.75 -16.90
CA GLU A 36 -12.01 48.91 -15.66
C GLU A 36 -11.83 47.55 -15.03
N ILE A 37 -12.94 46.88 -14.78
CA ILE A 37 -12.90 45.64 -14.05
C ILE A 37 -12.11 44.57 -14.79
N ILE A 38 -12.28 44.50 -16.10
CA ILE A 38 -11.55 43.51 -16.84
C ILE A 38 -10.08 43.74 -16.70
N ARG A 39 -9.67 44.97 -16.76
CA ARG A 39 -8.26 45.29 -16.61
C ARG A 39 -7.77 44.92 -15.21
N ARG A 40 -8.61 45.20 -14.22
CA ARG A 40 -8.34 44.82 -12.83
C ARG A 40 -8.20 43.31 -12.75
N LEU A 41 -9.24 42.61 -13.18
CA LEU A 41 -9.31 41.15 -13.10
C LEU A 41 -8.18 40.48 -13.87
N HIS A 42 -7.87 41.02 -15.04
CA HIS A 42 -6.88 40.38 -15.88
C HIS A 42 -5.46 40.48 -15.34
N ALA A 43 -5.17 41.57 -14.64
CA ALA A 43 -3.86 41.78 -14.08
C ALA A 43 -3.64 40.89 -12.86
N ALA A 44 -4.70 40.76 -12.05
CA ALA A 44 -4.60 40.02 -10.79
C ALA A 44 -4.73 38.49 -10.95
N ALA A 45 -4.77 38.02 -12.19
CA ALA A 45 -4.78 36.58 -12.45
C ALA A 45 -3.36 36.02 -12.39
N LYS A 46 -2.37 36.92 -12.36
CA LYS A 46 -0.97 36.56 -12.27
C LYS A 46 -0.56 35.61 -13.40
N VAL A 47 -1.34 35.66 -14.48
CA VAL A 47 -1.05 34.86 -15.67
C VAL A 47 -0.36 35.79 -16.68
N ASN A 48 0.78 35.36 -17.18
CA ASN A 48 1.59 36.22 -18.02
C ASN A 48 1.33 36.00 -19.51
N GLY A 49 0.92 34.79 -19.86
CA GLY A 49 0.65 34.47 -21.24
C GLY A 49 -0.26 33.27 -21.32
N ARG A 50 -0.92 33.10 -22.46
CA ARG A 50 -1.78 31.95 -22.69
C ARG A 50 -1.78 31.52 -24.15
N HIS A 51 -2.03 30.23 -24.37
CA HIS A 51 -2.16 29.67 -25.70
C HIS A 51 -3.62 29.55 -26.05
N LEU A 52 -4.08 30.39 -26.97
CA LEU A 52 -5.44 30.30 -27.44
C LEU A 52 -5.46 29.45 -28.71
N VAL A 53 -6.41 28.51 -28.77
CA VAL A 53 -6.52 27.63 -29.92
C VAL A 53 -6.89 28.38 -31.20
N LEU A 54 -7.46 29.58 -31.04
CA LEU A 54 -7.89 30.40 -32.17
C LEU A 54 -7.14 31.74 -32.22
N PRO A 55 -7.05 32.36 -33.41
CA PRO A 55 -6.51 33.73 -33.51
C PRO A 55 -7.34 34.73 -32.69
N LEU A 56 -6.66 35.69 -32.04
CA LEU A 56 -7.30 36.53 -31.03
C LEU A 56 -8.51 37.38 -31.46
N GLN A 57 -8.43 38.00 -32.64
CA GLN A 57 -9.53 38.85 -33.10
C GLN A 57 -10.64 38.05 -33.79
N GLN A 58 -10.57 36.72 -33.65
CA GLN A 58 -11.63 35.83 -34.16
C GLN A 58 -12.72 35.52 -33.12
N TYR A 59 -12.36 35.52 -31.85
CA TYR A 59 -13.36 35.28 -30.84
C TYR A 59 -14.58 36.20 -30.91
N PRO A 60 -14.38 37.49 -31.07
CA PRO A 60 -15.53 38.40 -31.00
C PRO A 60 -16.64 37.95 -31.93
N SER A 61 -16.29 37.15 -32.93
CA SER A 61 -17.24 36.66 -33.91
C SER A 61 -17.77 35.28 -33.53
N LEU A 62 -17.09 34.63 -32.59
CA LEU A 62 -17.57 33.35 -32.11
C LEU A 62 -18.71 33.55 -31.10
N THR A 63 -19.93 33.63 -31.61
CA THR A 63 -21.07 33.85 -30.73
C THR A 63 -22.01 32.64 -30.64
N ASP A 64 -21.81 31.66 -31.52
CA ASP A 64 -22.68 30.49 -31.57
C ASP A 64 -22.03 29.26 -30.92
N PHE A 65 -22.81 28.53 -30.12
CA PHE A 65 -22.26 27.43 -29.34
C PHE A 65 -22.17 26.22 -30.24
N GLY A 66 -22.96 26.26 -31.31
CA GLY A 66 -22.95 25.22 -32.32
C GLY A 66 -21.67 25.31 -33.12
N ASP A 67 -21.29 26.52 -33.51
CA ASP A 67 -20.01 26.73 -34.19
C ASP A 67 -18.81 26.37 -33.28
N ALA A 68 -18.80 26.89 -32.05
CA ALA A 68 -17.72 26.62 -31.10
C ALA A 68 -17.53 25.12 -30.86
N ASN A 69 -18.59 24.42 -30.47
CA ASN A 69 -18.47 23.00 -30.26
C ASN A 69 -17.98 22.24 -31.49
N GLU A 70 -18.40 22.70 -32.65
CA GLU A 70 -17.89 22.15 -33.91
C GLU A 70 -16.36 22.29 -34.02
N ILE A 71 -15.85 23.50 -33.81
CA ILE A 71 -14.42 23.73 -33.87
C ILE A 71 -13.70 22.99 -32.72
N PHE A 72 -14.32 22.97 -31.54
CA PHE A 72 -13.77 22.20 -30.43
C PHE A 72 -13.41 20.80 -30.90
N ILE A 73 -14.39 20.07 -31.42
CA ILE A 73 -14.13 18.69 -31.83
C ILE A 73 -12.94 18.57 -32.78
N GLU A 74 -12.81 19.52 -33.72
CA GLU A 74 -11.69 19.55 -34.68
C GLU A 74 -10.32 19.69 -34.00
N LYS A 75 -10.14 20.79 -33.26
CA LYS A 75 -8.84 21.09 -32.64
C LYS A 75 -8.55 20.16 -31.48
N ALA A 76 -9.59 19.56 -30.91
CA ALA A 76 -9.42 18.79 -29.68
C ALA A 76 -8.78 17.43 -29.91
N VAL A 77 -9.08 16.77 -31.03
CA VAL A 77 -8.47 15.49 -31.32
C VAL A 77 -7.03 15.69 -31.80
N ASP A 78 -6.84 16.53 -32.80
CA ASP A 78 -5.49 16.88 -33.24
C ASP A 78 -4.57 17.07 -32.04
N LEU A 79 -4.98 17.94 -31.13
CA LEU A 79 -4.22 18.27 -29.93
C LEU A 79 -4.03 17.10 -28.97
N GLY A 80 -4.97 16.18 -28.91
CA GLY A 80 -4.89 15.05 -28.02
C GLY A 80 -4.01 13.94 -28.54
N VAL A 81 -4.09 13.71 -29.83
CA VAL A 81 -3.16 12.88 -30.58
C VAL A 81 -1.72 13.44 -30.41
N GLU A 82 -1.51 14.69 -30.77
CA GLU A 82 -0.24 15.31 -30.46
C GLU A 82 0.25 14.94 -29.04
N ALA A 83 -0.60 15.01 -28.04
CA ALA A 83 -0.16 14.71 -26.69
C ALA A 83 0.14 13.22 -26.50
N LEU A 84 -0.81 12.37 -26.90
CA LEU A 84 -0.68 10.95 -26.66
C LEU A 84 0.57 10.50 -27.37
N LEU A 85 0.76 10.99 -28.59
CA LEU A 85 1.94 10.63 -29.33
C LEU A 85 3.21 10.97 -28.53
N GLY A 86 3.26 12.21 -28.02
CA GLY A 86 4.37 12.67 -27.19
C GLY A 86 4.68 11.86 -25.92
N ALA A 87 3.64 11.47 -25.19
CA ALA A 87 3.82 10.65 -24.00
C ALA A 87 4.20 9.21 -24.38
N LEU A 88 3.60 8.74 -25.47
CA LEU A 88 3.85 7.40 -26.01
C LEU A 88 5.32 7.24 -26.47
N ASP A 89 5.92 8.32 -26.95
CA ASP A 89 7.31 8.30 -27.40
C ASP A 89 8.23 8.31 -26.19
N ASP A 90 7.89 9.18 -25.23
CA ASP A 90 8.61 9.28 -23.98
C ASP A 90 8.75 7.87 -23.40
N ALA A 91 7.62 7.18 -23.29
CA ALA A 91 7.61 5.81 -22.80
C ALA A 91 8.34 4.81 -23.70
N ASN A 92 8.67 5.20 -24.93
CA ASN A 92 9.13 4.22 -25.92
C ASN A 92 8.12 3.08 -26.02
N LEU A 93 6.91 3.41 -26.32
CA LEU A 93 5.84 2.45 -26.58
C LEU A 93 5.03 2.86 -27.80
N ARG A 94 4.40 1.96 -28.45
CA ARG A 94 3.61 2.31 -29.63
C ARG A 94 2.12 2.43 -29.30
N PRO A 95 1.37 3.13 -30.18
CA PRO A 95 -0.06 3.27 -29.99
C PRO A 95 -0.71 1.89 -29.91
N SER A 96 -0.12 0.91 -30.57
CA SER A 96 -0.66 -0.45 -30.58
C SER A 96 -0.37 -1.26 -29.29
N ASP A 97 0.39 -0.68 -28.37
CA ASP A 97 0.66 -1.37 -27.10
C ASP A 97 -0.44 -1.02 -26.07
N ILE A 98 -1.26 -0.03 -26.41
CA ILE A 98 -2.24 0.53 -25.48
C ILE A 98 -3.47 -0.34 -25.25
N ASP A 99 -3.82 -0.53 -23.99
CA ASP A 99 -4.93 -1.42 -23.62
C ASP A 99 -6.16 -0.66 -23.11
N MET A 100 -5.95 0.56 -22.67
CA MET A 100 -7.04 1.32 -22.11
C MET A 100 -6.76 2.76 -22.40
N ILE A 101 -7.81 3.49 -22.77
CA ILE A 101 -7.68 4.92 -22.95
C ILE A 101 -8.80 5.62 -22.19
N ALA A 102 -8.43 6.69 -21.49
CA ALA A 102 -9.38 7.39 -20.66
C ALA A 102 -9.26 8.80 -21.11
N THR A 103 -10.38 9.51 -21.06
CA THR A 103 -10.39 10.84 -21.62
C THR A 103 -11.02 11.82 -20.67
N ALA A 104 -10.34 12.95 -20.51
CA ALA A 104 -10.82 14.04 -19.68
C ALA A 104 -10.98 15.27 -20.55
N THR A 105 -12.23 15.68 -20.71
CA THR A 105 -12.56 16.99 -21.25
C THR A 105 -13.78 17.45 -20.47
N VAL A 106 -13.93 18.77 -20.36
CA VAL A 106 -15.12 19.33 -19.75
C VAL A 106 -15.65 20.49 -20.63
N THR A 107 -14.90 20.81 -21.67
CA THR A 107 -15.09 22.07 -22.40
C THR A 107 -15.82 21.96 -23.75
N GLY A 108 -16.16 20.75 -24.16
CA GLY A 108 -16.90 20.54 -25.39
C GLY A 108 -17.63 19.22 -25.31
N VAL A 109 -18.82 19.15 -25.90
CA VAL A 109 -19.59 17.90 -25.85
C VAL A 109 -19.58 17.14 -27.17
N ALA A 110 -18.87 16.03 -27.15
CA ALA A 110 -18.73 15.11 -28.27
C ALA A 110 -19.35 13.75 -27.95
N VAL A 111 -20.18 13.24 -28.86
CA VAL A 111 -20.61 11.85 -28.86
C VAL A 111 -20.62 11.40 -30.31
N PRO A 112 -19.74 10.46 -30.69
CA PRO A 112 -18.79 9.68 -29.87
C PRO A 112 -17.73 10.52 -29.15
N SER A 113 -17.25 10.04 -28.00
CA SER A 113 -16.22 10.72 -27.21
C SER A 113 -14.92 10.98 -27.99
N LEU A 114 -14.07 11.86 -27.47
CA LEU A 114 -12.82 12.19 -28.13
C LEU A 114 -11.94 10.98 -28.23
N ASP A 115 -11.99 10.15 -27.19
CA ASP A 115 -11.14 8.97 -27.07
C ASP A 115 -11.39 7.98 -28.20
N ALA A 116 -12.62 7.99 -28.73
CA ALA A 116 -12.95 7.16 -29.90
C ALA A 116 -12.32 7.79 -31.13
N ARG A 117 -12.41 9.10 -31.21
CA ARG A 117 -11.85 9.85 -32.32
C ARG A 117 -10.32 9.86 -32.25
N ILE A 118 -9.79 9.63 -31.05
CA ILE A 118 -8.36 9.57 -30.88
C ILE A 118 -7.90 8.17 -31.22
N ALA A 119 -8.68 7.19 -30.76
CA ALA A 119 -8.33 5.78 -30.92
C ALA A 119 -8.27 5.41 -32.38
N GLY A 120 -9.02 6.14 -33.21
CA GLY A 120 -9.03 5.94 -34.64
C GLY A 120 -7.88 6.62 -35.37
N ARG A 121 -7.62 7.87 -35.01
CA ARG A 121 -6.52 8.65 -35.58
C ARG A 121 -5.16 8.03 -35.33
N LEU A 122 -5.05 7.23 -34.27
CA LEU A 122 -3.77 6.62 -33.93
C LEU A 122 -3.65 5.14 -34.30
N GLY A 123 -4.75 4.57 -34.76
CA GLY A 123 -4.80 3.12 -34.95
C GLY A 123 -4.42 2.39 -33.67
N LEU A 124 -5.12 2.71 -32.57
CA LEU A 124 -5.06 1.86 -31.39
C LEU A 124 -5.87 0.58 -31.66
N ARG A 125 -5.57 -0.49 -30.95
CA ARG A 125 -6.24 -1.77 -31.22
C ARG A 125 -7.74 -1.63 -31.08
N PRO A 126 -8.49 -2.24 -32.02
CA PRO A 126 -9.94 -2.04 -32.06
C PRO A 126 -10.63 -2.55 -30.78
N ASP A 127 -9.89 -3.29 -29.96
CA ASP A 127 -10.42 -3.79 -28.71
C ASP A 127 -9.89 -3.03 -27.49
N VAL A 128 -9.28 -1.88 -27.69
CA VAL A 128 -8.86 -1.04 -26.58
C VAL A 128 -10.07 -0.58 -25.76
N ARG A 129 -9.91 -0.56 -24.43
CA ARG A 129 -10.97 -0.16 -23.52
C ARG A 129 -11.09 1.36 -23.40
N ARG A 130 -12.29 1.88 -23.65
CA ARG A 130 -12.52 3.32 -23.63
C ARG A 130 -13.21 3.74 -22.33
N MET A 131 -12.73 4.85 -21.75
CA MET A 131 -13.26 5.34 -20.48
C MET A 131 -13.36 6.85 -20.58
N PRO A 132 -14.30 7.33 -21.36
CA PRO A 132 -14.49 8.77 -21.38
C PRO A 132 -15.09 9.19 -20.09
N LEU A 133 -14.66 10.35 -19.69
CA LEU A 133 -15.01 10.93 -18.44
C LEU A 133 -15.33 12.34 -18.77
N PHE A 134 -16.42 12.82 -18.22
CA PHE A 134 -16.89 14.17 -18.39
C PHE A 134 -17.98 14.20 -17.40
N GLY A 135 -18.10 15.24 -16.61
CA GLY A 135 -17.13 16.29 -16.55
C GLY A 135 -16.64 16.22 -15.13
N LEU A 136 -15.38 15.91 -15.00
CA LEU A 136 -14.83 15.81 -13.69
C LEU A 136 -14.34 17.19 -13.29
N GLY A 137 -13.98 18.00 -14.28
CA GLY A 137 -13.48 19.33 -14.02
C GLY A 137 -11.98 19.33 -13.91
N CYS A 138 -11.39 20.36 -13.33
CA CYS A 138 -9.95 20.41 -13.18
C CYS A 138 -9.47 19.40 -12.19
N VAL A 139 -10.35 18.53 -11.74
CA VAL A 139 -9.91 17.56 -10.79
C VAL A 139 -9.45 16.38 -11.61
N ALA A 140 -9.74 16.44 -12.88
CA ALA A 140 -9.74 15.27 -13.71
C ALA A 140 -8.38 14.77 -14.12
N GLY A 141 -7.35 15.57 -13.90
CA GLY A 141 -6.00 15.13 -14.15
C GLY A 141 -5.50 14.23 -13.05
N ALA A 142 -5.76 14.62 -11.81
CA ALA A 142 -5.41 13.81 -10.66
C ALA A 142 -6.34 12.60 -10.62
N ALA A 143 -7.62 12.82 -10.88
CA ALA A 143 -8.61 11.76 -10.76
C ALA A 143 -8.46 10.72 -11.85
N GLY A 144 -7.95 11.14 -13.01
CA GLY A 144 -7.78 10.25 -14.13
C GLY A 144 -6.56 9.37 -13.91
N VAL A 145 -5.49 9.98 -13.43
CA VAL A 145 -4.28 9.23 -13.06
C VAL A 145 -4.67 8.17 -12.05
N ALA A 146 -5.73 8.45 -11.31
CA ALA A 146 -6.20 7.56 -10.24
C ALA A 146 -7.05 6.42 -10.78
N ARG A 147 -7.79 6.68 -11.86
CA ARG A 147 -8.49 5.58 -12.52
C ARG A 147 -7.50 4.66 -13.23
N LEU A 148 -6.42 5.23 -13.73
CA LEU A 148 -5.36 4.46 -14.39
C LEU A 148 -4.84 3.39 -13.43
N ARG A 149 -4.25 3.83 -12.32
CA ARG A 149 -3.90 2.94 -11.22
C ARG A 149 -4.99 1.91 -10.96
N ASP A 150 -6.25 2.36 -10.88
CA ASP A 150 -7.35 1.46 -10.58
C ASP A 150 -7.55 0.41 -11.66
N TYR A 151 -7.31 0.80 -12.90
CA TYR A 151 -7.38 -0.12 -14.01
C TYR A 151 -6.20 -1.12 -13.93
N LEU A 152 -4.99 -0.61 -14.07
CA LEU A 152 -3.77 -1.40 -14.19
C LEU A 152 -3.57 -2.30 -12.98
N ARG A 153 -4.17 -1.98 -11.86
CA ARG A 153 -4.01 -2.76 -10.64
C ARG A 153 -4.86 -4.04 -10.69
N GLY A 154 -5.71 -4.13 -11.69
CA GLY A 154 -6.47 -5.34 -11.93
C GLY A 154 -5.91 -6.02 -13.17
N ALA A 155 -4.88 -5.40 -13.71
CA ALA A 155 -4.21 -5.84 -14.89
C ALA A 155 -2.82 -5.26 -14.84
N PRO A 156 -1.89 -6.06 -14.35
CA PRO A 156 -0.46 -5.70 -14.20
C PRO A 156 0.41 -5.78 -15.47
N ASP A 157 -0.07 -6.45 -16.50
CA ASP A 157 0.67 -6.58 -17.76
C ASP A 157 0.27 -5.53 -18.79
N ASP A 158 -0.69 -4.68 -18.44
CA ASP A 158 -1.30 -3.80 -19.45
C ASP A 158 -0.67 -2.43 -19.54
N VAL A 159 -1.05 -1.71 -20.59
CA VAL A 159 -0.63 -0.34 -20.79
C VAL A 159 -1.89 0.54 -20.86
N ALA A 160 -2.02 1.45 -19.90
CA ALA A 160 -3.14 2.40 -19.88
C ALA A 160 -2.67 3.84 -20.12
N VAL A 161 -3.55 4.64 -20.70
CA VAL A 161 -3.27 6.05 -20.92
C VAL A 161 -4.49 6.92 -20.58
N LEU A 162 -4.18 8.17 -20.21
CA LEU A 162 -5.14 9.22 -19.97
C LEU A 162 -4.70 10.36 -20.85
N VAL A 163 -5.66 11.03 -21.47
CA VAL A 163 -5.40 12.22 -22.28
C VAL A 163 -6.43 13.24 -21.89
N SER A 164 -5.98 14.42 -21.54
CA SER A 164 -6.88 15.44 -21.14
C SER A 164 -6.72 16.63 -22.05
N VAL A 165 -7.84 17.19 -22.49
CA VAL A 165 -7.83 18.20 -23.52
C VAL A 165 -8.81 19.27 -23.15
N GLU A 166 -8.33 20.46 -22.99
CA GLU A 166 -9.18 21.50 -22.50
C GLU A 166 -8.99 22.70 -23.34
N LEU A 167 -10.09 23.17 -23.92
CA LEU A 167 -10.05 24.31 -24.81
C LEU A 167 -11.02 25.36 -24.31
N CYS A 168 -10.63 26.07 -23.25
CA CYS A 168 -11.51 26.97 -22.56
C CYS A 168 -11.91 28.22 -23.32
N SER A 169 -11.08 28.68 -24.23
CA SER A 169 -11.40 29.89 -24.95
C SER A 169 -12.65 29.67 -25.77
N LEU A 170 -12.85 28.44 -26.18
CA LEU A 170 -13.96 28.06 -27.01
C LEU A 170 -15.28 27.93 -26.30
N THR A 171 -15.33 28.15 -25.00
CA THR A 171 -16.62 28.20 -24.35
C THR A 171 -17.17 29.59 -24.53
N TYR A 172 -16.33 30.48 -25.01
CA TYR A 172 -16.59 31.91 -25.14
C TYR A 172 -17.96 32.41 -25.63
N PRO A 173 -18.66 31.66 -26.46
CA PRO A 173 -20.01 32.07 -26.81
C PRO A 173 -20.94 32.17 -25.59
N ALA A 174 -20.50 31.69 -24.43
CA ALA A 174 -21.35 31.83 -23.25
C ALA A 174 -20.88 32.82 -22.20
N VAL A 175 -19.75 33.49 -22.45
CA VAL A 175 -19.30 34.52 -21.53
C VAL A 175 -20.11 35.82 -21.70
N LYS A 176 -20.57 36.37 -20.59
CA LYS A 176 -21.17 37.71 -20.55
C LYS A 176 -20.44 38.62 -19.55
N PRO A 177 -20.82 39.88 -19.45
CA PRO A 177 -20.18 40.84 -18.54
C PRO A 177 -20.50 40.66 -17.05
N THR A 178 -20.07 39.54 -16.53
CA THR A 178 -20.34 39.16 -15.16
C THR A 178 -19.00 38.90 -14.50
N VAL A 179 -18.95 39.04 -13.18
CA VAL A 179 -17.70 38.84 -12.47
C VAL A 179 -17.13 37.43 -12.64
N SER A 180 -18.00 36.41 -12.59
CA SER A 180 -17.54 35.01 -12.66
C SER A 180 -17.16 34.51 -14.07
N SER A 181 -17.80 35.06 -15.11
CA SER A 181 -17.37 34.80 -16.49
C SER A 181 -16.18 35.68 -16.89
N LEU A 182 -16.07 36.86 -16.26
CA LEU A 182 -14.91 37.72 -16.46
C LEU A 182 -13.72 37.10 -15.75
N VAL A 183 -13.93 36.57 -14.54
CA VAL A 183 -12.84 35.90 -13.84
C VAL A 183 -12.25 34.85 -14.77
N GLY A 184 -13.08 33.91 -15.22
CA GLY A 184 -12.63 32.80 -16.03
C GLY A 184 -11.92 33.24 -17.29
N THR A 185 -12.30 34.43 -17.75
CA THR A 185 -11.69 35.07 -18.91
C THR A 185 -10.24 35.52 -18.64
N ALA A 186 -9.90 35.68 -17.37
CA ALA A 186 -8.57 36.14 -16.96
C ALA A 186 -7.63 34.96 -16.70
N LEU A 187 -8.22 33.79 -16.56
CA LEU A 187 -7.58 32.65 -15.93
C LEU A 187 -7.28 31.52 -16.90
N PHE A 188 -8.36 30.97 -17.47
CA PHE A 188 -8.30 29.79 -18.32
C PHE A 188 -7.69 30.00 -19.70
N GLY A 189 -6.74 29.14 -20.05
CA GLY A 189 -6.16 29.08 -21.38
C GLY A 189 -6.51 27.76 -22.06
N ASP A 190 -5.90 27.50 -23.21
CA ASP A 190 -6.09 26.25 -23.97
C ASP A 190 -4.82 25.37 -23.94
N GLY A 191 -4.99 24.06 -24.12
CA GLY A 191 -3.90 23.10 -24.10
C GLY A 191 -4.34 21.67 -23.80
N ALA A 192 -3.37 20.78 -23.69
CA ALA A 192 -3.66 19.36 -23.51
C ALA A 192 -2.47 18.64 -22.87
N ALA A 193 -2.65 17.42 -22.41
CA ALA A 193 -1.55 16.63 -21.86
C ALA A 193 -1.89 15.15 -21.82
N ALA A 194 -0.86 14.30 -21.76
CA ALA A 194 -1.09 12.86 -21.77
C ALA A 194 -0.20 12.15 -20.77
N VAL A 195 -0.77 11.12 -20.13
CA VAL A 195 -0.04 10.27 -19.20
C VAL A 195 -0.20 8.81 -19.59
N VAL A 196 0.93 8.14 -19.78
CA VAL A 196 0.97 6.72 -20.01
C VAL A 196 1.51 6.10 -18.73
N ALA A 197 0.76 5.16 -18.17
CA ALA A 197 1.16 4.42 -16.99
C ALA A 197 1.17 2.95 -17.40
N VAL A 198 2.00 2.14 -16.76
CA VAL A 198 2.08 0.72 -17.07
C VAL A 198 1.90 -0.13 -15.81
N GLY A 199 1.38 -1.31 -15.95
CA GLY A 199 1.14 -2.19 -14.82
C GLY A 199 2.42 -2.83 -14.26
N ASP A 200 2.32 -3.37 -13.05
CA ASP A 200 3.45 -3.92 -12.35
C ASP A 200 4.34 -4.87 -13.14
N ARG A 201 3.83 -6.05 -13.42
CA ARG A 201 4.52 -7.06 -14.24
C ARG A 201 5.08 -6.58 -15.60
N ARG A 202 4.72 -5.37 -16.01
CA ARG A 202 5.07 -4.83 -17.33
C ARG A 202 6.04 -3.65 -17.19
N ALA A 203 6.16 -3.15 -15.97
CA ALA A 203 7.04 -2.02 -15.68
C ALA A 203 8.54 -2.33 -15.88
N GLU A 204 9.02 -3.50 -15.47
CA GLU A 204 10.45 -3.80 -15.65
C GLU A 204 10.73 -3.98 -17.11
N GLN A 205 10.00 -4.92 -17.70
CA GLN A 205 10.06 -5.18 -19.11
C GLN A 205 10.00 -3.96 -20.02
N VAL A 206 9.72 -2.77 -19.50
CA VAL A 206 9.56 -1.58 -20.34
C VAL A 206 10.38 -0.37 -19.87
N ARG A 207 11.01 -0.47 -18.71
CA ARG A 207 11.94 0.56 -18.26
C ARG A 207 11.23 1.77 -17.69
N ALA A 208 10.07 1.51 -17.14
CA ALA A 208 9.22 2.56 -16.63
C ALA A 208 9.91 3.47 -15.65
N GLY A 209 10.04 4.73 -16.04
CA GLY A 209 10.79 5.71 -15.28
C GLY A 209 10.02 6.71 -14.46
N GLY A 210 8.80 7.05 -14.86
CA GLY A 210 7.95 7.91 -14.03
C GLY A 210 7.65 7.27 -12.68
N PRO A 211 6.96 8.03 -11.78
CA PRO A 211 6.74 7.59 -10.40
C PRO A 211 5.77 6.43 -10.32
N ASP A 212 5.94 5.55 -9.34
CA ASP A 212 4.95 4.55 -9.02
C ASP A 212 3.74 5.30 -8.46
N ILE A 213 2.57 4.72 -8.56
CA ILE A 213 1.43 5.39 -7.96
C ILE A 213 0.93 4.50 -6.88
N LEU A 214 0.86 5.02 -5.67
CA LEU A 214 0.55 4.19 -4.51
C LEU A 214 -0.88 4.23 -4.00
N ASP A 215 -1.62 5.28 -4.31
CA ASP A 215 -3.01 5.33 -3.92
C ASP A 215 -3.52 6.71 -4.19
N SER A 216 -4.83 6.86 -4.12
CA SER A 216 -5.49 8.14 -4.25
C SER A 216 -6.61 8.26 -3.25
N ARG A 217 -7.01 9.48 -2.95
CA ARG A 217 -8.19 9.65 -2.15
C ARG A 217 -9.09 10.72 -2.70
N SER A 218 -10.32 10.34 -2.98
CA SER A 218 -11.33 11.33 -3.40
C SER A 218 -12.10 11.90 -2.21
N SER A 219 -12.62 13.10 -2.37
CA SER A 219 -13.32 13.70 -1.27
C SER A 219 -14.42 14.60 -1.79
N LEU A 220 -15.65 14.07 -1.73
CA LEU A 220 -16.83 14.82 -2.11
C LEU A 220 -17.41 15.50 -0.87
N TYR A 221 -17.46 16.83 -0.89
CA TYR A 221 -18.01 17.63 0.20
C TYR A 221 -19.54 17.67 0.21
N PRO A 222 -20.15 17.47 1.37
CA PRO A 222 -21.60 17.56 1.49
C PRO A 222 -22.20 18.86 0.96
N ASP A 223 -23.41 18.77 0.40
CA ASP A 223 -24.17 19.92 -0.09
C ASP A 223 -23.30 21.01 -0.67
N SER A 224 -22.64 20.73 -1.77
CA SER A 224 -21.68 21.66 -2.35
C SER A 224 -21.76 21.74 -3.86
N LEU A 225 -22.89 21.44 -4.44
CA LEU A 225 -22.92 21.46 -5.88
C LEU A 225 -22.61 22.87 -6.38
N HIS A 226 -23.14 23.82 -5.69
CA HIS A 226 -23.17 25.20 -6.18
C HIS A 226 -21.82 25.86 -6.45
N ILE A 227 -20.74 25.26 -5.97
CA ILE A 227 -19.45 25.94 -5.93
C ILE A 227 -18.75 26.00 -7.28
N MET A 228 -18.82 24.92 -8.04
CA MET A 228 -18.19 24.87 -9.35
C MET A 228 -19.00 24.04 -10.35
N GLY A 229 -19.20 24.58 -11.55
CA GLY A 229 -19.91 23.85 -12.58
C GLY A 229 -20.24 24.60 -13.87
N TRP A 230 -20.93 23.90 -14.78
CA TRP A 230 -21.41 24.48 -16.03
C TRP A 230 -22.90 24.84 -15.98
N ASP A 231 -23.25 26.09 -16.23
CA ASP A 231 -24.65 26.39 -16.56
C ASP A 231 -24.81 26.05 -18.03
N VAL A 232 -25.42 24.90 -18.30
CA VAL A 232 -25.60 24.45 -19.67
C VAL A 232 -26.88 25.03 -20.28
N GLY A 233 -26.83 25.35 -21.56
CA GLY A 233 -27.95 26.00 -22.21
C GLY A 233 -27.71 26.39 -23.65
N SER A 234 -28.53 27.32 -24.11
CA SER A 234 -28.58 27.72 -25.51
C SER A 234 -27.26 28.36 -26.00
N HIS A 235 -26.62 29.20 -25.18
CA HIS A 235 -25.37 29.89 -25.59
C HIS A 235 -24.11 29.07 -25.32
N GLY A 236 -24.29 27.87 -24.78
CA GLY A 236 -23.18 26.96 -24.61
C GLY A 236 -22.91 26.63 -23.17
N LEU A 237 -21.64 26.64 -22.82
CA LEU A 237 -21.23 26.29 -21.48
C LEU A 237 -20.85 27.56 -20.68
N ARG A 238 -21.71 27.94 -19.73
CA ARG A 238 -21.45 29.12 -18.90
C ARG A 238 -20.77 28.78 -17.57
N LEU A 239 -19.64 29.43 -17.32
CA LEU A 239 -18.92 29.13 -16.09
C LEU A 239 -19.74 29.61 -14.93
N ARG A 240 -19.73 28.82 -13.88
CA ARG A 240 -20.32 29.19 -12.62
C ARG A 240 -19.26 28.88 -11.56
N LEU A 241 -18.72 29.94 -10.96
CA LEU A 241 -17.69 29.79 -9.94
C LEU A 241 -18.08 30.63 -8.73
N SER A 242 -17.82 30.11 -7.54
CA SER A 242 -18.27 30.75 -6.31
C SER A 242 -17.11 31.45 -5.59
N PRO A 243 -17.40 32.55 -4.92
CA PRO A 243 -16.40 33.19 -4.06
C PRO A 243 -16.25 32.43 -2.75
N ASP A 244 -17.29 31.72 -2.34
CA ASP A 244 -17.25 30.88 -1.16
C ASP A 244 -16.19 29.81 -1.31
N LEU A 245 -15.66 29.66 -2.50
CA LEU A 245 -14.72 28.58 -2.73
C LEU A 245 -13.61 28.55 -1.68
N THR A 246 -12.69 29.48 -1.78
CA THR A 246 -11.58 29.48 -0.87
C THR A 246 -11.97 29.11 0.55
N ASN A 247 -13.17 29.43 0.99
CA ASN A 247 -13.54 29.11 2.36
C ASN A 247 -14.08 27.67 2.56
N LEU A 248 -14.06 26.88 1.50
CA LEU A 248 -14.25 25.45 1.59
C LEU A 248 -12.86 24.83 1.79
N ILE A 249 -11.91 25.28 0.97
CA ILE A 249 -10.53 24.85 1.13
C ILE A 249 -10.03 25.12 2.55
N GLU A 250 -9.99 26.39 2.93
CA GLU A 250 -9.52 26.76 4.27
C GLU A 250 -10.17 25.87 5.33
N ARG A 251 -11.39 25.42 5.05
CA ARG A 251 -12.15 24.58 5.98
C ARG A 251 -11.73 23.13 6.03
N TYR A 252 -11.74 22.46 4.89
CA TYR A 252 -11.71 20.99 4.86
C TYR A 252 -10.50 20.38 4.14
N LEU A 253 -9.58 21.19 3.68
CA LEU A 253 -8.46 20.65 2.95
C LEU A 253 -7.45 19.98 3.88
N ALA A 254 -7.03 20.69 4.88
CA ALA A 254 -6.07 20.14 5.83
C ALA A 254 -6.51 18.77 6.35
N ASN A 255 -7.77 18.68 6.76
CA ASN A 255 -8.35 17.39 7.13
C ASN A 255 -8.39 16.33 6.00
N ASP A 256 -8.62 16.76 4.75
CA ASP A 256 -8.53 15.82 3.62
C ASP A 256 -7.15 15.17 3.55
N VAL A 257 -6.09 15.98 3.41
CA VAL A 257 -4.75 15.43 3.22
C VAL A 257 -4.24 14.71 4.47
N THR A 258 -4.36 15.35 5.62
CA THR A 258 -4.03 14.72 6.90
C THR A 258 -4.64 13.32 7.02
N THR A 259 -5.90 13.17 6.62
CA THR A 259 -6.55 11.87 6.69
C THR A 259 -5.92 10.88 5.71
N PHE A 260 -5.68 11.34 4.49
CA PHE A 260 -5.01 10.53 3.46
C PHE A 260 -3.62 10.05 3.93
N LEU A 261 -2.79 11.01 4.36
CA LEU A 261 -1.43 10.73 4.80
C LEU A 261 -1.34 9.77 5.99
N ASP A 262 -2.09 10.02 7.06
CA ASP A 262 -2.24 9.09 8.19
C ASP A 262 -2.59 7.65 7.79
N ALA A 263 -3.26 7.47 6.66
CA ALA A 263 -3.52 6.12 6.17
C ALA A 263 -2.20 5.46 5.74
N HIS A 264 -1.24 6.29 5.34
CA HIS A 264 0.07 5.82 4.93
C HIS A 264 1.10 6.06 6.02
N ARG A 265 0.62 6.50 7.19
CA ARG A 265 1.43 6.87 8.32
C ARG A 265 2.54 7.86 7.95
N LEU A 266 2.17 8.83 7.12
CA LEU A 266 3.06 9.89 6.69
C LEU A 266 2.65 11.20 7.32
N THR A 267 3.56 12.16 7.28
CA THR A 267 3.26 13.53 7.65
C THR A 267 3.45 14.41 6.42
N LYS A 268 2.90 15.61 6.44
CA LYS A 268 3.12 16.54 5.34
C LYS A 268 4.62 16.72 5.09
N ASP A 269 5.43 16.52 6.12
CA ASP A 269 6.86 16.73 5.99
C ASP A 269 7.55 15.62 5.20
N ASP A 270 6.91 14.47 5.07
CA ASP A 270 7.45 13.37 4.27
C ASP A 270 7.28 13.58 2.76
N ILE A 271 6.32 14.40 2.36
CA ILE A 271 6.19 14.81 0.97
C ILE A 271 7.22 15.83 0.49
N GLY A 272 8.03 15.43 -0.44
CA GLY A 272 8.85 16.35 -1.22
C GLY A 272 8.73 16.11 -2.71
N ALA A 273 7.52 16.32 -3.22
CA ALA A 273 7.25 17.37 -4.15
C ALA A 273 5.74 17.46 -4.20
N TRP A 274 5.21 18.66 -4.01
CA TRP A 274 3.78 18.84 -4.04
C TRP A 274 3.33 19.16 -5.43
N VAL A 275 2.40 18.37 -5.93
CA VAL A 275 1.90 18.59 -7.27
C VAL A 275 0.50 19.20 -7.29
N SER A 276 0.40 20.47 -7.61
CA SER A 276 -0.81 21.21 -7.27
C SER A 276 -1.55 21.82 -8.46
N HIS A 277 -2.87 21.80 -8.42
CA HIS A 277 -3.63 22.45 -9.47
C HIS A 277 -3.67 23.97 -9.34
N PRO A 278 -3.35 24.68 -10.43
CA PRO A 278 -3.22 26.13 -10.41
C PRO A 278 -4.55 26.78 -10.76
N GLY A 279 -5.48 26.84 -9.81
CA GLY A 279 -6.71 27.55 -10.05
C GLY A 279 -6.57 29.01 -9.69
N GLY A 280 -5.49 29.65 -10.14
CA GLY A 280 -5.31 31.07 -9.91
C GLY A 280 -4.98 31.45 -8.47
N PRO A 281 -4.37 32.64 -8.30
CA PRO A 281 -3.68 33.12 -7.08
C PRO A 281 -4.38 32.90 -5.72
N LYS A 282 -5.64 33.34 -5.58
CA LYS A 282 -6.34 33.23 -4.30
C LYS A 282 -6.55 31.77 -3.82
N VAL A 283 -6.69 30.85 -4.76
CA VAL A 283 -6.89 29.45 -4.46
C VAL A 283 -5.57 28.79 -4.02
N ILE A 284 -4.48 29.25 -4.62
CA ILE A 284 -3.16 28.72 -4.37
C ILE A 284 -2.65 29.19 -3.02
N ASP A 285 -3.00 30.41 -2.63
CA ASP A 285 -2.68 30.89 -1.29
C ASP A 285 -3.40 30.03 -0.27
N ALA A 286 -4.70 29.86 -0.46
CA ALA A 286 -5.50 29.03 0.44
C ALA A 286 -4.89 27.65 0.66
N VAL A 287 -4.24 27.13 -0.38
CA VAL A 287 -3.61 25.81 -0.34
C VAL A 287 -2.28 25.84 0.42
N ALA A 288 -1.49 26.87 0.18
CA ALA A 288 -0.26 27.10 0.93
C ALA A 288 -0.58 27.35 2.41
N THR A 289 -1.67 28.09 2.65
CA THR A 289 -2.12 28.44 3.99
C THR A 289 -2.70 27.29 4.80
N SER A 290 -3.54 26.46 4.19
CA SER A 290 -4.23 25.43 4.95
C SER A 290 -3.35 24.20 5.22
N LEU A 291 -2.21 24.13 4.54
CA LEU A 291 -1.32 22.98 4.69
C LEU A 291 0.08 23.41 5.07
N ALA A 292 0.25 24.72 5.26
CA ALA A 292 1.53 25.31 5.66
C ALA A 292 2.74 24.87 4.84
N LEU A 293 2.67 25.06 3.53
CA LEU A 293 3.79 24.71 2.68
C LEU A 293 4.55 25.97 2.28
N PRO A 294 5.85 26.05 2.61
CA PRO A 294 6.64 27.21 2.21
C PRO A 294 6.58 27.46 0.70
N PRO A 295 6.88 28.69 0.27
CA PRO A 295 6.84 29.10 -1.14
C PRO A 295 7.64 28.16 -2.05
N GLU A 296 8.47 27.33 -1.45
CA GLU A 296 9.24 26.33 -2.18
C GLU A 296 8.35 25.20 -2.72
N ALA A 297 7.40 24.75 -1.91
CA ALA A 297 6.62 23.54 -2.18
C ALA A 297 5.65 23.68 -3.35
N LEU A 298 5.49 24.90 -3.84
CA LEU A 298 4.43 25.18 -4.78
C LEU A 298 4.91 25.94 -6.01
N GLU A 299 6.22 26.18 -6.07
CA GLU A 299 6.79 27.09 -7.06
C GLU A 299 6.57 26.68 -8.51
N LEU A 300 6.51 25.39 -8.77
CA LEU A 300 6.27 24.93 -10.11
C LEU A 300 4.87 25.23 -10.55
N THR A 301 3.90 25.22 -9.64
CA THR A 301 2.57 25.55 -10.08
C THR A 301 2.40 27.02 -10.35
N TRP A 302 2.90 27.81 -9.43
CA TRP A 302 2.93 29.26 -9.59
C TRP A 302 3.46 29.65 -10.96
N ARG A 303 4.60 29.07 -11.34
CA ARG A 303 5.19 29.39 -12.63
C ARG A 303 4.32 28.93 -13.80
N SER A 304 3.67 27.78 -13.63
CA SER A 304 2.79 27.25 -14.66
C SER A 304 1.59 28.17 -14.90
N LEU A 305 0.90 28.55 -13.84
CA LEU A 305 -0.19 29.53 -13.90
C LEU A 305 0.30 30.78 -14.63
N GLY A 306 1.61 31.04 -14.52
CA GLY A 306 2.21 32.21 -15.13
C GLY A 306 2.40 32.08 -16.63
N GLU A 307 3.13 31.04 -17.04
CA GLU A 307 3.50 30.85 -18.45
C GLU A 307 2.32 30.38 -19.33
N ILE A 308 1.46 29.54 -18.75
CA ILE A 308 0.55 28.69 -19.50
C ILE A 308 -0.92 28.97 -19.19
N GLY A 309 -1.21 29.52 -18.02
CA GLY A 309 -2.58 29.80 -17.62
C GLY A 309 -3.16 28.61 -16.90
N ASN A 310 -4.41 28.72 -16.48
CA ASN A 310 -5.14 27.60 -15.91
C ASN A 310 -5.78 26.78 -17.05
N LEU A 311 -5.28 25.60 -17.29
CA LEU A 311 -5.81 24.85 -18.42
C LEU A 311 -6.71 23.76 -17.95
N SER A 312 -7.52 24.07 -16.95
CA SER A 312 -8.48 23.15 -16.41
C SER A 312 -7.85 21.81 -16.06
N SER A 313 -8.44 20.71 -16.50
CA SER A 313 -7.98 19.43 -16.02
C SER A 313 -6.62 19.02 -16.53
N ALA A 314 -6.07 19.78 -17.46
CA ALA A 314 -4.74 19.53 -17.99
C ALA A 314 -3.52 20.15 -17.26
N SER A 315 -3.68 21.26 -16.57
CA SER A 315 -2.56 21.94 -15.91
C SER A 315 -1.76 21.04 -14.96
N ILE A 316 -2.47 20.18 -14.23
CA ILE A 316 -1.82 19.43 -13.17
C ILE A 316 -0.86 18.44 -13.78
N LEU A 317 -1.09 18.11 -15.06
CA LEU A 317 -0.24 17.17 -15.77
C LEU A 317 0.95 17.85 -16.42
N HIS A 318 0.79 19.13 -16.75
CA HIS A 318 1.92 19.97 -17.09
C HIS A 318 2.85 20.15 -15.90
N ILE A 319 2.28 20.31 -14.70
CA ILE A 319 3.08 20.50 -13.51
C ILE A 319 3.74 19.20 -13.06
N LEU A 320 3.01 18.09 -13.23
CA LEU A 320 3.56 16.77 -12.93
C LEU A 320 4.75 16.48 -13.84
N ARG A 321 4.69 16.96 -15.07
CA ARG A 321 5.80 16.83 -16.00
C ARG A 321 6.91 17.81 -15.63
N ASP A 322 6.56 19.03 -15.27
CA ASP A 322 7.53 20.03 -14.81
C ASP A 322 8.36 19.44 -13.65
N THR A 323 7.69 18.91 -12.65
CA THR A 323 8.36 18.47 -11.45
C THR A 323 9.24 17.24 -11.68
N ILE A 324 8.85 16.40 -12.63
CA ILE A 324 9.52 15.16 -12.94
C ILE A 324 10.82 15.40 -13.68
N GLU A 325 10.77 16.24 -14.67
CA GLU A 325 12.00 16.63 -15.30
C GLU A 325 12.94 17.30 -14.31
N LYS A 326 12.43 17.68 -13.15
CA LYS A 326 13.27 18.24 -12.10
C LYS A 326 13.78 17.07 -11.35
N ARG A 327 13.11 15.95 -11.53
CA ARG A 327 13.60 14.66 -11.14
C ARG A 327 13.96 14.63 -9.68
N PRO A 328 13.02 14.16 -8.88
CA PRO A 328 13.13 14.22 -7.44
C PRO A 328 14.02 13.12 -6.89
N PRO A 329 14.70 13.41 -5.80
CA PRO A 329 15.38 12.39 -5.03
C PRO A 329 14.69 11.09 -5.31
N SER A 330 15.43 10.01 -5.47
CA SER A 330 14.81 8.69 -5.54
C SER A 330 14.14 8.33 -4.25
N GLY A 331 12.99 7.67 -4.34
CA GLY A 331 12.33 7.08 -3.21
C GLY A 331 11.61 8.12 -2.39
N SER A 332 11.94 9.36 -2.60
CA SER A 332 11.22 10.41 -1.91
C SER A 332 9.81 10.26 -2.39
N ALA A 333 8.89 11.05 -1.87
CA ALA A 333 7.49 10.79 -2.13
C ALA A 333 6.75 12.06 -2.45
N GLY A 334 5.61 11.93 -3.11
CA GLY A 334 5.01 13.07 -3.79
C GLY A 334 3.50 13.10 -3.74
N LEU A 335 2.92 14.29 -3.71
CA LEU A 335 1.48 14.38 -3.61
C LEU A 335 0.85 15.24 -4.71
N MET A 336 -0.06 14.62 -5.44
CA MET A 336 -0.94 15.31 -6.36
C MET A 336 -2.17 15.77 -5.64
N LEU A 337 -2.57 17.00 -5.91
CA LEU A 337 -3.76 17.59 -5.29
C LEU A 337 -4.52 18.49 -6.23
N ALA A 338 -5.82 18.28 -6.29
CA ALA A 338 -6.63 18.88 -7.32
C ALA A 338 -7.97 19.16 -6.70
N MET A 339 -8.80 19.91 -7.39
CA MET A 339 -10.19 20.12 -6.96
C MET A 339 -11.04 20.56 -8.15
N GLY A 340 -12.22 19.97 -8.29
CA GLY A 340 -13.15 20.38 -9.31
C GLY A 340 -14.59 20.49 -8.82
N PRO A 341 -15.51 20.65 -9.78
CA PRO A 341 -16.95 20.48 -9.62
C PRO A 341 -17.28 19.30 -8.72
N GLY A 342 -18.32 19.44 -7.89
CA GLY A 342 -18.69 18.38 -6.97
C GLY A 342 -19.45 18.83 -5.73
N PHE A 343 -18.86 19.74 -4.94
CA PHE A 343 -17.48 20.17 -5.11
C PHE A 343 -16.56 19.08 -4.54
N CYS A 344 -15.40 18.86 -5.15
CA CYS A 344 -14.56 17.76 -4.69
C CYS A 344 -13.05 17.93 -4.77
N THR A 345 -12.38 16.96 -4.16
CA THR A 345 -10.95 16.99 -3.95
C THR A 345 -10.47 15.63 -4.35
N GLU A 346 -9.31 15.58 -5.01
CA GLU A 346 -8.66 14.30 -5.24
C GLU A 346 -7.22 14.43 -4.85
N LEU A 347 -6.74 13.44 -4.09
CA LEU A 347 -5.34 13.41 -3.71
C LEU A 347 -4.69 12.14 -4.25
N VAL A 348 -3.50 12.30 -4.85
CA VAL A 348 -2.76 11.19 -5.43
C VAL A 348 -1.36 11.11 -4.84
N LEU A 349 -1.08 10.02 -4.12
CA LEU A 349 0.27 9.79 -3.55
C LEU A 349 1.18 9.10 -4.57
N LEU A 350 2.27 9.78 -4.94
CA LEU A 350 3.27 9.29 -5.90
C LEU A 350 4.56 8.85 -5.21
N ARG A 351 5.34 7.99 -5.84
CA ARG A 351 6.68 7.67 -5.31
C ARG A 351 7.75 7.64 -6.37
N TRP A 352 8.62 8.65 -6.33
CA TRP A 352 9.54 8.90 -7.43
C TRP A 352 10.61 7.83 -7.63
N ARG A 353 11.08 7.72 -8.86
CA ARG A 353 11.92 6.61 -9.26
C ARG A 353 12.95 7.09 -10.24
N SER B 2 7.21 9.84 17.07
CA SER B 2 8.31 9.26 17.84
C SER B 2 9.17 10.36 18.47
N VAL B 3 9.13 10.45 19.79
CA VAL B 3 9.59 11.65 20.49
C VAL B 3 10.23 11.29 21.83
N ILE B 4 11.47 11.74 22.03
CA ILE B 4 12.35 11.13 23.01
C ILE B 4 12.24 11.82 24.37
N ALA B 5 11.66 11.11 25.33
CA ALA B 5 11.32 11.71 26.62
C ALA B 5 12.32 11.43 27.70
N GLY B 6 13.26 10.53 27.44
CA GLY B 6 14.23 10.16 28.44
C GLY B 6 15.41 9.36 27.93
N VAL B 7 16.61 9.81 28.27
CA VAL B 7 17.82 9.03 27.99
C VAL B 7 18.70 9.02 29.23
N PHE B 8 19.24 7.86 29.57
CA PHE B 8 19.99 7.77 30.82
C PHE B 8 21.13 6.80 30.67
N GLY B 9 22.23 7.13 31.33
CA GLY B 9 23.39 6.28 31.31
C GLY B 9 23.56 5.60 32.62
N ALA B 10 24.42 4.62 32.68
CA ALA B 10 24.66 3.92 33.93
C ALA B 10 25.90 3.15 33.73
N LEU B 11 26.61 2.87 34.81
CA LEU B 11 27.88 2.23 34.72
C LEU B 11 28.12 1.43 35.96
N PRO B 12 29.02 0.47 35.87
CA PRO B 12 29.51 -0.21 37.05
C PRO B 12 30.33 0.82 37.79
N PRO B 13 30.35 0.72 39.11
CA PRO B 13 30.97 1.72 39.99
C PRO B 13 32.51 1.69 39.93
N HIS B 14 33.09 0.60 39.42
CA HIS B 14 34.54 0.44 39.35
C HIS B 14 35.26 1.29 38.28
N ARG B 15 35.74 2.48 38.63
CA ARG B 15 36.45 3.33 37.65
C ARG B 15 37.95 3.08 37.64
N TYR B 16 38.52 2.87 36.47
CA TYR B 16 39.98 2.72 36.35
C TYR B 16 40.54 3.66 35.32
N SER B 17 41.78 4.11 35.51
CA SER B 17 42.42 4.93 34.49
C SER B 17 43.03 4.00 33.45
N GLN B 18 43.20 4.50 32.23
CA GLN B 18 43.76 3.66 31.19
C GLN B 18 45.13 3.13 31.63
N SER B 19 45.85 3.90 32.44
CA SER B 19 47.22 3.56 32.84
C SER B 19 47.32 2.48 33.91
N GLU B 20 46.35 2.45 34.83
CA GLU B 20 46.24 1.36 35.79
C GLU B 20 45.91 0.09 35.01
N ILE B 21 44.89 0.20 34.17
CA ILE B 21 44.44 -0.95 33.40
C ILE B 21 45.59 -1.57 32.60
N THR B 22 46.44 -0.72 31.99
CA THR B 22 47.51 -1.18 31.12
C THR B 22 48.63 -1.84 31.93
N ASP B 23 48.94 -1.25 33.06
CA ASP B 23 49.98 -1.76 33.94
C ASP B 23 49.61 -3.14 34.45
N SER B 24 48.41 -3.30 34.96
CA SER B 24 48.03 -4.62 35.41
C SER B 24 48.06 -5.55 34.23
N PHE B 25 47.29 -5.20 33.21
CA PHE B 25 47.07 -6.10 32.09
C PHE B 25 48.35 -6.76 31.57
N VAL B 26 49.43 -5.99 31.45
CA VAL B 26 50.68 -6.51 30.90
C VAL B 26 51.29 -7.56 31.82
N GLU B 27 50.81 -7.63 33.07
CA GLU B 27 51.36 -8.60 34.03
C GLU B 27 50.44 -9.81 34.19
N PHE B 28 49.35 -9.84 33.43
CA PHE B 28 48.41 -10.95 33.49
C PHE B 28 49.08 -12.14 32.82
N PRO B 29 48.98 -13.29 33.45
CA PRO B 29 49.49 -14.54 32.90
C PRO B 29 49.47 -14.59 31.39
N GLY B 30 50.52 -15.19 30.85
CA GLY B 30 50.64 -15.48 29.44
C GLY B 30 50.59 -14.26 28.60
N LEU B 31 51.10 -13.16 29.12
CA LEU B 31 50.85 -11.88 28.54
C LEU B 31 51.97 -10.84 28.64
N LYS B 32 53.01 -11.12 29.40
CA LYS B 32 54.06 -10.15 29.57
C LYS B 32 54.91 -10.08 28.32
N GLU B 33 54.86 -11.15 27.55
CA GLU B 33 55.59 -11.25 26.33
C GLU B 33 55.22 -10.18 25.34
N HIS B 34 54.06 -9.57 25.51
CA HIS B 34 53.59 -8.55 24.60
C HIS B 34 53.54 -7.15 25.14
N GLU B 35 54.21 -6.90 26.25
CA GLU B 35 54.21 -5.59 26.82
C GLU B 35 54.16 -4.46 25.80
N GLU B 36 54.96 -4.55 24.76
CA GLU B 36 55.18 -3.39 23.94
C GLU B 36 54.01 -3.08 23.00
N ILE B 37 53.29 -4.14 22.60
CA ILE B 37 52.15 -3.99 21.74
C ILE B 37 50.96 -3.54 22.56
N ILE B 38 50.76 -4.14 23.69
CA ILE B 38 49.82 -3.62 24.66
C ILE B 38 50.03 -2.14 24.99
N ARG B 39 51.13 -1.79 25.62
CA ARG B 39 51.41 -0.41 25.86
C ARG B 39 50.92 0.45 24.71
N ARG B 40 51.44 0.18 23.54
CA ARG B 40 51.25 1.00 22.36
C ARG B 40 49.81 1.13 21.90
N LEU B 41 49.15 -0.02 21.81
CA LEU B 41 47.77 -0.04 21.38
C LEU B 41 46.88 0.78 22.32
N HIS B 42 47.25 0.69 23.58
CA HIS B 42 46.44 1.17 24.66
C HIS B 42 46.66 2.66 24.79
N ALA B 43 47.86 3.10 24.45
CA ALA B 43 48.14 4.53 24.36
C ALA B 43 47.46 5.12 23.10
N ALA B 44 47.42 4.31 22.03
CA ALA B 44 47.03 4.78 20.72
C ALA B 44 45.55 5.12 20.65
N ALA B 45 44.83 4.80 21.73
CA ALA B 45 43.36 4.73 21.75
C ALA B 45 42.65 5.98 22.18
N LYS B 46 43.32 6.82 22.99
CA LYS B 46 42.71 8.05 23.48
C LYS B 46 41.56 7.74 24.43
N VAL B 47 41.70 6.64 25.16
CA VAL B 47 40.80 6.29 26.25
C VAL B 47 41.60 6.49 27.53
N ASN B 48 41.07 7.29 28.44
CA ASN B 48 41.78 7.66 29.67
C ASN B 48 41.28 6.98 30.92
N GLY B 49 40.16 6.26 30.79
CA GLY B 49 39.46 5.71 31.93
C GLY B 49 38.39 4.76 31.44
N ARG B 50 38.07 3.75 32.23
CA ARG B 50 37.06 2.77 31.87
C ARG B 50 36.49 2.16 33.12
N HIS B 51 35.21 1.81 33.06
CA HIS B 51 34.52 1.14 34.15
C HIS B 51 34.46 -0.32 33.78
N LEU B 52 34.80 -1.16 34.74
CA LEU B 52 34.80 -2.60 34.55
C LEU B 52 33.82 -3.23 35.53
N VAL B 53 33.19 -4.30 35.09
CA VAL B 53 32.22 -4.94 35.92
C VAL B 53 32.85 -5.65 37.11
N LEU B 54 34.00 -6.27 36.93
CA LEU B 54 34.69 -6.87 38.06
C LEU B 54 35.82 -5.98 38.55
N PRO B 55 36.39 -6.31 39.73
CA PRO B 55 37.70 -5.74 40.03
C PRO B 55 38.71 -6.15 38.95
N LEU B 56 39.63 -5.23 38.66
CA LEU B 56 40.65 -5.34 37.63
C LEU B 56 41.55 -6.54 37.83
N GLN B 57 41.83 -6.89 39.08
CA GLN B 57 42.76 -8.01 39.36
C GLN B 57 41.99 -9.35 39.42
N GLN B 58 40.71 -9.34 39.08
CA GLN B 58 39.96 -10.61 39.07
C GLN B 58 39.91 -11.28 37.68
N TYR B 59 40.28 -10.55 36.64
CA TYR B 59 40.11 -11.08 35.29
C TYR B 59 41.02 -12.28 34.91
N PRO B 60 42.27 -12.32 35.42
CA PRO B 60 43.04 -13.54 35.15
C PRO B 60 42.30 -14.79 35.58
N SER B 61 41.42 -14.68 36.57
CA SER B 61 40.74 -15.85 37.13
C SER B 61 39.63 -16.32 36.19
N LEU B 62 38.99 -15.36 35.52
CA LEU B 62 37.94 -15.64 34.55
C LEU B 62 38.52 -16.30 33.29
N THR B 63 38.35 -17.60 33.15
CA THR B 63 38.92 -18.30 32.01
C THR B 63 37.85 -19.25 31.51
N ASP B 64 36.81 -19.40 32.32
CA ASP B 64 35.67 -20.24 31.98
C ASP B 64 34.53 -19.42 31.33
N PHE B 65 34.28 -19.63 30.05
CA PHE B 65 33.19 -18.92 29.36
C PHE B 65 31.93 -18.91 30.19
N GLY B 66 31.47 -20.10 30.60
CA GLY B 66 30.27 -20.23 31.42
C GLY B 66 30.29 -19.49 32.75
N ASP B 67 31.41 -19.54 33.45
CA ASP B 67 31.58 -18.70 34.65
C ASP B 67 31.27 -17.28 34.26
N ALA B 68 31.77 -16.86 33.09
CA ALA B 68 31.67 -15.47 32.66
C ALA B 68 30.28 -15.07 32.18
N ASN B 69 29.61 -15.98 31.50
CA ASN B 69 28.28 -15.70 30.97
C ASN B 69 27.24 -15.67 32.11
N GLU B 70 27.55 -16.39 33.17
CA GLU B 70 26.72 -16.40 34.37
C GLU B 70 26.90 -15.02 35.02
N ILE B 71 28.16 -14.69 35.29
CA ILE B 71 28.43 -13.36 35.79
C ILE B 71 27.70 -12.33 34.89
N PHE B 72 27.78 -12.50 33.56
CA PHE B 72 27.11 -11.59 32.65
C PHE B 72 25.63 -11.42 32.97
N ILE B 73 24.89 -12.54 32.99
CA ILE B 73 23.47 -12.46 33.26
C ILE B 73 23.10 -11.76 34.55
N GLU B 74 23.71 -12.17 35.67
CA GLU B 74 23.44 -11.52 36.96
C GLU B 74 23.74 -10.02 36.89
N LYS B 75 24.90 -9.66 36.33
CA LYS B 75 25.35 -8.26 36.30
C LYS B 75 24.55 -7.39 35.31
N ALA B 76 24.17 -7.95 34.19
CA ALA B 76 23.58 -7.16 33.14
C ALA B 76 22.22 -6.60 33.60
N VAL B 77 21.35 -7.44 34.02
CA VAL B 77 20.06 -6.97 34.52
C VAL B 77 20.23 -5.95 35.63
N ASP B 78 20.97 -6.23 36.65
CA ASP B 78 21.30 -5.18 37.62
C ASP B 78 21.40 -3.82 36.93
N LEU B 79 22.28 -3.75 35.97
CA LEU B 79 22.86 -2.51 35.54
C LEU B 79 21.91 -1.98 34.50
N GLY B 80 20.97 -2.82 34.09
CA GLY B 80 20.05 -2.47 33.05
C GLY B 80 18.75 -2.04 33.67
N VAL B 81 18.36 -2.70 34.73
CA VAL B 81 17.43 -2.14 35.68
C VAL B 81 17.82 -0.73 36.01
N GLU B 82 18.93 -0.56 36.68
CA GLU B 82 19.50 0.78 36.87
C GLU B 82 19.35 1.76 35.72
N ALA B 83 19.80 1.41 34.53
CA ALA B 83 19.61 2.20 33.30
C ALA B 83 18.16 2.62 33.07
N LEU B 84 17.27 1.65 32.99
CA LEU B 84 15.87 1.84 32.64
C LEU B 84 15.16 2.77 33.63
N LEU B 85 15.27 2.43 34.86
CA LEU B 85 14.72 3.26 35.92
C LEU B 85 15.04 4.73 35.71
N GLY B 86 16.34 5.02 35.58
CA GLY B 86 16.81 6.38 35.56
C GLY B 86 16.14 7.12 34.41
N ALA B 87 16.03 6.43 33.27
CA ALA B 87 15.55 7.02 32.03
C ALA B 87 14.05 7.27 32.10
N LEU B 88 13.35 6.29 32.66
CA LEU B 88 11.95 6.40 32.99
C LEU B 88 11.70 7.63 33.87
N ASP B 89 12.27 7.64 35.07
CA ASP B 89 12.16 8.77 35.99
C ASP B 89 12.45 10.06 35.26
N ASP B 90 13.48 10.05 34.44
CA ASP B 90 13.88 11.23 33.67
C ASP B 90 12.75 11.73 32.80
N ALA B 91 11.90 10.80 32.38
CA ALA B 91 10.79 11.08 31.51
C ALA B 91 9.57 11.47 32.31
N ASN B 92 9.59 11.17 33.60
CA ASN B 92 8.45 11.34 34.48
C ASN B 92 7.35 10.32 34.31
N LEU B 93 7.71 9.06 34.14
CA LEU B 93 6.74 7.98 34.01
C LEU B 93 7.13 6.80 34.87
N ARG B 94 6.54 5.64 34.62
CA ARG B 94 6.60 4.51 35.53
C ARG B 94 6.66 3.21 34.79
N PRO B 95 7.38 2.24 35.32
CA PRO B 95 7.40 0.89 34.76
C PRO B 95 6.10 0.47 34.06
N SER B 96 4.97 0.59 34.74
CA SER B 96 3.70 0.13 34.16
C SER B 96 3.22 0.91 32.93
N ASP B 97 3.90 2.01 32.60
CA ASP B 97 3.55 2.80 31.41
C ASP B 97 4.04 2.12 30.11
N ILE B 98 5.11 1.35 30.21
CA ILE B 98 5.82 0.87 29.04
C ILE B 98 5.00 -0.13 28.23
N ASP B 99 5.00 0.06 26.91
CA ASP B 99 4.20 -0.77 26.00
C ASP B 99 5.01 -1.87 25.31
N MET B 100 6.19 -1.53 24.81
CA MET B 100 7.14 -2.55 24.37
C MET B 100 8.52 -2.25 24.94
N ILE B 101 9.27 -3.32 25.24
CA ILE B 101 10.65 -3.18 25.69
C ILE B 101 11.60 -3.87 24.72
N ALA B 102 12.53 -3.09 24.16
CA ALA B 102 13.58 -3.66 23.29
C ALA B 102 14.94 -3.63 23.99
N THR B 103 15.72 -4.68 23.78
CA THR B 103 16.99 -4.87 24.51
C THR B 103 18.14 -5.18 23.56
N ALA B 104 19.21 -4.39 23.65
CA ALA B 104 20.40 -4.64 22.86
C ALA B 104 21.52 -5.25 23.74
N THR B 105 22.29 -6.16 23.16
CA THR B 105 23.50 -6.66 23.82
C THR B 105 24.18 -7.63 22.90
N VAL B 106 25.46 -7.80 23.08
CA VAL B 106 26.21 -8.56 22.12
C VAL B 106 27.35 -9.25 22.86
N THR B 107 27.35 -9.12 24.19
CA THR B 107 28.48 -9.53 25.02
C THR B 107 28.17 -10.70 25.93
N GLY B 108 26.90 -11.02 26.08
CA GLY B 108 26.51 -12.26 26.73
C GLY B 108 25.49 -13.03 25.92
N VAL B 109 25.15 -14.25 26.33
CA VAL B 109 24.00 -14.92 25.72
C VAL B 109 23.07 -15.41 26.81
N ALA B 110 21.84 -14.93 26.72
CA ALA B 110 20.85 -15.08 27.77
C ALA B 110 19.58 -15.60 27.16
N VAL B 111 19.12 -16.74 27.64
CA VAL B 111 17.77 -17.23 27.33
C VAL B 111 17.25 -17.94 28.58
N PRO B 112 16.12 -17.44 29.13
CA PRO B 112 15.36 -16.26 28.68
C PRO B 112 16.18 -14.96 28.64
N SER B 113 15.77 -14.03 27.80
CA SER B 113 16.61 -12.91 27.40
C SER B 113 16.75 -11.86 28.50
N LEU B 114 17.47 -10.79 28.20
CA LEU B 114 17.58 -9.67 29.14
C LEU B 114 16.24 -8.99 29.37
N ASP B 115 15.48 -8.73 28.29
CA ASP B 115 14.25 -7.96 28.47
C ASP B 115 13.20 -8.72 29.29
N ALA B 116 13.24 -10.04 29.24
CA ALA B 116 12.32 -10.85 30.02
C ALA B 116 12.71 -10.74 31.48
N ARG B 117 13.97 -10.35 31.70
CA ARG B 117 14.51 -10.28 33.05
C ARG B 117 14.31 -8.91 33.65
N ILE B 118 14.58 -7.89 32.83
CA ILE B 118 14.34 -6.52 33.24
C ILE B 118 12.85 -6.31 33.50
N ALA B 119 12.02 -6.90 32.65
CA ALA B 119 10.57 -6.81 32.79
C ALA B 119 10.14 -7.39 34.12
N GLY B 120 10.86 -8.41 34.56
CA GLY B 120 10.53 -9.06 35.79
C GLY B 120 10.79 -8.14 36.96
N ARG B 121 11.91 -7.43 36.86
CA ARG B 121 12.52 -6.75 38.00
C ARG B 121 11.92 -5.38 38.27
N LEU B 122 11.30 -4.82 37.24
CA LEU B 122 10.78 -3.46 37.33
C LEU B 122 9.27 -3.45 37.43
N GLY B 123 8.65 -4.58 37.12
CA GLY B 123 7.21 -4.68 37.20
C GLY B 123 6.50 -4.16 35.97
N LEU B 124 7.08 -4.37 34.80
CA LEU B 124 6.36 -4.12 33.56
C LEU B 124 5.12 -5.03 33.48
N ARG B 125 4.03 -4.51 32.92
CA ARG B 125 2.82 -5.30 32.72
C ARG B 125 3.14 -6.57 31.95
N PRO B 126 2.49 -7.67 32.31
CA PRO B 126 2.75 -8.92 31.57
C PRO B 126 2.55 -8.81 30.06
N ASP B 127 1.73 -7.88 29.61
CA ASP B 127 1.32 -7.82 28.21
C ASP B 127 2.32 -7.15 27.28
N VAL B 128 3.40 -6.67 27.85
CA VAL B 128 4.22 -5.68 27.22
C VAL B 128 5.14 -6.38 26.26
N ARG B 129 5.31 -5.78 25.10
CA ARG B 129 6.00 -6.36 23.95
C ARG B 129 7.52 -6.46 24.10
N ARG B 130 8.07 -7.62 23.80
CA ARG B 130 9.52 -7.87 23.99
C ARG B 130 10.27 -8.01 22.69
N MET B 131 11.20 -7.09 22.47
CA MET B 131 12.06 -7.12 21.28
C MET B 131 13.53 -7.38 21.67
N PRO B 132 13.94 -8.67 21.80
CA PRO B 132 15.32 -8.97 22.20
C PRO B 132 16.34 -8.95 21.05
N LEU B 133 17.06 -7.84 20.88
CA LEU B 133 18.00 -7.70 19.77
C LEU B 133 19.42 -8.12 20.15
N PHE B 134 19.91 -9.19 19.54
CA PHE B 134 21.30 -9.61 19.73
C PHE B 134 21.91 -9.89 18.36
N GLY B 135 22.88 -9.10 17.98
CA GLY B 135 23.78 -9.47 16.91
C GLY B 135 24.00 -8.28 16.02
N LEU B 136 23.38 -7.19 16.39
CA LEU B 136 23.50 -6.01 15.61
C LEU B 136 24.83 -5.40 16.05
N GLY B 137 25.15 -5.56 17.33
CA GLY B 137 26.38 -5.04 17.86
C GLY B 137 26.45 -3.55 17.83
N CYS B 138 27.64 -3.01 17.71
CA CYS B 138 27.86 -1.60 18.02
C CYS B 138 26.78 -0.68 17.41
N VAL B 139 26.09 -1.16 16.38
CA VAL B 139 25.12 -0.34 15.66
C VAL B 139 23.76 -0.41 16.36
N ALA B 140 23.68 -1.21 17.43
CA ALA B 140 22.39 -1.44 18.06
C ALA B 140 21.89 -0.24 18.87
N GLY B 141 22.78 0.71 19.15
CA GLY B 141 22.40 1.95 19.83
C GLY B 141 21.50 2.79 18.95
N ALA B 142 21.93 2.98 17.70
CA ALA B 142 21.15 3.69 16.69
C ALA B 142 20.04 2.81 16.09
N ALA B 143 20.38 1.58 15.71
CA ALA B 143 19.35 0.68 15.19
C ALA B 143 18.18 0.55 16.17
N GLY B 144 18.49 0.51 17.46
CA GLY B 144 17.48 0.39 18.50
C GLY B 144 16.59 1.62 18.54
N VAL B 145 17.22 2.77 18.42
CA VAL B 145 16.49 4.01 18.34
C VAL B 145 15.59 3.99 17.11
N ALA B 146 16.11 3.53 15.98
CA ALA B 146 15.29 3.37 14.79
C ALA B 146 14.15 2.36 14.97
N ARG B 147 14.43 1.24 15.64
CA ARG B 147 13.38 0.23 15.86
C ARG B 147 12.23 0.73 16.78
N LEU B 148 12.52 1.71 17.63
CA LEU B 148 11.51 2.36 18.44
C LEU B 148 10.55 3.17 17.54
N ARG B 149 11.10 4.06 16.73
CA ARG B 149 10.28 4.88 15.83
C ARG B 149 9.29 4.03 15.05
N ASP B 150 9.79 2.93 14.49
CA ASP B 150 8.98 2.02 13.71
C ASP B 150 7.82 1.46 14.51
N TYR B 151 8.02 1.23 15.79
CA TYR B 151 6.94 0.75 16.64
C TYR B 151 5.91 1.85 16.91
N LEU B 152 6.39 2.98 17.44
CA LEU B 152 5.57 4.10 17.83
C LEU B 152 4.90 4.78 16.62
N ARG B 153 5.53 4.64 15.46
CA ARG B 153 5.00 5.21 14.24
C ARG B 153 3.64 4.60 13.95
N GLY B 154 3.40 3.41 14.49
CA GLY B 154 2.12 2.73 14.28
C GLY B 154 1.34 2.51 15.58
N ALA B 155 1.86 3.11 16.66
CA ALA B 155 1.26 3.07 17.97
C ALA B 155 1.43 4.45 18.61
N PRO B 156 0.65 5.43 18.14
CA PRO B 156 0.93 6.82 18.51
C PRO B 156 0.56 7.13 19.95
N ASP B 157 -0.20 6.26 20.62
CA ASP B 157 -0.47 6.48 22.03
C ASP B 157 0.45 5.64 22.94
N ASP B 158 1.57 5.18 22.39
CA ASP B 158 2.42 4.22 23.11
C ASP B 158 3.76 4.72 23.65
N VAL B 159 4.34 3.91 24.53
CA VAL B 159 5.63 4.19 25.15
C VAL B 159 6.50 2.98 24.86
N ALA B 160 7.65 3.22 24.26
CA ALA B 160 8.59 2.15 23.92
C ALA B 160 9.96 2.53 24.48
N VAL B 161 10.64 1.54 25.07
CA VAL B 161 11.99 1.71 25.62
C VAL B 161 13.07 0.78 25.02
N LEU B 162 14.25 1.35 24.78
CA LEU B 162 15.46 0.59 24.44
C LEU B 162 16.40 0.52 25.64
N VAL B 163 16.84 -0.69 25.95
CA VAL B 163 17.82 -0.91 27.01
C VAL B 163 19.03 -1.57 26.38
N SER B 164 20.10 -0.81 26.21
CA SER B 164 21.38 -1.36 25.75
C SER B 164 22.26 -1.78 26.95
N VAL B 165 22.87 -2.96 26.87
CA VAL B 165 23.75 -3.46 27.95
C VAL B 165 25.01 -4.12 27.42
N GLU B 166 26.15 -3.45 27.56
CA GLU B 166 27.37 -4.07 27.10
C GLU B 166 28.46 -4.18 28.16
N LEU B 167 28.85 -5.42 28.45
CA LEU B 167 29.86 -5.71 29.46
C LEU B 167 30.94 -6.47 28.74
N CYS B 168 31.83 -5.74 28.05
CA CYS B 168 32.75 -6.36 27.11
C CYS B 168 33.88 -7.11 27.85
N SER B 169 34.01 -6.77 29.12
CA SER B 169 35.15 -7.25 29.85
C SER B 169 34.91 -8.70 30.27
N LEU B 170 33.65 -9.05 30.49
CA LEU B 170 33.23 -10.46 30.66
C LEU B 170 33.50 -11.38 29.46
N THR B 171 34.01 -10.86 28.36
CA THR B 171 34.32 -11.75 27.26
C THR B 171 35.76 -12.25 27.38
N TYR B 172 36.41 -11.92 28.49
CA TYR B 172 37.84 -12.21 28.71
C TYR B 172 38.29 -13.66 28.49
N PRO B 173 37.46 -14.64 28.87
CA PRO B 173 37.85 -16.03 28.59
C PRO B 173 38.36 -16.23 27.18
N ALA B 174 37.80 -15.49 26.23
CA ALA B 174 38.18 -15.61 24.83
C ALA B 174 39.40 -14.78 24.44
N VAL B 175 39.84 -13.87 25.31
CA VAL B 175 40.94 -12.95 24.96
C VAL B 175 42.31 -13.65 25.09
N LYS B 176 43.00 -13.82 23.96
CA LYS B 176 44.40 -14.29 23.97
C LYS B 176 45.31 -13.22 23.31
N PRO B 177 46.64 -13.34 23.50
CA PRO B 177 47.59 -12.33 23.00
C PRO B 177 47.71 -12.23 21.49
N THR B 178 46.68 -11.68 20.85
CA THR B 178 46.53 -11.67 19.39
C THR B 178 46.22 -10.24 18.98
N VAL B 179 46.84 -9.77 17.91
CA VAL B 179 46.79 -8.35 17.57
C VAL B 179 45.37 -7.79 17.62
N SER B 180 44.43 -8.62 17.22
CA SER B 180 43.03 -8.23 17.16
C SER B 180 42.34 -7.99 18.52
N SER B 181 42.66 -8.83 19.51
CA SER B 181 41.97 -8.80 20.79
C SER B 181 42.62 -7.76 21.66
N LEU B 182 43.91 -7.57 21.43
CA LEU B 182 44.62 -6.52 22.12
C LEU B 182 43.97 -5.20 21.74
N VAL B 183 43.62 -5.04 20.46
CA VAL B 183 42.86 -3.87 20.04
C VAL B 183 41.64 -3.74 20.95
N GLY B 184 40.86 -4.82 21.04
CA GLY B 184 39.66 -4.82 21.86
C GLY B 184 39.92 -4.46 23.31
N THR B 185 40.93 -5.09 23.86
CA THR B 185 41.45 -4.84 25.21
C THR B 185 41.80 -3.37 25.49
N ALA B 186 42.10 -2.61 24.46
CA ALA B 186 42.41 -1.21 24.61
C ALA B 186 41.20 -0.27 24.57
N LEU B 187 40.11 -0.72 24.03
CA LEU B 187 38.98 0.15 23.77
C LEU B 187 37.76 -0.12 24.59
N PHE B 188 37.34 -1.39 24.69
CA PHE B 188 36.04 -1.71 25.26
C PHE B 188 35.93 -1.62 26.74
N GLY B 189 34.94 -0.85 27.16
CA GLY B 189 34.51 -0.75 28.55
C GLY B 189 33.21 -1.49 28.86
N ASP B 190 32.68 -1.27 30.05
CA ASP B 190 31.45 -1.93 30.50
C ASP B 190 30.44 -0.81 30.77
N GLY B 191 29.15 -1.09 30.62
CA GLY B 191 28.14 -0.08 30.90
C GLY B 191 26.78 -0.35 30.28
N ALA B 192 25.82 0.47 30.69
CA ALA B 192 24.45 0.36 30.21
C ALA B 192 23.90 1.72 29.87
N ALA B 193 22.91 1.72 28.99
CA ALA B 193 22.13 2.91 28.76
C ALA B 193 20.76 2.48 28.28
N ALA B 194 19.77 3.35 28.49
CA ALA B 194 18.40 3.07 28.11
C ALA B 194 17.79 4.36 27.61
N VAL B 195 17.03 4.27 26.51
CA VAL B 195 16.22 5.39 25.99
C VAL B 195 14.74 5.12 26.15
N VAL B 196 14.00 6.14 26.56
CA VAL B 196 12.57 6.06 26.71
C VAL B 196 11.85 6.92 25.64
N ALA B 197 11.16 6.29 24.71
CA ALA B 197 10.54 7.07 23.66
C ALA B 197 9.04 7.01 23.64
N VAL B 198 8.45 8.16 23.36
CA VAL B 198 7.01 8.33 23.41
C VAL B 198 6.43 8.72 22.07
N GLY B 199 5.24 8.23 21.84
CA GLY B 199 4.53 8.44 20.60
C GLY B 199 3.88 9.79 20.47
N ASP B 200 3.57 10.16 19.24
CA ASP B 200 3.13 11.50 18.90
C ASP B 200 1.84 11.93 19.57
N ARG B 201 0.86 11.06 19.69
CA ARG B 201 -0.33 11.38 20.47
C ARG B 201 0.03 11.57 21.94
N ARG B 202 0.87 10.68 22.43
CA ARG B 202 1.27 10.67 23.82
C ARG B 202 2.20 11.80 24.20
N ALA B 203 2.90 12.34 23.23
CA ALA B 203 3.94 13.30 23.52
C ALA B 203 3.50 14.60 24.18
N GLU B 204 2.47 15.23 23.64
CA GLU B 204 2.02 16.51 24.15
C GLU B 204 1.53 16.32 25.56
N GLN B 205 0.80 15.24 25.75
CA GLN B 205 0.18 14.91 27.00
C GLN B 205 1.21 14.70 28.08
N VAL B 206 2.35 14.30 27.75
CA VAL B 206 3.28 13.84 28.76
C VAL B 206 4.50 14.71 28.76
N ARG B 207 4.43 15.79 27.98
CA ARG B 207 5.41 16.83 28.10
C ARG B 207 6.72 16.14 27.99
N ALA B 208 6.84 15.43 26.89
CA ALA B 208 8.10 14.81 26.52
C ALA B 208 9.02 15.83 25.85
N GLY B 209 9.75 16.59 26.68
CA GLY B 209 10.77 17.47 26.16
C GLY B 209 11.96 16.65 25.71
N GLY B 210 12.21 16.61 24.41
CA GLY B 210 13.29 15.79 23.90
C GLY B 210 13.13 15.53 22.42
N PRO B 211 14.21 15.08 21.76
CA PRO B 211 14.31 15.05 20.30
C PRO B 211 13.21 14.22 19.65
N ASP B 212 12.61 14.78 18.61
CA ASP B 212 11.71 14.05 17.73
C ASP B 212 12.54 13.03 16.96
N ILE B 213 12.04 11.83 16.79
CA ILE B 213 12.67 10.92 15.84
C ILE B 213 11.93 11.01 14.50
N LEU B 214 12.56 11.66 13.52
CA LEU B 214 11.95 11.79 12.20
C LEU B 214 12.03 10.49 11.42
N ASP B 215 13.23 10.14 10.96
CA ASP B 215 13.40 9.01 10.04
C ASP B 215 14.67 8.23 10.38
N SER B 216 14.95 7.19 9.60
CA SER B 216 16.19 6.43 9.76
C SER B 216 16.54 5.76 8.44
N ARG B 217 17.73 5.16 8.37
CA ARG B 217 18.15 4.43 7.18
C ARG B 217 19.32 3.46 7.42
N SER B 218 19.06 2.16 7.25
CA SER B 218 20.11 1.14 7.33
C SER B 218 20.96 1.15 6.07
N SER B 219 22.06 0.44 6.14
CA SER B 219 22.98 0.36 5.03
C SER B 219 23.88 -0.83 5.32
N LEU B 220 23.55 -1.95 4.70
CA LEU B 220 24.29 -3.18 4.87
C LEU B 220 25.19 -3.30 3.64
N TYR B 221 26.49 -3.50 3.88
CA TYR B 221 27.47 -3.53 2.78
C TYR B 221 27.69 -4.95 2.26
N PRO B 222 27.84 -5.11 0.95
CA PRO B 222 28.08 -6.46 0.44
C PRO B 222 29.50 -7.01 0.72
N ASP B 223 29.62 -8.34 0.79
CA ASP B 223 30.91 -9.01 1.01
C ASP B 223 31.68 -8.50 2.24
N SER B 224 30.96 -8.34 3.35
CA SER B 224 31.48 -7.59 4.50
C SER B 224 31.28 -8.30 5.84
N LEU B 225 30.86 -9.56 5.80
CA LEU B 225 30.66 -10.34 7.02
C LEU B 225 31.95 -10.45 7.86
N HIS B 226 33.11 -10.42 7.20
CA HIS B 226 34.36 -10.66 7.91
C HIS B 226 34.92 -9.41 8.60
N ILE B 227 34.35 -8.27 8.31
CA ILE B 227 34.93 -7.02 8.79
C ILE B 227 34.97 -6.96 10.31
N MET B 228 34.04 -7.65 10.94
CA MET B 228 33.76 -7.49 12.36
C MET B 228 32.70 -8.48 12.82
N GLY B 229 32.77 -8.91 14.08
CA GLY B 229 31.82 -9.86 14.63
C GLY B 229 32.44 -10.73 15.73
N TRP B 230 31.79 -11.84 16.06
CA TRP B 230 32.35 -12.80 17.00
C TRP B 230 32.67 -14.05 16.24
N ASP B 231 33.70 -14.74 16.71
CA ASP B 231 33.89 -16.14 16.43
C ASP B 231 33.61 -16.84 17.73
N VAL B 232 32.57 -17.67 17.73
CA VAL B 232 32.06 -18.26 18.94
C VAL B 232 32.63 -19.67 19.06
N GLY B 233 33.03 -20.03 20.27
CA GLY B 233 33.68 -21.31 20.52
C GLY B 233 33.39 -21.84 21.91
N SER B 234 34.14 -22.85 22.35
CA SER B 234 33.97 -23.31 23.72
C SER B 234 34.57 -22.26 24.66
N HIS B 235 35.38 -21.38 24.11
CA HIS B 235 36.08 -20.42 24.93
C HIS B 235 35.29 -19.15 25.12
N GLY B 236 34.16 -19.06 24.43
CA GLY B 236 33.31 -17.91 24.61
C GLY B 236 33.22 -17.13 23.33
N LEU B 237 33.37 -15.81 23.46
CA LEU B 237 33.07 -14.93 22.35
C LEU B 237 34.33 -14.18 21.93
N ARG B 238 34.82 -14.49 20.74
CA ARG B 238 36.11 -13.98 20.31
C ARG B 238 36.03 -12.94 19.16
N LEU B 239 36.47 -11.74 19.48
CA LEU B 239 36.48 -10.61 18.56
C LEU B 239 37.15 -10.91 17.23
N ARG B 240 36.49 -10.46 16.16
CA ARG B 240 37.07 -10.43 14.84
C ARG B 240 36.91 -9.02 14.38
N LEU B 241 37.93 -8.44 13.94
CA LEU B 241 37.98 -7.04 13.53
C LEU B 241 39.02 -6.82 12.45
N SER B 242 38.61 -6.40 11.31
CA SER B 242 39.51 -6.22 10.20
C SER B 242 40.07 -4.80 10.20
N PRO B 243 41.40 -4.69 10.15
CA PRO B 243 42.05 -3.38 10.01
C PRO B 243 41.44 -2.60 8.83
N ASP B 244 40.83 -3.32 7.90
CA ASP B 244 40.26 -2.70 6.71
C ASP B 244 38.91 -2.01 6.93
N LEU B 245 38.37 -2.09 8.14
CA LEU B 245 37.13 -1.39 8.45
C LEU B 245 37.19 0.05 7.92
N THR B 246 38.39 0.61 7.94
CA THR B 246 38.60 2.02 7.62
C THR B 246 38.38 2.37 6.15
N ASN B 247 38.95 1.56 5.24
CA ASN B 247 38.78 1.82 3.81
C ASN B 247 37.32 1.81 3.35
N LEU B 248 36.46 1.07 4.06
CA LEU B 248 35.01 1.02 3.77
C LEU B 248 34.30 2.35 4.06
N ILE B 249 34.46 2.85 5.26
CA ILE B 249 34.05 4.21 5.58
C ILE B 249 34.46 5.27 4.57
N GLU B 250 35.75 5.33 4.22
CA GLU B 250 36.30 6.39 3.39
C GLU B 250 35.80 6.29 1.99
N ARG B 251 34.74 5.53 1.80
CA ARG B 251 34.36 5.07 0.49
C ARG B 251 32.87 5.12 0.24
N TYR B 252 32.08 4.57 1.17
CA TYR B 252 30.64 4.57 1.03
C TYR B 252 29.82 5.29 2.11
N LEU B 253 30.47 6.00 3.01
CA LEU B 253 29.72 6.71 3.99
C LEU B 253 29.18 7.99 3.39
N ALA B 254 30.05 8.87 2.98
CA ALA B 254 29.65 10.12 2.37
C ALA B 254 28.43 9.93 1.51
N ASN B 255 28.60 9.15 0.47
CA ASN B 255 27.52 8.75 -0.39
C ASN B 255 26.32 8.38 0.46
N ASP B 256 26.50 7.55 1.47
CA ASP B 256 25.35 7.13 2.29
C ASP B 256 24.59 8.24 3.02
N VAL B 257 25.35 9.17 3.58
CA VAL B 257 24.84 10.35 4.27
C VAL B 257 24.15 11.29 3.29
N THR B 258 24.76 11.50 2.13
CA THR B 258 24.19 12.40 1.13
C THR B 258 22.81 11.94 0.70
N THR B 259 22.75 10.73 0.15
CA THR B 259 21.50 10.15 -0.31
C THR B 259 20.42 10.14 0.77
N PHE B 260 20.80 9.94 2.02
CA PHE B 260 19.82 9.92 3.10
C PHE B 260 19.36 11.33 3.46
N LEU B 261 20.30 12.27 3.41
CA LEU B 261 20.02 13.68 3.67
C LEU B 261 19.28 14.35 2.51
N ASP B 262 19.57 13.93 1.29
CA ASP B 262 18.91 14.48 0.11
C ASP B 262 17.39 14.25 0.16
N ALA B 263 16.98 13.22 0.89
CA ALA B 263 15.59 12.77 0.89
C ALA B 263 14.67 13.53 1.86
N HIS B 264 15.24 14.33 2.74
CA HIS B 264 14.46 15.21 3.60
C HIS B 264 14.88 16.66 3.32
N ARG B 265 15.46 16.88 2.14
CA ARG B 265 15.81 18.20 1.65
C ARG B 265 16.90 18.88 2.48
N LEU B 266 17.67 18.06 3.19
CA LEU B 266 18.72 18.57 4.06
C LEU B 266 20.10 18.39 3.46
N THR B 267 20.97 19.35 3.74
CA THR B 267 22.37 19.28 3.35
C THR B 267 23.20 19.01 4.62
N LYS B 268 24.51 18.91 4.49
CA LYS B 268 25.34 18.63 5.66
C LYS B 268 25.56 19.87 6.53
N ASP B 269 25.34 21.04 5.94
CA ASP B 269 25.35 22.28 6.69
C ASP B 269 24.18 22.31 7.66
N ASP B 270 23.04 21.81 7.20
CA ASP B 270 21.79 21.83 7.97
C ASP B 270 21.91 21.13 9.32
N ILE B 271 22.89 20.24 9.45
CA ILE B 271 23.09 19.48 10.68
C ILE B 271 23.90 20.25 11.71
N GLY B 272 23.34 20.40 12.90
CA GLY B 272 24.00 21.14 13.97
C GLY B 272 24.30 20.34 15.22
N ALA B 273 24.11 19.02 15.14
CA ALA B 273 24.41 18.14 16.27
C ALA B 273 24.74 16.73 15.81
N TRP B 274 26.03 16.48 15.55
CA TRP B 274 26.50 15.16 15.16
C TRP B 274 26.67 14.24 16.35
N VAL B 275 25.74 13.30 16.50
CA VAL B 275 25.83 12.27 17.52
C VAL B 275 26.40 11.01 16.88
N SER B 276 27.72 10.96 16.81
CA SER B 276 28.46 9.90 16.15
C SER B 276 28.94 8.81 17.13
N HIS B 277 28.99 7.57 16.66
CA HIS B 277 29.49 6.47 17.49
C HIS B 277 30.99 6.22 17.35
N PRO B 278 31.70 6.12 18.48
CA PRO B 278 33.16 5.93 18.56
C PRO B 278 33.69 4.84 17.61
N GLY B 279 34.34 3.85 18.19
CA GLY B 279 35.01 2.83 17.40
C GLY B 279 36.51 2.93 17.56
N GLY B 280 36.94 4.07 18.08
CA GLY B 280 38.36 4.34 18.22
C GLY B 280 38.75 5.53 17.37
N PRO B 281 39.97 6.04 17.58
CA PRO B 281 40.33 7.29 16.92
C PRO B 281 40.29 7.13 15.38
N LYS B 282 40.84 6.03 14.89
CA LYS B 282 40.95 5.78 13.46
C LYS B 282 39.60 5.91 12.78
N VAL B 283 38.60 5.22 13.33
CA VAL B 283 37.24 5.25 12.83
C VAL B 283 36.72 6.68 12.86
N ILE B 284 36.75 7.27 14.04
CA ILE B 284 36.37 8.68 14.21
C ILE B 284 37.11 9.64 13.25
N ASP B 285 38.36 9.35 12.92
CA ASP B 285 39.09 10.21 11.97
C ASP B 285 38.59 10.08 10.53
N ALA B 286 38.24 8.86 10.14
CA ALA B 286 37.71 8.63 8.80
C ALA B 286 36.34 9.29 8.62
N VAL B 287 35.46 9.12 9.60
CA VAL B 287 34.15 9.76 9.53
C VAL B 287 34.29 11.28 9.47
N ALA B 288 35.22 11.84 10.23
CA ALA B 288 35.42 13.29 10.23
C ALA B 288 35.89 13.78 8.86
N THR B 289 36.84 13.05 8.28
CA THR B 289 37.32 13.37 6.94
C THR B 289 36.22 13.19 5.90
N SER B 290 35.78 11.94 5.73
CA SER B 290 34.87 11.59 4.64
C SER B 290 33.64 12.51 4.54
N LEU B 291 33.10 12.92 5.70
CA LEU B 291 31.89 13.74 5.74
C LEU B 291 32.28 15.20 5.77
N ALA B 292 33.58 15.46 5.83
CA ALA B 292 34.08 16.82 5.83
C ALA B 292 33.42 17.66 6.94
N LEU B 293 33.73 17.29 8.16
CA LEU B 293 33.20 17.94 9.33
C LEU B 293 34.26 18.70 10.06
N PRO B 294 33.84 19.81 10.65
CA PRO B 294 34.67 20.62 11.53
C PRO B 294 35.04 19.85 12.79
N PRO B 295 36.13 20.35 13.51
CA PRO B 295 36.61 19.42 14.53
C PRO B 295 35.93 19.40 15.87
N GLU B 296 34.86 20.14 16.08
CA GLU B 296 34.08 19.99 17.32
C GLU B 296 32.69 19.46 16.99
N ALA B 297 32.46 19.18 15.74
CA ALA B 297 31.26 18.51 15.34
C ALA B 297 31.20 17.18 16.06
N LEU B 298 32.36 16.64 16.39
CA LEU B 298 32.43 15.32 17.00
C LEU B 298 32.86 15.37 18.46
N GLU B 299 33.40 16.50 18.87
CA GLU B 299 33.91 16.59 20.22
C GLU B 299 33.16 15.58 21.05
N LEU B 300 31.98 15.93 21.47
CA LEU B 300 31.27 15.08 22.40
C LEU B 300 31.45 13.58 22.17
N THR B 301 31.85 13.15 20.99
CA THR B 301 32.12 11.74 20.86
C THR B 301 33.56 11.42 21.22
N TRP B 302 34.46 12.36 20.95
CA TRP B 302 35.83 12.27 21.38
C TRP B 302 35.86 12.39 22.87
N ARG B 303 34.87 13.05 23.43
CA ARG B 303 34.88 13.28 24.86
C ARG B 303 34.30 12.12 25.64
N SER B 304 33.49 11.31 24.97
CA SER B 304 33.00 10.09 25.55
C SER B 304 34.05 8.99 25.45
N LEU B 305 34.75 8.93 24.31
CA LEU B 305 35.80 7.93 24.11
C LEU B 305 36.81 8.03 25.23
N GLY B 306 37.30 9.26 25.46
CA GLY B 306 38.26 9.57 26.51
C GLY B 306 37.84 9.21 27.93
N GLU B 307 36.61 9.55 28.30
CA GLU B 307 36.08 9.27 29.64
C GLU B 307 35.67 7.82 29.94
N ILE B 308 35.08 7.09 28.99
CA ILE B 308 34.58 5.74 29.31
C ILE B 308 34.88 4.63 28.29
N GLY B 309 35.62 4.96 27.24
CA GLY B 309 35.92 4.00 26.20
C GLY B 309 34.79 3.72 25.22
N ASN B 310 34.97 2.67 24.46
CA ASN B 310 33.96 2.13 23.59
C ASN B 310 33.05 1.22 24.37
N LEU B 311 31.82 1.67 24.58
CA LEU B 311 30.83 0.91 25.33
C LEU B 311 29.97 0.03 24.44
N SER B 312 30.34 -0.13 23.19
CA SER B 312 29.57 -0.91 22.22
C SER B 312 28.33 -0.11 21.83
N SER B 313 27.20 -0.78 21.75
CA SER B 313 25.92 -0.11 21.53
C SER B 313 25.51 0.93 22.57
N ALA B 314 25.99 0.83 23.78
CA ALA B 314 25.56 1.81 24.77
C ALA B 314 26.10 3.20 24.43
N SER B 315 27.32 3.25 23.94
CA SER B 315 28.07 4.51 23.79
C SER B 315 27.26 5.64 23.22
N ILE B 316 26.90 5.50 21.94
CA ILE B 316 26.09 6.48 21.21
C ILE B 316 24.97 7.08 22.05
N LEU B 317 24.29 6.22 22.81
CA LEU B 317 23.26 6.61 23.76
C LEU B 317 23.77 7.48 24.92
N HIS B 318 25.02 7.27 25.33
CA HIS B 318 25.70 8.13 26.32
C HIS B 318 26.01 9.50 25.73
N ILE B 319 26.51 9.48 24.50
CA ILE B 319 26.80 10.68 23.71
C ILE B 319 25.53 11.42 23.22
N LEU B 320 24.40 10.73 23.23
CA LEU B 320 23.14 11.36 22.84
C LEU B 320 22.60 12.06 24.08
N ARG B 321 23.01 11.57 25.25
CA ARG B 321 22.61 12.17 26.52
C ARG B 321 23.37 13.47 26.66
N ASP B 322 24.65 13.39 26.34
CA ASP B 322 25.55 14.52 26.43
C ASP B 322 25.13 15.60 25.44
N THR B 323 24.78 15.20 24.22
CA THR B 323 24.34 16.16 23.21
C THR B 323 23.04 16.80 23.63
N ILE B 324 22.14 15.99 24.20
CA ILE B 324 20.85 16.49 24.67
C ILE B 324 20.96 17.54 25.77
N GLU B 325 21.79 17.26 26.77
CA GLU B 325 22.09 18.18 27.85
C GLU B 325 22.80 19.38 27.28
N LYS B 326 23.12 19.31 26.00
CA LYS B 326 23.72 20.41 25.29
C LYS B 326 22.66 21.37 24.72
N ARG B 327 21.55 20.78 24.31
CA ARG B 327 20.37 21.51 23.87
C ARG B 327 20.68 22.40 22.69
N PRO B 328 20.99 21.69 21.52
CA PRO B 328 21.34 22.58 20.39
C PRO B 328 20.20 23.49 20.00
N PRO B 329 20.43 24.43 18.97
CA PRO B 329 19.28 25.31 18.70
C PRO B 329 17.99 24.57 18.47
N SER B 330 16.91 25.03 19.08
CA SER B 330 15.63 24.35 18.91
C SER B 330 15.23 24.25 17.46
N GLY B 331 14.39 23.28 17.19
CA GLY B 331 13.95 22.94 15.85
C GLY B 331 15.05 22.59 14.86
N SER B 332 16.30 22.58 15.33
CA SER B 332 17.41 22.24 14.45
C SER B 332 17.47 20.74 14.18
N ALA B 333 18.20 20.37 13.13
CA ALA B 333 18.37 18.97 12.77
C ALA B 333 19.61 18.37 13.44
N GLY B 334 19.56 17.07 13.67
CA GLY B 334 20.70 16.36 14.23
C GLY B 334 20.82 14.99 13.59
N LEU B 335 22.00 14.39 13.68
CA LEU B 335 22.21 13.07 13.07
C LEU B 335 22.96 12.06 13.95
N MET B 336 22.26 11.03 14.39
CA MET B 336 22.90 9.84 14.90
C MET B 336 23.61 9.17 13.73
N LEU B 337 24.70 8.48 14.03
CA LEU B 337 25.44 7.74 13.02
C LEU B 337 26.22 6.61 13.72
N ALA B 338 25.78 5.37 13.54
CA ALA B 338 26.40 4.22 14.18
C ALA B 338 26.79 3.20 13.15
N MET B 339 27.56 2.20 13.57
CA MET B 339 28.07 1.16 12.67
C MET B 339 28.48 -0.09 13.43
N GLY B 340 28.32 -1.25 12.80
CA GLY B 340 28.84 -2.48 13.39
C GLY B 340 28.69 -3.73 12.53
N PRO B 341 28.78 -4.87 13.18
CA PRO B 341 28.64 -6.14 12.48
C PRO B 341 27.67 -6.05 11.33
N GLY B 342 27.95 -6.72 10.24
CA GLY B 342 27.27 -6.40 9.01
C GLY B 342 28.07 -6.70 7.78
N PHE B 343 28.94 -5.78 7.39
CA PHE B 343 29.08 -4.45 7.97
C PHE B 343 27.99 -3.42 7.62
N CYS B 344 27.68 -2.56 8.57
CA CYS B 344 26.50 -1.70 8.57
C CYS B 344 26.88 -0.24 8.76
N THR B 345 26.09 0.64 8.27
CA THR B 345 25.88 1.87 9.01
C THR B 345 24.44 2.14 9.32
N GLU B 346 24.20 3.00 10.30
CA GLU B 346 22.85 3.40 10.58
C GLU B 346 22.79 4.89 10.65
N LEU B 347 21.83 5.48 9.96
CA LEU B 347 21.60 6.91 10.06
C LEU B 347 20.24 7.08 10.69
N VAL B 348 20.10 8.05 11.59
CA VAL B 348 18.82 8.34 12.21
C VAL B 348 18.60 9.84 12.33
N LEU B 349 17.55 10.37 11.70
CA LEU B 349 17.31 11.82 11.74
C LEU B 349 16.57 12.25 13.01
N LEU B 350 16.97 13.40 13.55
CA LEU B 350 16.39 13.91 14.77
C LEU B 350 16.13 15.41 14.68
N ARG B 351 15.16 15.90 15.43
CA ARG B 351 14.94 17.32 15.57
C ARG B 351 14.71 17.67 17.04
N TRP B 352 15.37 18.71 17.48
CA TRP B 352 15.48 19.06 18.88
C TRP B 352 14.42 20.01 19.42
N ARG B 353 14.53 20.28 20.71
CA ARG B 353 13.51 20.99 21.47
C ARG B 353 12.25 20.10 21.53
N MET C 1 -13.35 -10.03 -12.68
CA MET C 1 -13.95 -11.34 -12.70
C MET C 1 -14.94 -11.53 -11.56
N SER C 2 -15.92 -10.63 -11.47
CA SER C 2 -16.65 -10.46 -10.24
C SER C 2 -18.10 -10.41 -10.56
N VAL C 3 -18.92 -10.36 -9.53
CA VAL C 3 -20.26 -10.94 -9.53
C VAL C 3 -21.40 -9.97 -9.17
N ILE C 4 -22.30 -9.76 -10.13
CA ILE C 4 -23.45 -8.92 -9.90
C ILE C 4 -24.30 -9.40 -8.73
N ALA C 5 -24.75 -8.45 -7.92
CA ALA C 5 -25.54 -8.77 -6.73
C ALA C 5 -26.95 -8.16 -6.79
N GLY C 6 -27.14 -7.15 -7.63
CA GLY C 6 -28.45 -6.54 -7.76
C GLY C 6 -28.70 -5.78 -9.05
N VAL C 7 -29.89 -5.93 -9.59
CA VAL C 7 -30.28 -5.19 -10.78
C VAL C 7 -31.66 -4.55 -10.59
N PHE C 8 -31.82 -3.32 -11.00
CA PHE C 8 -33.09 -2.64 -10.80
C PHE C 8 -33.30 -1.62 -11.88
N GLY C 9 -34.55 -1.50 -12.32
CA GLY C 9 -34.91 -0.58 -13.37
C GLY C 9 -35.99 0.33 -12.86
N ALA C 10 -35.83 1.63 -13.07
CA ALA C 10 -36.91 2.54 -12.76
C ALA C 10 -37.37 3.30 -14.00
N LEU C 11 -38.57 3.88 -13.96
CA LEU C 11 -39.10 4.57 -15.12
C LEU C 11 -40.17 5.54 -14.73
N PRO C 12 -40.37 6.58 -15.50
CA PRO C 12 -41.30 7.63 -15.13
C PRO C 12 -42.66 7.02 -14.87
N PRO C 13 -43.43 7.54 -13.94
CA PRO C 13 -44.75 6.96 -13.65
C PRO C 13 -45.79 7.09 -14.79
N HIS C 14 -45.59 8.05 -15.68
CA HIS C 14 -46.47 8.24 -16.86
C HIS C 14 -46.20 7.29 -18.03
N ARG C 15 -46.85 6.12 -18.07
CA ARG C 15 -46.84 5.30 -19.29
C ARG C 15 -47.92 5.78 -20.29
N TYR C 16 -47.57 5.91 -21.56
CA TYR C 16 -48.53 6.21 -22.63
C TYR C 16 -48.45 5.14 -23.70
N SER C 17 -49.59 4.74 -24.25
CA SER C 17 -49.57 3.85 -25.41
C SER C 17 -48.84 4.49 -26.58
N GLN C 18 -48.40 3.67 -27.53
CA GLN C 18 -47.75 4.19 -28.74
C GLN C 18 -48.72 4.96 -29.64
N SER C 19 -49.95 4.48 -29.77
CA SER C 19 -50.97 5.19 -30.58
C SER C 19 -51.33 6.53 -29.96
N GLU C 20 -51.39 6.57 -28.62
CA GLU C 20 -51.61 7.83 -27.91
C GLU C 20 -50.44 8.75 -28.12
N ILE C 21 -49.22 8.22 -28.07
CA ILE C 21 -48.06 9.08 -28.32
C ILE C 21 -48.08 9.64 -29.73
N THR C 22 -48.48 8.80 -30.69
CA THR C 22 -48.59 9.22 -32.09
C THR C 22 -49.79 10.15 -32.34
N ASP C 23 -50.99 9.72 -31.99
CA ASP C 23 -52.21 10.53 -32.17
C ASP C 23 -51.98 11.96 -31.71
N SER C 24 -51.23 12.10 -30.62
CA SER C 24 -50.92 13.40 -30.05
C SER C 24 -49.75 14.02 -30.78
N PHE C 25 -48.69 13.23 -30.96
CA PHE C 25 -47.49 13.75 -31.58
C PHE C 25 -47.77 14.42 -32.94
N VAL C 26 -48.61 13.81 -33.77
CA VAL C 26 -48.92 14.38 -35.08
C VAL C 26 -49.60 15.74 -34.94
N GLU C 27 -50.31 15.95 -33.84
CA GLU C 27 -51.01 17.21 -33.61
C GLU C 27 -50.09 18.30 -33.04
N PHE C 28 -48.80 18.00 -32.96
CA PHE C 28 -47.84 18.96 -32.43
C PHE C 28 -47.61 20.04 -33.48
N PRO C 29 -47.37 21.28 -33.04
CA PRO C 29 -47.10 22.39 -33.96
C PRO C 29 -46.02 22.07 -34.99
N GLY C 30 -46.37 22.18 -36.26
CA GLY C 30 -45.43 22.02 -37.34
C GLY C 30 -45.18 20.58 -37.71
N LEU C 31 -46.03 19.68 -37.21
CA LEU C 31 -45.83 18.27 -37.44
C LEU C 31 -46.90 17.65 -38.26
N LYS C 32 -48.12 18.17 -38.13
CA LYS C 32 -49.28 17.57 -38.79
C LYS C 32 -48.99 17.31 -40.26
N GLU C 33 -48.17 18.16 -40.87
CA GLU C 33 -47.81 18.03 -42.28
C GLU C 33 -47.00 16.77 -42.60
N HIS C 34 -46.46 16.14 -41.57
CA HIS C 34 -45.68 14.91 -41.74
C HIS C 34 -46.38 13.71 -41.10
N GLU C 35 -47.70 13.82 -40.94
CA GLU C 35 -48.48 12.74 -40.36
C GLU C 35 -48.16 11.37 -40.96
N GLU C 36 -48.09 11.31 -42.28
CA GLU C 36 -48.00 10.03 -42.97
C GLU C 36 -46.76 9.25 -42.53
N ILE C 37 -45.61 9.92 -42.57
CA ILE C 37 -44.34 9.28 -42.29
C ILE C 37 -44.26 8.98 -40.80
N ILE C 38 -44.85 9.87 -40.01
CA ILE C 38 -44.85 9.70 -38.57
C ILE C 38 -45.62 8.46 -38.18
N ARG C 39 -46.86 8.36 -38.63
CA ARG C 39 -47.66 7.17 -38.39
C ARG C 39 -46.88 5.90 -38.76
N ARG C 40 -46.39 5.84 -39.99
CA ARG C 40 -45.68 4.66 -40.49
C ARG C 40 -44.44 4.26 -39.67
N LEU C 41 -43.70 5.28 -39.26
CA LEU C 41 -42.46 5.13 -38.51
C LEU C 41 -42.76 4.69 -37.09
N HIS C 42 -43.68 5.38 -36.43
CA HIS C 42 -44.10 5.01 -35.07
C HIS C 42 -44.75 3.62 -35.06
N ALA C 43 -45.37 3.23 -36.17
CA ALA C 43 -45.92 1.88 -36.27
C ALA C 43 -44.85 0.84 -36.68
N ALA C 44 -43.78 1.30 -37.32
CA ALA C 44 -42.72 0.39 -37.76
C ALA C 44 -41.81 -0.06 -36.62
N ALA C 45 -41.90 0.62 -35.48
CA ALA C 45 -40.95 0.44 -34.38
C ALA C 45 -41.20 -0.78 -33.53
N LYS C 46 -42.42 -1.31 -33.60
CA LYS C 46 -42.81 -2.40 -32.73
C LYS C 46 -42.55 -1.99 -31.28
N VAL C 47 -43.10 -0.83 -30.94
CA VAL C 47 -43.04 -0.27 -29.60
C VAL C 47 -44.46 0.01 -29.21
N ASN C 48 -44.95 -0.65 -28.16
CA ASN C 48 -46.34 -0.54 -27.77
C ASN C 48 -46.55 0.47 -26.66
N GLY C 49 -45.46 0.86 -26.01
CA GLY C 49 -45.55 1.76 -24.86
C GLY C 49 -44.27 2.52 -24.56
N ARG C 50 -44.41 3.60 -23.80
CA ARG C 50 -43.24 4.36 -23.36
C ARG C 50 -43.56 5.26 -22.16
N HIS C 51 -42.77 5.13 -21.12
CA HIS C 51 -42.82 6.05 -20.00
C HIS C 51 -42.17 7.34 -20.45
N LEU C 52 -42.81 8.46 -20.16
CA LEU C 52 -42.22 9.75 -20.44
C LEU C 52 -42.06 10.55 -19.15
N VAL C 53 -41.03 11.38 -19.09
CA VAL C 53 -40.72 12.12 -17.88
C VAL C 53 -41.72 13.24 -17.62
N LEU C 54 -42.26 13.84 -18.69
CA LEU C 54 -43.25 14.91 -18.63
C LEU C 54 -44.62 14.43 -19.10
N PRO C 55 -45.70 15.12 -18.73
CA PRO C 55 -46.94 14.86 -19.47
C PRO C 55 -46.77 15.12 -20.97
N LEU C 56 -47.28 14.20 -21.78
CA LEU C 56 -47.22 14.26 -23.23
C LEU C 56 -47.56 15.60 -23.88
N GLN C 57 -48.56 16.30 -23.36
CA GLN C 57 -48.99 17.59 -23.92
C GLN C 57 -48.04 18.75 -23.53
N GLN C 58 -46.97 18.44 -22.80
CA GLN C 58 -46.07 19.51 -22.35
C GLN C 58 -44.86 19.65 -23.28
N TYR C 59 -44.60 18.61 -24.08
CA TYR C 59 -43.42 18.63 -24.91
C TYR C 59 -43.51 19.71 -25.98
N PRO C 60 -44.70 19.84 -26.60
CA PRO C 60 -44.84 20.86 -27.62
C PRO C 60 -44.33 22.19 -27.11
N SER C 61 -44.39 22.41 -25.81
CA SER C 61 -44.00 23.70 -25.27
C SER C 61 -42.58 23.69 -24.73
N LEU C 62 -41.88 22.57 -24.96
CA LEU C 62 -40.48 22.40 -24.54
C LEU C 62 -39.59 22.62 -25.74
N THR C 63 -38.86 23.74 -25.79
CA THR C 63 -38.25 24.18 -27.03
C THR C 63 -36.93 24.87 -26.76
N ASP C 64 -36.66 25.12 -25.49
CA ASP C 64 -35.38 25.68 -25.08
C ASP C 64 -34.45 24.63 -24.44
N PHE C 65 -33.33 24.36 -25.10
CA PHE C 65 -32.30 23.46 -24.58
C PHE C 65 -31.90 23.81 -23.13
N GLY C 66 -31.96 25.09 -22.78
CA GLY C 66 -31.62 25.53 -21.44
C GLY C 66 -32.60 25.01 -20.41
N ASP C 67 -33.89 25.19 -20.69
CA ASP C 67 -34.99 24.61 -19.91
C ASP C 67 -34.93 23.10 -19.80
N ALA C 68 -34.86 22.40 -20.93
CA ALA C 68 -34.91 20.94 -20.93
C ALA C 68 -33.76 20.30 -20.14
N ASN C 69 -32.61 20.96 -20.11
CA ASN C 69 -31.45 20.37 -19.46
C ASN C 69 -31.49 20.57 -17.95
N GLU C 70 -32.24 21.57 -17.49
CA GLU C 70 -32.40 21.77 -16.07
C GLU C 70 -33.43 20.76 -15.60
N ILE C 71 -34.45 20.58 -16.41
CA ILE C 71 -35.40 19.50 -16.16
C ILE C 71 -34.63 18.16 -16.06
N PHE C 72 -33.74 17.91 -17.00
CA PHE C 72 -32.94 16.70 -16.97
C PHE C 72 -32.25 16.55 -15.60
N ILE C 73 -31.43 17.52 -15.22
CA ILE C 73 -30.68 17.45 -13.97
C ILE C 73 -31.57 17.16 -12.74
N GLU C 74 -32.67 17.90 -12.61
CA GLU C 74 -33.66 17.63 -11.58
C GLU C 74 -34.16 16.19 -11.66
N LYS C 75 -34.42 15.72 -12.88
CA LYS C 75 -35.21 14.50 -13.13
C LYS C 75 -34.38 13.21 -13.24
N ALA C 76 -33.22 13.31 -13.90
CA ALA C 76 -32.27 12.19 -13.95
C ALA C 76 -31.88 11.77 -12.54
N VAL C 77 -31.42 12.73 -11.72
CA VAL C 77 -31.03 12.45 -10.33
C VAL C 77 -32.05 11.56 -9.61
N ASP C 78 -33.32 11.97 -9.61
CA ASP C 78 -34.29 11.24 -8.79
C ASP C 78 -34.63 9.82 -9.29
N LEU C 79 -34.66 9.61 -10.61
CA LEU C 79 -34.82 8.25 -11.13
C LEU C 79 -33.59 7.40 -10.78
N GLY C 80 -32.44 8.05 -10.65
CA GLY C 80 -31.21 7.33 -10.41
C GLY C 80 -31.11 6.80 -8.98
N VAL C 81 -31.37 7.67 -8.00
CA VAL C 81 -31.30 7.22 -6.63
C VAL C 81 -32.45 6.26 -6.39
N GLU C 82 -33.53 6.39 -7.16
CA GLU C 82 -34.59 5.39 -7.09
C GLU C 82 -34.12 4.03 -7.61
N ALA C 83 -33.30 4.06 -8.66
CA ALA C 83 -32.81 2.85 -9.32
C ALA C 83 -31.69 2.22 -8.51
N LEU C 84 -30.87 3.09 -7.90
CA LEU C 84 -29.75 2.66 -7.06
C LEU C 84 -30.24 2.02 -5.77
N LEU C 85 -31.24 2.68 -5.16
CA LEU C 85 -31.83 2.13 -3.95
C LEU C 85 -32.44 0.77 -4.24
N GLY C 86 -33.15 0.67 -5.36
CA GLY C 86 -33.79 -0.57 -5.74
C GLY C 86 -32.78 -1.71 -5.86
N ALA C 87 -31.60 -1.40 -6.38
CA ALA C 87 -30.55 -2.39 -6.61
C ALA C 87 -29.79 -2.70 -5.31
N LEU C 88 -29.47 -1.67 -4.53
CA LEU C 88 -28.83 -1.82 -3.24
C LEU C 88 -29.67 -2.69 -2.32
N ASP C 89 -30.98 -2.57 -2.42
CA ASP C 89 -31.91 -3.41 -1.65
C ASP C 89 -32.07 -4.81 -2.23
N ASP C 90 -31.83 -4.94 -3.53
CA ASP C 90 -31.81 -6.22 -4.21
C ASP C 90 -30.55 -6.95 -3.74
N ALA C 91 -29.51 -6.15 -3.48
CA ALA C 91 -28.22 -6.68 -3.15
C ALA C 91 -28.01 -6.76 -1.64
N ASN C 92 -29.07 -6.49 -0.88
CA ASN C 92 -28.97 -6.51 0.58
C ASN C 92 -27.78 -5.68 1.05
N LEU C 93 -27.67 -4.46 0.54
CA LEU C 93 -26.53 -3.60 0.84
C LEU C 93 -26.97 -2.17 1.13
N ARG C 94 -26.02 -1.33 1.49
CA ARG C 94 -26.35 0.07 1.76
C ARG C 94 -25.33 1.01 1.14
N PRO C 95 -25.74 2.28 0.93
CA PRO C 95 -24.92 3.36 0.38
C PRO C 95 -23.52 3.47 0.96
N SER C 96 -23.39 3.32 2.28
CA SER C 96 -22.08 3.33 2.93
C SER C 96 -21.11 2.31 2.30
N ASP C 97 -21.68 1.19 1.87
CA ASP C 97 -20.97 0.05 1.30
C ASP C 97 -20.23 0.32 0.00
N ILE C 98 -20.77 1.22 -0.81
CA ILE C 98 -20.27 1.47 -2.16
C ILE C 98 -18.92 2.12 -2.19
N ASP C 99 -17.96 1.47 -2.86
CA ASP C 99 -16.62 1.99 -2.96
C ASP C 99 -16.41 2.77 -4.26
N MET C 100 -16.99 2.29 -5.35
CA MET C 100 -17.03 3.11 -6.58
C MET C 100 -18.42 3.24 -7.23
N ILE C 101 -18.63 4.36 -7.90
CA ILE C 101 -19.89 4.55 -8.61
C ILE C 101 -19.65 5.08 -10.01
N ALA C 102 -20.04 4.30 -11.00
CA ALA C 102 -20.02 4.75 -12.38
C ALA C 102 -21.43 5.26 -12.78
N THR C 103 -21.46 6.35 -13.56
CA THR C 103 -22.71 6.96 -14.05
C THR C 103 -22.69 6.99 -15.57
N ALA C 104 -23.80 6.59 -16.19
CA ALA C 104 -23.90 6.63 -17.65
C ALA C 104 -25.11 7.40 -18.18
N THR C 105 -24.85 8.53 -18.84
CA THR C 105 -25.89 9.24 -19.60
C THR C 105 -25.30 9.75 -20.90
N VAL C 106 -26.16 10.09 -21.86
CA VAL C 106 -25.70 10.65 -23.13
C VAL C 106 -26.81 11.58 -23.59
N THR C 107 -27.66 11.94 -22.66
CA THR C 107 -28.94 12.50 -23.03
C THR C 107 -29.20 13.84 -22.37
N GLY C 108 -28.24 14.27 -21.56
CA GLY C 108 -28.19 15.62 -21.04
C GLY C 108 -26.78 15.87 -20.52
N VAL C 109 -26.38 17.12 -20.41
CA VAL C 109 -25.07 17.36 -19.85
C VAL C 109 -25.14 17.98 -18.45
N ALA C 110 -24.33 17.43 -17.54
CA ALA C 110 -24.34 17.90 -16.16
C ALA C 110 -22.95 17.98 -15.53
N VAL C 111 -22.64 19.15 -14.98
CA VAL C 111 -21.36 19.39 -14.33
C VAL C 111 -21.60 20.36 -13.18
N PRO C 112 -21.38 19.91 -11.93
CA PRO C 112 -20.94 18.56 -11.56
C PRO C 112 -21.90 17.49 -12.06
N SER C 113 -21.36 16.29 -12.25
CA SER C 113 -22.02 15.18 -12.93
C SER C 113 -23.10 14.52 -12.08
N LEU C 114 -23.80 13.55 -12.69
CA LEU C 114 -24.88 12.85 -12.01
C LEU C 114 -24.36 12.15 -10.76
N ASP C 115 -23.28 11.38 -10.90
CA ASP C 115 -22.77 10.64 -9.74
C ASP C 115 -22.54 11.52 -8.53
N ALA C 116 -21.87 12.65 -8.69
CA ALA C 116 -21.72 13.57 -7.56
C ALA C 116 -23.09 13.78 -6.94
N ARG C 117 -24.07 14.16 -7.78
CA ARG C 117 -25.43 14.45 -7.30
C ARG C 117 -26.12 13.28 -6.60
N ILE C 118 -26.06 12.10 -7.21
CA ILE C 118 -26.61 10.89 -6.63
C ILE C 118 -25.81 10.51 -5.36
N ALA C 119 -24.54 10.88 -5.32
CA ALA C 119 -23.70 10.67 -4.13
C ALA C 119 -24.18 11.56 -2.99
N GLY C 120 -24.57 12.79 -3.33
CA GLY C 120 -25.07 13.71 -2.32
C GLY C 120 -26.36 13.21 -1.72
N ARG C 121 -27.23 12.71 -2.59
CA ARG C 121 -28.60 12.35 -2.24
C ARG C 121 -28.73 11.02 -1.49
N LEU C 122 -27.80 10.11 -1.71
CA LEU C 122 -27.89 8.81 -1.06
C LEU C 122 -26.98 8.71 0.16
N GLY C 123 -26.08 9.66 0.36
CA GLY C 123 -25.18 9.63 1.50
C GLY C 123 -24.01 8.64 1.38
N LEU C 124 -23.68 8.31 0.14
CA LEU C 124 -22.51 7.49 -0.14
C LEU C 124 -21.32 8.09 0.58
N ARG C 125 -20.30 7.27 0.84
CA ARG C 125 -19.12 7.75 1.55
C ARG C 125 -18.45 8.89 0.80
N PRO C 126 -17.95 9.90 1.52
CA PRO C 126 -17.29 11.01 0.81
C PRO C 126 -16.15 10.56 -0.11
N ASP C 127 -15.46 9.48 0.25
CA ASP C 127 -14.35 8.97 -0.57
C ASP C 127 -14.81 7.91 -1.58
N VAL C 128 -16.12 7.85 -1.89
CA VAL C 128 -16.51 7.01 -3.01
C VAL C 128 -15.78 7.42 -4.29
N ARG C 129 -15.28 6.51 -5.09
CA ARG C 129 -14.68 6.82 -6.40
C ARG C 129 -15.69 7.01 -7.53
N ARG C 130 -15.57 8.11 -8.27
CA ARG C 130 -16.58 8.48 -9.29
C ARG C 130 -16.13 8.35 -10.74
N MET C 131 -16.89 7.58 -11.51
CA MET C 131 -16.62 7.36 -12.94
C MET C 131 -17.80 7.79 -13.85
N PRO C 132 -18.02 9.12 -14.00
CA PRO C 132 -19.10 9.64 -14.86
C PRO C 132 -18.90 9.40 -16.37
N LEU C 133 -19.50 8.34 -16.89
CA LEU C 133 -19.29 7.91 -18.29
C LEU C 133 -20.23 8.56 -19.32
N PHE C 134 -19.72 9.58 -20.02
CA PHE C 134 -20.47 10.35 -21.02
C PHE C 134 -19.96 10.06 -22.43
N GLY C 135 -20.82 10.22 -23.42
CA GLY C 135 -20.43 10.01 -24.80
C GLY C 135 -20.15 8.56 -25.16
N LEU C 136 -20.78 7.62 -24.49
CA LEU C 136 -20.64 6.24 -24.86
C LEU C 136 -21.94 5.78 -25.42
N GLY C 137 -23.02 6.32 -24.87
CA GLY C 137 -24.35 6.09 -25.41
C GLY C 137 -24.96 4.71 -25.18
N CYS C 138 -25.67 4.22 -26.18
CA CYS C 138 -26.41 2.96 -26.05
C CYS C 138 -25.52 1.77 -25.67
N VAL C 139 -24.19 1.92 -25.70
CA VAL C 139 -23.32 0.77 -25.41
C VAL C 139 -22.83 0.79 -23.97
N ALA C 140 -23.25 1.80 -23.21
CA ALA C 140 -22.73 1.98 -21.85
C ALA C 140 -23.41 1.04 -20.87
N GLY C 141 -24.48 0.38 -21.31
CA GLY C 141 -25.05 -0.70 -20.54
C GLY C 141 -24.07 -1.86 -20.37
N ALA C 142 -23.59 -2.38 -21.49
CA ALA C 142 -22.56 -3.42 -21.49
C ALA C 142 -21.21 -2.85 -21.10
N ALA C 143 -20.83 -1.71 -21.66
CA ALA C 143 -19.58 -1.06 -21.26
C ALA C 143 -19.52 -0.69 -19.78
N GLY C 144 -20.65 -0.31 -19.20
CA GLY C 144 -20.65 0.09 -17.80
C GLY C 144 -20.39 -1.06 -16.85
N VAL C 145 -20.95 -2.21 -17.20
CA VAL C 145 -20.70 -3.46 -16.51
C VAL C 145 -19.23 -3.88 -16.65
N ALA C 146 -18.66 -3.65 -17.82
CA ALA C 146 -17.27 -4.00 -18.05
C ALA C 146 -16.35 -3.20 -17.13
N ARG C 147 -16.48 -1.87 -17.14
CA ARG C 147 -15.57 -1.06 -16.33
C ARG C 147 -15.76 -1.42 -14.86
N LEU C 148 -16.95 -1.90 -14.53
CA LEU C 148 -17.23 -2.39 -13.19
C LEU C 148 -16.25 -3.50 -12.86
N ARG C 149 -16.38 -4.63 -13.58
CA ARG C 149 -15.49 -5.78 -13.47
C ARG C 149 -14.03 -5.37 -13.45
N ASP C 150 -13.59 -4.69 -14.51
CA ASP C 150 -12.20 -4.21 -14.57
C ASP C 150 -11.77 -3.59 -13.25
N TYR C 151 -12.73 -2.97 -12.54
CA TYR C 151 -12.42 -2.36 -11.26
C TYR C 151 -12.34 -3.36 -10.11
N LEU C 152 -13.25 -4.34 -10.09
CA LEU C 152 -13.33 -5.29 -8.98
C LEU C 152 -12.32 -6.44 -9.12
N ARG C 153 -11.88 -6.64 -10.36
CA ARG C 153 -10.84 -7.61 -10.66
C ARG C 153 -9.75 -7.44 -9.60
N GLY C 154 -9.22 -6.21 -9.52
CA GLY C 154 -8.14 -5.89 -8.60
C GLY C 154 -8.58 -5.28 -7.29
N ALA C 155 -9.82 -5.53 -6.89
CA ALA C 155 -10.33 -5.09 -5.59
C ALA C 155 -11.48 -6.00 -5.17
N PRO C 156 -11.15 -7.20 -4.68
CA PRO C 156 -12.13 -8.27 -4.44
C PRO C 156 -12.93 -8.18 -3.13
N ASP C 157 -12.69 -7.19 -2.26
CA ASP C 157 -13.55 -6.99 -1.10
C ASP C 157 -14.55 -5.88 -1.38
N ASP C 158 -14.62 -5.44 -2.62
CA ASP C 158 -15.27 -4.17 -2.89
C ASP C 158 -16.69 -4.24 -3.44
N VAL C 159 -17.32 -3.07 -3.45
CA VAL C 159 -18.67 -2.85 -3.99
C VAL C 159 -18.63 -1.72 -5.01
N ALA C 160 -19.04 -2.05 -6.22
CA ALA C 160 -19.11 -1.04 -7.27
C ALA C 160 -20.51 -0.98 -7.86
N VAL C 161 -20.92 0.22 -8.25
CA VAL C 161 -22.25 0.36 -8.83
C VAL C 161 -22.26 1.10 -10.14
N LEU C 162 -23.16 0.69 -11.04
CA LEU C 162 -23.42 1.42 -12.29
C LEU C 162 -24.86 1.95 -12.33
N VAL C 163 -25.01 3.27 -12.38
CA VAL C 163 -26.34 3.86 -12.59
C VAL C 163 -26.50 4.39 -14.03
N SER C 164 -27.43 3.78 -14.77
CA SER C 164 -27.79 4.32 -16.07
C SER C 164 -29.15 5.02 -16.02
N VAL C 165 -29.19 6.25 -16.54
CA VAL C 165 -30.41 7.06 -16.59
C VAL C 165 -30.42 7.81 -17.89
N GLU C 166 -31.39 7.51 -18.74
CA GLU C 166 -31.50 8.22 -20.01
C GLU C 166 -32.90 8.80 -20.21
N LEU C 167 -32.98 10.12 -20.33
CA LEU C 167 -34.28 10.78 -20.54
C LEU C 167 -34.37 11.39 -21.92
N CYS C 168 -34.63 10.52 -22.90
CA CYS C 168 -34.64 10.89 -24.33
C CYS C 168 -35.66 11.98 -24.69
N SER C 169 -36.83 11.87 -24.08
CA SER C 169 -37.89 12.85 -24.23
C SER C 169 -37.35 14.27 -24.11
N LEU C 170 -36.41 14.48 -23.20
CA LEU C 170 -36.00 15.87 -22.90
C LEU C 170 -35.07 16.44 -23.97
N THR C 171 -34.74 15.63 -24.97
CA THR C 171 -33.95 16.13 -26.09
C THR C 171 -34.86 16.77 -27.15
N TYR C 172 -36.14 16.84 -26.84
CA TYR C 172 -37.14 17.40 -27.76
C TYR C 172 -36.77 18.73 -28.45
N PRO C 173 -36.27 19.73 -27.68
CA PRO C 173 -35.90 21.05 -28.21
C PRO C 173 -35.14 21.04 -29.54
N ALA C 174 -34.53 19.91 -29.90
CA ALA C 174 -33.69 19.83 -31.08
C ALA C 174 -34.28 18.87 -32.11
N VAL C 175 -35.53 18.48 -31.88
CA VAL C 175 -36.20 17.54 -32.78
C VAL C 175 -36.98 18.29 -33.84
N LYS C 176 -36.57 18.08 -35.09
CA LYS C 176 -37.30 18.61 -36.22
C LYS C 176 -37.79 17.43 -37.05
N PRO C 177 -38.77 17.69 -37.92
CA PRO C 177 -39.44 16.58 -38.63
C PRO C 177 -38.60 16.04 -39.77
N THR C 178 -37.37 15.62 -39.51
CA THR C 178 -36.53 15.00 -40.52
C THR C 178 -36.31 13.56 -40.13
N VAL C 179 -35.95 12.73 -41.05
CA VAL C 179 -36.13 11.29 -40.93
C VAL C 179 -35.41 10.76 -39.69
N SER C 180 -34.22 11.27 -39.42
CA SER C 180 -33.39 10.71 -38.39
C SER C 180 -34.04 10.94 -37.04
N SER C 181 -34.45 12.17 -36.81
CA SER C 181 -35.09 12.62 -35.59
C SER C 181 -36.40 11.88 -35.41
N LEU C 182 -37.13 11.71 -36.50
CA LEU C 182 -38.41 11.01 -36.49
C LEU C 182 -38.26 9.52 -36.17
N VAL C 183 -37.26 8.88 -36.78
CA VAL C 183 -36.89 7.54 -36.36
C VAL C 183 -36.73 7.60 -34.85
N GLY C 184 -36.06 8.65 -34.38
CA GLY C 184 -35.89 8.86 -32.95
C GLY C 184 -37.17 8.97 -32.15
N THR C 185 -38.15 9.71 -32.65
CA THR C 185 -39.39 9.93 -31.92
C THR C 185 -40.25 8.66 -31.94
N ALA C 186 -39.88 7.69 -32.77
CA ALA C 186 -40.62 6.44 -32.82
C ALA C 186 -40.15 5.41 -31.79
N LEU C 187 -38.87 5.45 -31.43
CA LEU C 187 -38.25 4.36 -30.64
C LEU C 187 -37.94 4.69 -29.16
N PHE C 188 -37.41 5.87 -28.92
CA PHE C 188 -36.82 6.22 -27.63
C PHE C 188 -37.80 6.60 -26.51
N GLY C 189 -37.54 6.08 -25.31
CA GLY C 189 -38.34 6.40 -24.12
C GLY C 189 -37.50 6.80 -22.95
N ASP C 190 -38.11 7.18 -21.82
CA ASP C 190 -37.31 7.56 -20.66
C ASP C 190 -37.25 6.44 -19.62
N GLY C 191 -36.10 6.28 -18.95
CA GLY C 191 -35.93 5.22 -17.97
C GLY C 191 -34.62 5.30 -17.19
N ALA C 192 -34.54 4.57 -16.09
CA ALA C 192 -33.27 4.47 -15.35
C ALA C 192 -33.00 3.02 -14.96
N ALA C 193 -31.72 2.72 -14.77
CA ALA C 193 -31.29 1.40 -14.33
C ALA C 193 -30.06 1.49 -13.41
N ALA C 194 -29.93 0.55 -12.49
CA ALA C 194 -28.72 0.44 -11.67
C ALA C 194 -28.29 -1.01 -11.51
N VAL C 195 -26.97 -1.23 -11.56
CA VAL C 195 -26.38 -2.53 -11.25
C VAL C 195 -25.41 -2.42 -10.09
N VAL C 196 -25.53 -3.33 -9.13
CA VAL C 196 -24.58 -3.40 -8.04
C VAL C 196 -23.75 -4.68 -8.18
N ALA C 197 -22.46 -4.54 -8.48
CA ALA C 197 -21.56 -5.72 -8.50
C ALA C 197 -20.60 -5.73 -7.31
N VAL C 198 -20.01 -6.92 -6.98
CA VAL C 198 -19.14 -7.03 -5.82
C VAL C 198 -18.00 -8.01 -6.09
N GLY C 199 -16.91 -7.86 -5.27
CA GLY C 199 -15.74 -8.73 -5.39
C GLY C 199 -16.02 -10.20 -5.19
N ASP C 200 -15.14 -11.06 -5.71
CA ASP C 200 -15.32 -12.51 -5.57
C ASP C 200 -15.34 -12.86 -4.09
N ARG C 201 -14.43 -12.21 -3.38
CA ARG C 201 -14.25 -12.45 -1.96
C ARG C 201 -15.42 -11.83 -1.21
N ARG C 202 -15.76 -10.61 -1.59
CA ARG C 202 -16.92 -9.92 -1.04
C ARG C 202 -18.21 -10.68 -1.39
N ALA C 203 -18.19 -11.37 -2.53
CA ALA C 203 -19.36 -12.10 -3.03
C ALA C 203 -19.89 -13.15 -2.04
N GLU C 204 -18.98 -13.89 -1.43
CA GLU C 204 -19.35 -14.95 -0.50
C GLU C 204 -19.94 -14.38 0.80
N GLN C 205 -19.58 -13.18 1.20
CA GLN C 205 -20.05 -12.67 2.49
C GLN C 205 -21.43 -12.04 2.46
N VAL C 206 -21.82 -11.51 1.31
CA VAL C 206 -23.12 -10.87 1.18
C VAL C 206 -23.97 -11.67 0.17
N ARG C 207 -23.52 -12.88 -0.08
CA ARG C 207 -24.22 -13.89 -0.87
C ARG C 207 -24.79 -13.39 -2.19
N ALA C 208 -23.92 -12.88 -3.05
CA ALA C 208 -24.35 -12.33 -4.33
C ALA C 208 -25.15 -13.37 -5.06
N GLY C 209 -26.02 -12.93 -5.96
CA GLY C 209 -26.88 -13.84 -6.67
C GLY C 209 -26.78 -13.77 -8.17
N GLY C 210 -26.42 -12.61 -8.68
CA GLY C 210 -26.37 -12.37 -10.11
C GLY C 210 -25.33 -13.28 -10.68
N PRO C 211 -25.12 -13.23 -11.98
CA PRO C 211 -24.11 -14.06 -12.58
C PRO C 211 -22.79 -13.37 -12.39
N ASP C 212 -21.71 -13.96 -12.88
CA ASP C 212 -20.44 -13.29 -12.80
C ASP C 212 -20.10 -12.64 -14.09
N ILE C 213 -19.30 -11.60 -14.01
CA ILE C 213 -18.77 -10.94 -15.19
C ILE C 213 -17.39 -11.49 -15.46
N LEU C 214 -17.33 -12.47 -16.33
CA LEU C 214 -16.12 -13.24 -16.54
C LEU C 214 -15.12 -12.48 -17.40
N ASP C 215 -15.54 -11.87 -18.46
CA ASP C 215 -14.65 -11.22 -19.43
C ASP C 215 -15.43 -10.12 -20.16
N SER C 216 -14.72 -9.31 -20.95
CA SER C 216 -15.38 -8.33 -21.80
C SER C 216 -14.55 -8.16 -23.05
N ARG C 217 -15.12 -7.48 -24.05
CA ARG C 217 -14.38 -7.11 -25.25
C ARG C 217 -15.06 -5.97 -26.00
N SER C 218 -14.39 -4.82 -26.04
CA SER C 218 -14.81 -3.72 -26.89
C SER C 218 -14.45 -4.06 -28.32
N SER C 219 -15.08 -3.36 -29.26
CA SER C 219 -14.80 -3.51 -30.67
C SER C 219 -15.20 -2.23 -31.36
N LEU C 220 -14.20 -1.40 -31.70
CA LEU C 220 -14.44 -0.10 -32.33
C LEU C 220 -14.26 -0.18 -33.84
N TYR C 221 -15.38 -0.18 -34.58
CA TYR C 221 -15.37 -0.22 -36.05
C TYR C 221 -14.82 1.08 -36.64
N PRO C 222 -13.85 0.97 -37.55
CA PRO C 222 -13.16 2.15 -38.10
C PRO C 222 -13.99 2.95 -39.13
N ASP C 223 -13.52 4.17 -39.41
CA ASP C 223 -14.10 5.05 -40.44
C ASP C 223 -15.60 5.29 -40.30
N SER C 224 -16.12 5.20 -39.09
CA SER C 224 -17.56 5.13 -38.88
C SER C 224 -18.07 6.03 -37.77
N LEU C 225 -17.38 7.13 -37.48
CA LEU C 225 -17.80 8.09 -36.47
C LEU C 225 -19.20 8.64 -36.77
N HIS C 226 -19.51 8.83 -38.05
CA HIS C 226 -20.79 9.40 -38.48
C HIS C 226 -22.00 8.49 -38.25
N ILE C 227 -21.81 7.17 -38.23
CA ILE C 227 -22.94 6.24 -38.11
C ILE C 227 -24.01 6.64 -37.08
N MET C 228 -23.58 7.05 -35.88
CA MET C 228 -24.49 7.76 -34.97
C MET C 228 -23.78 8.67 -33.98
N GLY C 229 -24.58 9.32 -33.14
CA GLY C 229 -24.11 10.31 -32.20
C GLY C 229 -24.98 11.56 -32.22
N TRP C 230 -24.44 12.64 -31.68
CA TRP C 230 -25.14 13.89 -31.60
C TRP C 230 -24.47 14.94 -32.48
N ASP C 231 -25.28 15.73 -33.16
CA ASP C 231 -24.84 17.04 -33.58
C ASP C 231 -25.29 17.94 -32.44
N VAL C 232 -24.37 18.72 -31.88
CA VAL C 232 -24.67 19.52 -30.69
C VAL C 232 -24.62 21.02 -30.98
N GLY C 233 -25.73 21.70 -30.73
CA GLY C 233 -25.83 23.12 -31.00
C GLY C 233 -26.79 23.84 -30.08
N SER C 234 -26.98 25.14 -30.33
CA SER C 234 -27.84 26.00 -29.51
C SER C 234 -29.23 25.42 -29.26
N HIS C 235 -29.64 24.48 -30.10
CA HIS C 235 -30.99 23.95 -30.01
C HIS C 235 -31.11 22.68 -29.19
N GLY C 236 -30.00 22.19 -28.66
CA GLY C 236 -30.05 20.99 -27.84
C GLY C 236 -29.16 19.91 -28.40
N LEU C 237 -29.59 18.66 -28.24
CA LEU C 237 -28.84 17.48 -28.68
C LEU C 237 -29.55 16.85 -29.87
N ARG C 238 -28.98 17.03 -31.06
CA ARG C 238 -29.61 16.60 -32.30
C ARG C 238 -29.22 15.18 -32.67
N LEU C 239 -30.18 14.26 -32.66
CA LEU C 239 -29.90 12.86 -32.97
C LEU C 239 -29.37 12.66 -34.39
N ARG C 240 -28.18 12.09 -34.46
CA ARG C 240 -27.61 11.70 -35.74
C ARG C 240 -27.61 10.18 -35.78
N LEU C 241 -28.28 9.64 -36.78
CA LEU C 241 -28.46 8.21 -36.94
C LEU C 241 -28.40 7.94 -38.42
N SER C 242 -27.62 6.94 -38.81
CA SER C 242 -27.47 6.63 -40.22
C SER C 242 -28.12 5.29 -40.55
N PRO C 243 -28.60 5.15 -41.79
CA PRO C 243 -29.10 3.83 -42.20
C PRO C 243 -27.96 2.81 -42.36
N ASP C 244 -26.73 3.26 -42.61
CA ASP C 244 -25.60 2.34 -42.86
C ASP C 244 -25.30 1.44 -41.66
N LEU C 245 -26.00 1.66 -40.56
CA LEU C 245 -25.68 1.01 -39.29
C LEU C 245 -25.97 -0.48 -39.36
N THR C 246 -27.07 -0.89 -39.95
CA THR C 246 -27.43 -2.31 -39.99
C THR C 246 -26.46 -3.08 -40.89
N ASN C 247 -25.93 -2.39 -41.88
CA ASN C 247 -24.97 -2.96 -42.80
C ASN C 247 -23.67 -3.36 -42.11
N LEU C 248 -23.17 -2.47 -41.26
CA LEU C 248 -21.94 -2.69 -40.50
C LEU C 248 -22.08 -3.88 -39.57
N ILE C 249 -23.22 -3.96 -38.92
CA ILE C 249 -23.53 -5.07 -38.02
C ILE C 249 -23.38 -6.39 -38.74
N GLU C 250 -24.18 -6.60 -39.78
CA GLU C 250 -24.16 -7.87 -40.51
C GLU C 250 -22.78 -8.30 -41.03
N ARG C 251 -21.94 -7.32 -41.35
CA ARG C 251 -20.67 -7.63 -42.00
C ARG C 251 -19.50 -7.83 -41.03
N TYR C 252 -19.72 -7.59 -39.74
CA TYR C 252 -18.63 -7.70 -38.77
C TYR C 252 -18.98 -8.34 -37.42
N LEU C 253 -20.24 -8.24 -37.01
CA LEU C 253 -20.66 -8.76 -35.71
C LEU C 253 -20.44 -10.28 -35.55
N ALA C 254 -20.54 -11.02 -36.64
CA ALA C 254 -20.24 -12.45 -36.60
C ALA C 254 -18.77 -12.67 -36.19
N ASN C 255 -17.88 -11.91 -36.83
CA ASN C 255 -16.45 -11.97 -36.56
C ASN C 255 -16.12 -11.68 -35.10
N ASP C 256 -16.72 -10.62 -34.55
CA ASP C 256 -16.48 -10.23 -33.15
C ASP C 256 -16.85 -11.31 -32.16
N VAL C 257 -18.08 -11.82 -32.26
CA VAL C 257 -18.56 -12.79 -31.29
C VAL C 257 -17.84 -14.12 -31.44
N THR C 258 -17.25 -14.34 -32.61
CA THR C 258 -16.47 -15.55 -32.82
C THR C 258 -15.11 -15.47 -32.11
N THR C 259 -14.41 -14.34 -32.26
CA THR C 259 -13.11 -14.17 -31.57
C THR C 259 -13.26 -14.05 -30.05
N PHE C 260 -14.31 -13.39 -29.59
CA PHE C 260 -14.52 -13.29 -28.15
C PHE C 260 -14.83 -14.66 -27.52
N LEU C 261 -15.70 -15.42 -28.17
CA LEU C 261 -16.05 -16.74 -27.65
C LEU C 261 -14.88 -17.75 -27.75
N ASP C 262 -14.20 -17.77 -28.89
CA ASP C 262 -13.13 -18.74 -29.12
C ASP C 262 -12.11 -18.71 -27.99
N ALA C 263 -11.79 -17.49 -27.53
CA ALA C 263 -10.81 -17.28 -26.47
C ALA C 263 -11.30 -17.81 -25.13
N HIS C 264 -12.31 -18.67 -25.18
CA HIS C 264 -12.86 -19.29 -23.98
C HIS C 264 -13.28 -20.70 -24.35
N ARG C 265 -12.67 -21.21 -25.42
CA ARG C 265 -13.05 -22.49 -26.00
C ARG C 265 -14.56 -22.62 -26.04
N LEU C 266 -15.22 -21.71 -26.76
CA LEU C 266 -16.66 -21.73 -26.82
C LEU C 266 -17.22 -21.30 -28.18
N THR C 267 -18.36 -21.88 -28.53
CA THR C 267 -19.07 -21.57 -29.76
C THR C 267 -20.37 -20.87 -29.41
N LYS C 268 -20.99 -20.22 -30.38
CA LYS C 268 -22.22 -19.47 -30.12
C LYS C 268 -23.36 -20.36 -29.60
N ASP C 269 -23.10 -21.66 -29.51
CA ASP C 269 -24.14 -22.65 -29.18
C ASP C 269 -24.13 -22.99 -27.70
N ASP C 270 -23.13 -22.48 -26.99
CA ASP C 270 -23.02 -22.74 -25.57
C ASP C 270 -23.78 -21.67 -24.78
N ILE C 271 -23.68 -20.42 -25.22
CA ILE C 271 -24.37 -19.31 -24.59
C ILE C 271 -25.84 -19.63 -24.46
N GLY C 272 -26.29 -19.84 -23.21
CA GLY C 272 -27.65 -20.24 -22.94
C GLY C 272 -28.58 -19.10 -22.57
N ALA C 273 -28.11 -17.87 -22.78
CA ALA C 273 -28.84 -16.68 -22.45
C ALA C 273 -28.20 -15.47 -23.12
N TRP C 274 -28.96 -14.81 -23.98
CA TRP C 274 -28.47 -13.59 -24.61
C TRP C 274 -29.19 -12.45 -23.99
N VAL C 275 -28.43 -11.38 -23.80
CA VAL C 275 -28.97 -10.11 -23.39
C VAL C 275 -28.50 -9.12 -24.44
N SER C 276 -29.39 -8.78 -25.36
CA SER C 276 -29.05 -7.97 -26.52
C SER C 276 -29.73 -6.59 -26.50
N HIS C 277 -29.02 -5.57 -26.95
CA HIS C 277 -29.61 -4.23 -26.98
C HIS C 277 -30.47 -3.94 -28.20
N PRO C 278 -31.74 -3.56 -27.96
CA PRO C 278 -32.78 -3.26 -28.94
C PRO C 278 -32.67 -1.89 -29.62
N GLY C 279 -31.79 -1.72 -30.59
CA GLY C 279 -31.72 -0.45 -31.29
C GLY C 279 -32.96 -0.15 -32.13
N GLY C 280 -33.83 -1.15 -32.26
CA GLY C 280 -34.93 -1.06 -33.18
C GLY C 280 -35.03 -2.35 -33.96
N PRO C 281 -36.18 -2.62 -34.58
CA PRO C 281 -36.52 -3.92 -35.18
C PRO C 281 -35.50 -4.39 -36.21
N LYS C 282 -35.02 -3.49 -37.07
CA LYS C 282 -34.11 -3.90 -38.14
C LYS C 282 -32.75 -4.29 -37.59
N VAL C 283 -32.37 -3.66 -36.48
CA VAL C 283 -31.12 -3.94 -35.81
C VAL C 283 -31.19 -5.28 -35.08
N ILE C 284 -32.30 -5.52 -34.40
CA ILE C 284 -32.55 -6.80 -33.73
C ILE C 284 -32.72 -7.94 -34.74
N ASP C 285 -33.18 -7.63 -35.95
CA ASP C 285 -33.25 -8.63 -37.01
C ASP C 285 -31.88 -8.89 -37.62
N ALA C 286 -31.08 -7.85 -37.79
CA ALA C 286 -29.75 -8.03 -38.35
C ALA C 286 -28.86 -8.86 -37.44
N VAL C 287 -28.89 -8.55 -36.17
CA VAL C 287 -28.13 -9.33 -35.22
C VAL C 287 -28.64 -10.77 -35.13
N ALA C 288 -29.94 -10.97 -35.15
CA ALA C 288 -30.46 -12.34 -35.10
C ALA C 288 -29.92 -13.01 -36.33
N THR C 289 -29.96 -12.30 -37.45
CA THR C 289 -29.54 -12.82 -38.74
C THR C 289 -28.08 -13.19 -38.88
N SER C 290 -27.22 -12.30 -38.41
CA SER C 290 -25.79 -12.47 -38.53
C SER C 290 -25.32 -13.63 -37.70
N LEU C 291 -25.85 -13.72 -36.49
CA LEU C 291 -25.46 -14.73 -35.53
C LEU C 291 -26.23 -16.02 -35.69
N ALA C 292 -27.06 -16.13 -36.71
CA ALA C 292 -27.72 -17.41 -36.98
C ALA C 292 -28.42 -17.99 -35.75
N LEU C 293 -29.36 -17.20 -35.23
CA LEU C 293 -30.01 -17.36 -33.94
C LEU C 293 -31.52 -17.61 -34.06
N PRO C 294 -32.06 -18.64 -33.28
CA PRO C 294 -33.52 -18.82 -33.44
C PRO C 294 -34.28 -17.81 -32.62
N PRO C 295 -35.53 -17.51 -32.92
CA PRO C 295 -36.21 -16.43 -32.21
C PRO C 295 -36.36 -16.65 -30.69
N GLU C 296 -36.28 -17.86 -30.20
CA GLU C 296 -36.43 -18.04 -28.78
C GLU C 296 -35.44 -17.15 -28.10
N ALA C 297 -34.35 -16.90 -28.74
CA ALA C 297 -33.16 -16.36 -28.10
C ALA C 297 -33.23 -14.88 -27.75
N LEU C 298 -33.71 -14.06 -28.67
CA LEU C 298 -33.74 -12.63 -28.42
C LEU C 298 -35.11 -12.18 -27.92
N GLU C 299 -35.87 -13.13 -27.37
CA GLU C 299 -37.27 -12.87 -27.05
C GLU C 299 -37.45 -11.82 -25.95
N LEU C 300 -36.60 -11.85 -24.95
CA LEU C 300 -36.71 -10.83 -23.92
C LEU C 300 -36.43 -9.43 -24.45
N THR C 301 -35.65 -9.31 -25.52
CA THR C 301 -35.32 -7.99 -26.06
C THR C 301 -36.49 -7.36 -26.85
N TRP C 302 -37.17 -8.16 -27.67
CA TRP C 302 -38.35 -7.70 -28.39
C TRP C 302 -39.43 -7.32 -27.40
N ARG C 303 -39.58 -8.13 -26.36
CA ARG C 303 -40.56 -7.89 -25.33
C ARG C 303 -40.21 -6.66 -24.49
N SER C 304 -38.94 -6.34 -24.36
CA SER C 304 -38.61 -5.14 -23.63
C SER C 304 -38.86 -3.93 -24.52
N LEU C 305 -38.57 -4.09 -25.81
CA LEU C 305 -38.78 -3.06 -26.81
C LEU C 305 -40.27 -2.70 -26.93
N GLY C 306 -41.12 -3.72 -26.96
CA GLY C 306 -42.55 -3.52 -27.01
C GLY C 306 -43.07 -2.82 -25.77
N GLU C 307 -42.53 -3.20 -24.61
CA GLU C 307 -43.02 -2.68 -23.33
C GLU C 307 -42.49 -1.31 -22.83
N ILE C 308 -41.27 -0.92 -23.17
CA ILE C 308 -40.75 0.33 -22.61
C ILE C 308 -40.09 1.23 -23.65
N GLY C 309 -40.00 0.71 -24.87
CA GLY C 309 -39.29 1.36 -25.93
C GLY C 309 -37.80 1.06 -25.89
N ASN C 310 -37.05 1.86 -26.64
CA ASN C 310 -35.59 1.89 -26.58
C ASN C 310 -35.22 2.92 -25.52
N LEU C 311 -34.47 2.48 -24.52
CA LEU C 311 -34.12 3.32 -23.38
C LEU C 311 -32.64 3.73 -23.39
N SER C 312 -32.01 3.60 -24.56
CA SER C 312 -30.56 3.76 -24.71
C SER C 312 -29.77 2.81 -23.81
N SER C 313 -28.81 3.35 -23.05
CA SER C 313 -27.93 2.53 -22.21
C SER C 313 -28.63 1.83 -21.06
N ALA C 314 -29.88 2.18 -20.77
CA ALA C 314 -30.59 1.56 -19.66
C ALA C 314 -31.30 0.24 -20.04
N SER C 315 -31.61 0.10 -21.32
CA SER C 315 -32.38 -1.05 -21.80
C SER C 315 -31.72 -2.37 -21.46
N ILE C 316 -30.50 -2.53 -21.93
CA ILE C 316 -29.79 -3.77 -21.67
C ILE C 316 -29.84 -4.15 -20.18
N LEU C 317 -29.78 -3.16 -19.28
CA LEU C 317 -29.90 -3.45 -17.86
C LEU C 317 -31.30 -3.93 -17.48
N HIS C 318 -32.32 -3.29 -18.06
CA HIS C 318 -33.70 -3.72 -17.92
C HIS C 318 -33.89 -5.14 -18.42
N ILE C 319 -33.36 -5.44 -19.61
CA ILE C 319 -33.40 -6.81 -20.12
C ILE C 319 -32.54 -7.76 -19.25
N LEU C 320 -31.34 -7.31 -18.88
CA LEU C 320 -30.48 -8.06 -17.96
C LEU C 320 -31.31 -8.55 -16.78
N ARG C 321 -32.13 -7.65 -16.23
CA ARG C 321 -32.93 -8.00 -15.07
C ARG C 321 -34.04 -8.97 -15.46
N ASP C 322 -34.60 -8.73 -16.64
CA ASP C 322 -35.67 -9.56 -17.16
C ASP C 322 -35.25 -11.04 -17.24
N THR C 323 -34.04 -11.29 -17.70
CA THR C 323 -33.52 -12.64 -17.82
C THR C 323 -33.01 -13.21 -16.49
N ILE C 324 -32.34 -12.39 -15.69
CA ILE C 324 -32.01 -12.78 -14.34
C ILE C 324 -33.25 -13.35 -13.65
N GLU C 325 -34.34 -12.61 -13.78
CA GLU C 325 -35.63 -12.96 -13.24
C GLU C 325 -36.02 -14.40 -13.62
N LYS C 326 -35.71 -14.81 -14.84
CA LYS C 326 -36.20 -16.08 -15.37
C LYS C 326 -35.24 -17.23 -15.16
N ARG C 327 -34.49 -17.11 -14.07
CA ARG C 327 -33.40 -18.01 -13.69
C ARG C 327 -33.06 -19.06 -14.70
N PRO C 328 -31.96 -18.75 -15.51
CA PRO C 328 -31.55 -19.87 -16.36
C PRO C 328 -31.12 -21.09 -15.56
N PRO C 329 -30.25 -21.95 -16.24
CA PRO C 329 -30.05 -23.23 -15.57
C PRO C 329 -28.67 -23.52 -14.96
N SER C 330 -28.25 -22.75 -13.97
CA SER C 330 -27.04 -23.04 -13.17
C SER C 330 -25.84 -23.64 -13.92
N GLY C 331 -24.82 -22.82 -14.18
CA GLY C 331 -23.64 -23.22 -14.91
C GLY C 331 -23.59 -22.60 -16.30
N SER C 332 -24.75 -22.58 -16.93
CA SER C 332 -24.91 -22.01 -18.25
C SER C 332 -24.15 -20.72 -18.35
N ALA C 333 -23.89 -20.29 -19.57
CA ALA C 333 -23.25 -19.00 -19.77
C ALA C 333 -24.12 -18.04 -20.55
N GLY C 334 -23.81 -16.77 -20.43
CA GLY C 334 -24.54 -15.75 -21.12
C GLY C 334 -23.75 -14.59 -21.68
N LEU C 335 -24.38 -13.83 -22.55
CA LEU C 335 -23.65 -12.85 -23.35
C LEU C 335 -24.40 -11.51 -23.53
N MET C 336 -23.97 -10.48 -22.80
CA MET C 336 -24.49 -9.16 -23.05
C MET C 336 -23.95 -8.80 -24.40
N LEU C 337 -24.74 -8.13 -25.22
CA LEU C 337 -24.16 -7.49 -26.40
C LEU C 337 -24.84 -6.17 -26.71
N ALA C 338 -24.06 -5.10 -26.58
CA ALA C 338 -24.57 -3.74 -26.78
C ALA C 338 -23.85 -3.06 -27.95
N MET C 339 -24.47 -2.02 -28.52
CA MET C 339 -23.77 -1.21 -29.51
C MET C 339 -24.23 0.24 -29.49
N GLY C 340 -23.32 1.14 -29.84
CA GLY C 340 -23.57 2.57 -29.77
C GLY C 340 -22.56 3.40 -30.54
N PRO C 341 -22.56 4.73 -30.31
CA PRO C 341 -21.69 5.67 -31.02
C PRO C 341 -20.22 5.26 -30.98
N GLY C 342 -19.52 5.48 -32.09
CA GLY C 342 -18.16 4.98 -32.25
C GLY C 342 -17.72 4.99 -33.69
N PHE C 343 -18.33 4.15 -34.53
CA PHE C 343 -19.30 3.16 -34.11
C PHE C 343 -18.60 2.03 -33.34
N CYS C 344 -19.24 1.51 -32.31
CA CYS C 344 -18.60 0.44 -31.57
C CYS C 344 -19.56 -0.59 -31.01
N THR C 345 -18.97 -1.61 -30.42
CA THR C 345 -19.69 -2.77 -29.94
C THR C 345 -19.15 -3.06 -28.55
N GLU C 346 -19.88 -3.86 -27.77
CA GLU C 346 -19.38 -4.36 -26.50
C GLU C 346 -20.02 -5.68 -26.16
N LEU C 347 -19.22 -6.68 -25.91
CA LEU C 347 -19.69 -7.98 -25.45
C LEU C 347 -19.25 -8.26 -24.02
N VAL C 348 -20.15 -8.65 -23.18
CA VAL C 348 -19.74 -9.09 -21.86
C VAL C 348 -20.07 -10.57 -21.65
N LEU C 349 -19.05 -11.35 -21.33
CA LEU C 349 -19.27 -12.74 -21.02
C LEU C 349 -19.79 -12.84 -19.59
N LEU C 350 -20.81 -13.64 -19.40
CA LEU C 350 -21.51 -13.79 -18.13
C LEU C 350 -21.71 -15.26 -17.78
N ARG C 351 -21.59 -15.58 -16.51
CA ARG C 351 -21.86 -16.94 -16.09
C ARG C 351 -22.88 -16.88 -14.99
N TRP C 352 -23.89 -17.73 -15.04
CA TRP C 352 -24.91 -17.66 -14.01
C TRP C 352 -24.65 -18.55 -12.80
N ARG C 353 -24.89 -18.03 -11.60
CA ARG C 353 -24.56 -18.74 -10.38
C ARG C 353 -24.52 -17.80 -9.18
N SER D 2 -2.23 -5.19 8.27
CA SER D 2 -1.27 -6.09 7.66
C SER D 2 -1.80 -7.50 7.38
N VAL D 3 -1.61 -7.97 6.17
CA VAL D 3 -2.07 -9.27 5.72
C VAL D 3 -0.90 -10.19 5.41
N ILE D 4 -1.12 -11.48 5.61
CA ILE D 4 -0.14 -12.49 5.20
C ILE D 4 -0.18 -12.80 3.70
N ALA D 5 0.96 -12.68 3.05
CA ALA D 5 1.09 -12.97 1.63
C ALA D 5 1.68 -14.34 1.31
N GLY D 6 2.51 -14.92 2.20
CA GLY D 6 3.08 -16.22 1.92
C GLY D 6 3.77 -16.93 3.07
N VAL D 7 3.64 -18.25 3.10
CA VAL D 7 4.25 -19.07 4.14
C VAL D 7 4.83 -20.35 3.57
N PHE D 8 6.07 -20.63 3.94
CA PHE D 8 6.80 -21.75 3.35
C PHE D 8 7.71 -22.41 4.39
N GLY D 9 7.79 -23.72 4.32
CA GLY D 9 8.61 -24.47 5.23
C GLY D 9 9.77 -25.07 4.51
N ALA D 10 10.84 -25.31 5.22
CA ALA D 10 12.02 -25.90 4.65
C ALA D 10 12.63 -26.86 5.63
N LEU D 11 12.83 -28.06 5.15
CA LEU D 11 13.39 -29.08 5.97
C LEU D 11 14.74 -29.44 5.41
N PRO D 12 15.52 -30.15 6.19
CA PRO D 12 16.74 -30.75 5.71
C PRO D 12 16.39 -31.97 4.85
N PRO D 13 17.22 -32.32 3.89
CA PRO D 13 16.94 -33.47 3.03
C PRO D 13 16.94 -34.80 3.77
N HIS D 14 17.81 -35.00 4.74
CA HIS D 14 17.77 -36.25 5.46
C HIS D 14 16.64 -36.32 6.44
N ARG D 15 15.64 -37.12 6.10
CA ARG D 15 14.58 -37.52 7.03
C ARG D 15 14.84 -38.94 7.61
N TYR D 16 14.76 -39.07 8.92
CA TYR D 16 14.90 -40.38 9.56
C TYR D 16 13.64 -40.73 10.32
N SER D 17 13.36 -42.02 10.46
CA SER D 17 12.25 -42.41 11.30
C SER D 17 12.66 -42.13 12.73
N GLN D 18 11.76 -42.35 13.67
CA GLN D 18 12.11 -42.26 15.07
C GLN D 18 12.76 -43.58 15.51
N SER D 19 12.50 -44.64 14.75
CA SER D 19 13.10 -45.94 15.03
C SER D 19 14.55 -45.92 14.61
N GLU D 20 14.82 -45.44 13.39
CA GLU D 20 16.20 -45.27 12.94
C GLU D 20 17.02 -44.44 13.94
N ILE D 21 16.50 -43.27 14.30
CA ILE D 21 17.24 -42.34 15.14
C ILE D 21 17.62 -42.97 16.48
N THR D 22 16.74 -43.80 17.03
CA THR D 22 16.97 -44.31 18.38
C THR D 22 18.01 -45.41 18.37
N ASP D 23 18.13 -46.10 17.25
CA ASP D 23 19.04 -47.24 17.19
C ASP D 23 20.49 -46.80 17.01
N SER D 24 20.66 -45.66 16.34
CA SER D 24 21.97 -45.05 16.20
C SER D 24 22.36 -44.37 17.50
N PHE D 25 21.43 -43.60 18.04
CA PHE D 25 21.69 -42.77 19.22
C PHE D 25 22.04 -43.59 20.48
N VAL D 26 21.50 -44.80 20.61
CA VAL D 26 21.79 -45.64 21.75
C VAL D 26 23.22 -46.21 21.67
N GLU D 27 23.75 -46.20 20.47
CA GLU D 27 25.08 -46.74 20.22
C GLU D 27 26.19 -45.70 20.37
N PHE D 28 25.84 -44.48 20.78
CA PHE D 28 26.84 -43.40 20.92
C PHE D 28 27.71 -43.62 22.15
N PRO D 29 28.84 -42.89 22.23
CA PRO D 29 29.75 -43.03 23.37
C PRO D 29 29.17 -42.41 24.66
N GLY D 30 29.30 -43.14 25.76
CA GLY D 30 28.81 -42.67 27.04
C GLY D 30 27.30 -42.63 27.23
N LEU D 31 26.53 -43.28 26.37
CA LEU D 31 25.10 -43.37 26.64
C LEU D 31 24.44 -44.68 26.23
N LYS D 32 25.23 -45.73 26.22
CA LYS D 32 24.72 -47.08 25.98
C LYS D 32 24.29 -47.78 27.29
N GLU D 33 24.74 -47.25 28.42
CA GLU D 33 24.20 -47.67 29.69
C GLU D 33 23.07 -46.72 30.12
N HIS D 34 22.30 -46.27 29.13
CA HIS D 34 21.04 -45.53 29.34
C HIS D 34 20.09 -45.91 28.21
N GLU D 35 20.24 -47.12 27.69
CA GLU D 35 19.48 -47.57 26.52
C GLU D 35 17.98 -47.62 26.82
N GLU D 36 17.58 -48.33 27.86
CA GLU D 36 16.15 -48.52 28.11
C GLU D 36 15.43 -47.22 28.40
N ILE D 37 16.08 -46.32 29.14
CA ILE D 37 15.47 -45.01 29.45
C ILE D 37 15.30 -44.17 28.17
N ILE D 38 16.36 -44.15 27.35
CA ILE D 38 16.31 -43.46 26.07
C ILE D 38 15.21 -44.03 25.18
N ARG D 39 15.21 -45.34 25.01
CA ARG D 39 14.14 -46.03 24.29
C ARG D 39 12.78 -45.47 24.72
N ARG D 40 12.55 -45.44 26.03
CA ARG D 40 11.31 -44.96 26.61
C ARG D 40 10.97 -43.53 26.15
N LEU D 41 11.81 -42.58 26.54
CA LEU D 41 11.58 -41.17 26.25
C LEU D 41 11.30 -40.93 24.76
N HIS D 42 12.05 -41.63 23.90
CA HIS D 42 11.85 -41.45 22.47
C HIS D 42 10.51 -41.98 21.96
N ALA D 43 10.05 -43.13 22.45
CA ALA D 43 8.75 -43.66 22.05
C ALA D 43 7.59 -42.89 22.70
N ALA D 44 7.84 -42.31 23.87
CA ALA D 44 6.83 -41.51 24.56
C ALA D 44 6.57 -40.17 23.87
N ALA D 45 7.51 -39.77 23.02
CA ALA D 45 7.48 -38.43 22.44
C ALA D 45 6.38 -38.29 21.41
N LYS D 46 5.87 -39.41 20.93
CA LYS D 46 4.82 -39.38 19.91
C LYS D 46 5.25 -38.63 18.65
N VAL D 47 6.54 -38.71 18.33
CA VAL D 47 7.05 -38.21 17.05
C VAL D 47 7.45 -39.43 16.25
N ASN D 48 7.20 -39.41 14.95
CA ASN D 48 7.44 -40.59 14.13
C ASN D 48 8.58 -40.42 13.12
N GLY D 49 8.99 -39.19 12.89
CA GLY D 49 10.12 -38.93 12.02
C GLY D 49 10.68 -37.55 12.31
N ARG D 50 11.93 -37.32 11.92
CA ARG D 50 12.55 -36.02 12.10
C ARG D 50 13.65 -35.82 11.07
N HIS D 51 13.62 -34.67 10.43
CA HIS D 51 14.69 -34.27 9.57
C HIS D 51 15.82 -33.82 10.40
N LEU D 52 17.02 -34.21 10.00
CA LEU D 52 18.22 -33.76 10.71
C LEU D 52 19.18 -33.13 9.71
N VAL D 53 19.86 -32.07 10.12
CA VAL D 53 20.77 -31.32 9.24
C VAL D 53 22.06 -32.10 8.89
N LEU D 54 22.53 -32.94 9.81
CA LEU D 54 23.74 -33.75 9.58
C LEU D 54 23.41 -35.23 9.42
N PRO D 55 24.33 -36.02 8.83
CA PRO D 55 24.13 -37.48 8.82
C PRO D 55 24.17 -38.09 10.23
N LEU D 56 23.25 -39.02 10.48
CA LEU D 56 23.07 -39.63 11.80
C LEU D 56 24.38 -40.12 12.44
N GLN D 57 25.27 -40.69 11.64
CA GLN D 57 26.54 -41.18 12.21
C GLN D 57 27.62 -40.09 12.26
N GLN D 58 27.22 -38.83 12.07
CA GLN D 58 28.19 -37.73 12.18
C GLN D 58 28.10 -37.00 13.52
N TYR D 59 27.04 -37.26 14.28
CA TYR D 59 26.79 -36.61 15.57
C TYR D 59 27.69 -37.02 16.76
N PRO D 60 27.92 -38.34 16.95
CA PRO D 60 28.75 -38.73 18.10
C PRO D 60 30.07 -37.96 18.13
N SER D 61 30.52 -37.50 16.98
CA SER D 61 31.80 -36.86 16.81
C SER D 61 31.80 -35.35 16.96
N LEU D 62 30.65 -34.73 17.08
CA LEU D 62 30.52 -33.29 17.13
C LEU D 62 30.48 -32.78 18.57
N THR D 63 31.60 -32.92 19.24
CA THR D 63 31.57 -32.78 20.67
C THR D 63 32.09 -31.42 21.09
N ASP D 64 32.54 -30.65 20.12
CA ASP D 64 33.00 -29.28 20.32
C ASP D 64 31.90 -28.28 19.96
N PHE D 65 31.81 -27.23 20.74
CA PHE D 65 30.76 -26.24 20.56
C PHE D 65 31.09 -25.40 19.33
N GLY D 66 32.38 -25.08 19.17
CA GLY D 66 32.86 -24.40 17.98
C GLY D 66 32.42 -25.08 16.70
N ASP D 67 32.91 -26.28 16.49
CA ASP D 67 32.45 -27.09 15.35
C ASP D 67 30.94 -26.95 15.12
N ALA D 68 30.20 -27.03 16.21
CA ALA D 68 28.77 -27.12 16.17
C ALA D 68 28.20 -25.78 15.70
N ASN D 69 28.72 -24.70 16.28
CA ASN D 69 28.18 -23.38 16.03
C ASN D 69 28.50 -22.93 14.61
N GLU D 70 29.67 -23.36 14.13
CA GLU D 70 30.09 -23.05 12.77
C GLU D 70 29.26 -23.86 11.77
N ILE D 71 29.05 -25.14 12.06
CA ILE D 71 28.13 -25.89 11.23
C ILE D 71 26.76 -25.16 11.26
N PHE D 72 26.36 -24.65 12.42
CA PHE D 72 25.06 -23.98 12.49
C PHE D 72 24.93 -22.87 11.43
N ILE D 73 25.98 -22.09 11.28
CA ILE D 73 25.89 -20.85 10.53
C ILE D 73 25.84 -21.12 9.03
N GLU D 74 26.71 -21.98 8.53
CA GLU D 74 26.58 -22.36 7.13
C GLU D 74 25.19 -22.95 6.88
N LYS D 75 24.76 -23.86 7.75
CA LYS D 75 23.50 -24.57 7.47
C LYS D 75 22.23 -23.76 7.68
N ALA D 76 22.25 -22.84 8.64
CA ALA D 76 21.05 -22.08 8.96
C ALA D 76 20.76 -21.02 7.92
N VAL D 77 21.80 -20.56 7.21
CA VAL D 77 21.63 -19.59 6.15
C VAL D 77 21.08 -20.25 4.90
N ASP D 78 21.71 -21.35 4.50
CA ASP D 78 21.16 -22.25 3.47
C ASP D 78 19.67 -22.44 3.69
N LEU D 79 19.30 -22.99 4.84
CA LEU D 79 17.92 -23.37 5.09
C LEU D 79 17.00 -22.17 5.15
N GLY D 80 17.57 -21.01 5.45
CA GLY D 80 16.81 -19.79 5.67
C GLY D 80 16.47 -19.11 4.36
N VAL D 81 17.42 -19.15 3.45
CA VAL D 81 17.26 -18.70 2.07
C VAL D 81 16.28 -19.57 1.31
N GLU D 82 16.42 -20.88 1.38
CA GLU D 82 15.42 -21.78 0.79
C GLU D 82 13.99 -21.48 1.28
N ALA D 83 13.81 -21.38 2.59
CA ALA D 83 12.48 -21.06 3.15
C ALA D 83 11.92 -19.75 2.60
N LEU D 84 12.65 -18.65 2.82
CA LEU D 84 12.29 -17.32 2.39
C LEU D 84 12.02 -17.24 0.89
N LEU D 85 12.94 -17.75 0.07
CA LEU D 85 12.68 -17.86 -1.37
C LEU D 85 11.35 -18.57 -1.62
N GLY D 86 11.09 -19.63 -0.86
CA GLY D 86 9.82 -20.33 -0.98
C GLY D 86 8.58 -19.50 -0.68
N ALA D 87 8.71 -18.56 0.27
CA ALA D 87 7.56 -17.76 0.69
C ALA D 87 7.42 -16.45 -0.11
N LEU D 88 8.51 -16.04 -0.74
CA LEU D 88 8.55 -14.86 -1.56
C LEU D 88 7.86 -15.18 -2.88
N ASP D 89 8.31 -16.25 -3.51
CA ASP D 89 7.68 -16.71 -4.74
C ASP D 89 6.22 -17.09 -4.48
N ASP D 90 5.92 -17.50 -3.25
CA ASP D 90 4.56 -17.86 -2.87
C ASP D 90 3.65 -16.61 -2.84
N ALA D 91 4.14 -15.55 -2.22
CA ALA D 91 3.44 -14.29 -2.16
C ALA D 91 3.48 -13.58 -3.52
N ASN D 92 4.12 -14.22 -4.49
CA ASN D 92 4.34 -13.60 -5.78
C ASN D 92 5.16 -12.32 -5.70
N LEU D 93 6.13 -12.30 -4.77
CA LEU D 93 6.97 -11.14 -4.58
C LEU D 93 8.40 -11.50 -4.91
N ARG D 94 9.25 -10.47 -4.97
CA ARG D 94 10.67 -10.70 -5.16
C ARG D 94 11.48 -10.01 -4.06
N PRO D 95 12.65 -10.57 -3.75
CA PRO D 95 13.53 -10.14 -2.65
C PRO D 95 13.72 -8.62 -2.60
N SER D 96 13.86 -8.01 -3.77
CA SER D 96 13.98 -6.56 -3.89
C SER D 96 12.79 -5.80 -3.31
N ASP D 97 11.68 -6.49 -3.10
CA ASP D 97 10.46 -5.87 -2.55
C ASP D 97 10.48 -5.86 -1.03
N ILE D 98 11.34 -6.68 -0.44
CA ILE D 98 11.45 -6.77 0.99
C ILE D 98 11.94 -5.43 1.58
N ASP D 99 11.23 -4.94 2.59
CA ASP D 99 11.61 -3.69 3.25
C ASP D 99 12.21 -3.95 4.63
N MET D 100 11.81 -5.07 5.23
CA MET D 100 12.29 -5.46 6.54
C MET D 100 12.30 -6.97 6.60
N ILE D 101 13.35 -7.50 7.26
CA ILE D 101 13.51 -8.93 7.54
C ILE D 101 13.71 -9.15 9.05
N ALA D 102 12.90 -10.04 9.62
CA ALA D 102 13.05 -10.43 11.02
C ALA D 102 13.50 -11.88 11.05
N THR D 103 14.48 -12.15 11.88
CA THR D 103 15.13 -13.46 11.87
C THR D 103 15.04 -14.04 13.26
N ALA D 104 14.40 -15.21 13.36
CA ALA D 104 14.33 -15.87 14.66
C ALA D 104 15.11 -17.20 14.68
N THR D 105 15.71 -17.47 15.85
CA THR D 105 16.42 -18.70 16.12
C THR D 105 16.88 -18.68 17.56
N VAL D 106 17.23 -19.85 18.08
CA VAL D 106 17.71 -19.96 19.46
C VAL D 106 18.72 -21.11 19.61
N THR D 107 19.20 -21.63 18.48
CA THR D 107 20.06 -22.80 18.53
C THR D 107 21.49 -22.55 18.02
N GLY D 108 21.85 -21.28 17.85
CA GLY D 108 23.18 -20.93 17.40
C GLY D 108 23.45 -19.44 17.57
N VAL D 109 24.70 -19.06 17.65
CA VAL D 109 25.06 -17.68 17.94
C VAL D 109 25.82 -17.06 16.77
N ALA D 110 25.22 -16.11 16.14
CA ALA D 110 25.88 -15.51 15.01
C ALA D 110 25.90 -14.00 15.13
N VAL D 111 27.09 -13.43 15.20
CA VAL D 111 27.28 -12.00 14.89
C VAL D 111 28.38 -11.90 13.82
N PRO D 112 28.06 -11.25 12.66
CA PRO D 112 26.78 -10.58 12.42
C PRO D 112 25.67 -11.60 12.30
N SER D 113 24.43 -11.15 12.43
CA SER D 113 23.25 -12.00 12.46
C SER D 113 22.98 -12.80 11.17
N LEU D 114 22.18 -13.85 11.33
CA LEU D 114 21.70 -14.68 10.21
C LEU D 114 20.97 -13.85 9.15
N ASP D 115 20.28 -12.79 9.59
CA ASP D 115 19.54 -11.92 8.67
C ASP D 115 20.44 -10.98 7.85
N ALA D 116 21.57 -10.55 8.41
CA ALA D 116 22.51 -9.79 7.59
C ALA D 116 23.11 -10.77 6.59
N ARG D 117 22.94 -12.05 6.84
CA ARG D 117 23.55 -13.05 5.97
C ARG D 117 22.58 -13.54 4.89
N ILE D 118 21.31 -13.62 5.25
CA ILE D 118 20.31 -13.99 4.26
C ILE D 118 20.16 -12.82 3.28
N ALA D 119 20.36 -11.61 3.78
CA ALA D 119 20.21 -10.41 2.95
C ALA D 119 21.29 -10.43 1.92
N GLY D 120 22.50 -10.72 2.39
CA GLY D 120 23.67 -10.76 1.54
C GLY D 120 23.43 -11.78 0.47
N ARG D 121 22.86 -12.91 0.84
CA ARG D 121 22.73 -14.00 -0.11
C ARG D 121 21.61 -13.82 -1.12
N LEU D 122 20.49 -13.24 -0.69
CA LEU D 122 19.34 -13.07 -1.58
C LEU D 122 19.39 -11.79 -2.39
N GLY D 123 20.37 -10.92 -2.10
CA GLY D 123 20.52 -9.65 -2.80
C GLY D 123 19.53 -8.58 -2.34
N LEU D 124 19.10 -8.68 -1.09
CA LEU D 124 18.15 -7.70 -0.55
C LEU D 124 18.72 -6.27 -0.59
N ARG D 125 17.82 -5.29 -0.54
CA ARG D 125 18.22 -3.89 -0.64
C ARG D 125 19.19 -3.56 0.47
N PRO D 126 20.25 -2.80 0.14
CA PRO D 126 21.22 -2.40 1.17
C PRO D 126 20.55 -1.66 2.33
N ASP D 127 19.35 -1.11 2.14
CA ASP D 127 18.71 -0.40 3.26
C ASP D 127 17.56 -1.14 3.96
N VAL D 128 17.42 -2.45 3.71
CA VAL D 128 16.43 -3.25 4.43
C VAL D 128 16.70 -3.21 5.93
N ARG D 129 15.67 -3.04 6.74
CA ARG D 129 15.78 -3.02 8.19
C ARG D 129 15.84 -4.44 8.79
N ARG D 130 16.72 -4.65 9.76
CA ARG D 130 17.00 -5.99 10.27
C ARG D 130 16.53 -6.18 11.71
N MET D 131 15.77 -7.24 11.95
CA MET D 131 15.23 -7.53 13.29
C MET D 131 15.65 -8.93 13.77
N PRO D 132 16.93 -9.08 14.16
CA PRO D 132 17.48 -10.34 14.65
C PRO D 132 16.98 -10.61 16.05
N LEU D 133 16.08 -11.58 16.19
CA LEU D 133 15.55 -11.94 17.49
C LEU D 133 16.27 -13.18 18.05
N PHE D 134 16.52 -13.23 19.36
CA PHE D 134 17.23 -14.38 19.91
C PHE D 134 16.57 -14.99 21.15
N GLY D 135 16.44 -14.19 22.19
CA GLY D 135 16.02 -14.71 23.49
C GLY D 135 14.60 -15.24 23.61
N LEU D 136 13.90 -15.37 22.50
CA LEU D 136 12.48 -15.69 22.57
C LEU D 136 12.25 -17.19 22.56
N GLY D 137 13.02 -17.96 21.85
CA GLY D 137 12.87 -19.40 21.89
C GLY D 137 11.64 -19.88 21.14
N CYS D 138 10.93 -20.85 21.72
CA CYS D 138 9.74 -21.44 21.09
C CYS D 138 8.67 -20.40 20.72
N VAL D 139 8.66 -19.28 21.43
CA VAL D 139 7.59 -18.32 21.26
C VAL D 139 7.82 -17.46 20.03
N ALA D 140 8.95 -17.70 19.37
CA ALA D 140 9.43 -16.83 18.30
C ALA D 140 8.60 -16.84 17.04
N GLY D 141 7.80 -17.90 16.82
CA GLY D 141 7.02 -18.01 15.60
C GLY D 141 5.82 -17.09 15.58
N ALA D 142 5.09 -17.07 16.69
CA ALA D 142 3.92 -16.21 16.84
C ALA D 142 4.40 -14.83 17.22
N ALA D 143 5.30 -14.75 18.19
CA ALA D 143 5.80 -13.46 18.63
C ALA D 143 6.35 -12.65 17.48
N GLY D 144 6.98 -13.31 16.51
CA GLY D 144 7.64 -12.61 15.42
C GLY D 144 6.65 -12.18 14.35
N VAL D 145 5.62 -12.98 14.17
CA VAL D 145 4.53 -12.64 13.29
C VAL D 145 3.85 -11.41 13.86
N ALA D 146 4.07 -11.16 15.15
CA ALA D 146 3.43 -10.05 15.83
C ALA D 146 4.29 -8.79 15.75
N ARG D 147 5.60 -8.95 15.65
CA ARG D 147 6.48 -7.79 15.50
C ARG D 147 6.33 -7.37 14.07
N LEU D 148 5.81 -8.29 13.27
CA LEU D 148 5.66 -8.09 11.85
C LEU D 148 4.42 -7.19 11.66
N ARG D 149 3.33 -7.56 12.29
CA ARG D 149 2.14 -6.72 12.30
C ARG D 149 2.54 -5.38 12.86
N ASP D 150 3.27 -5.38 13.97
CA ASP D 150 3.67 -4.15 14.65
C ASP D 150 4.49 -3.22 13.78
N TYR D 151 5.28 -3.77 12.86
CA TYR D 151 6.10 -2.91 12.00
C TYR D 151 5.28 -2.33 10.85
N LEU D 152 4.43 -3.17 10.26
CA LEU D 152 3.65 -2.83 9.08
C LEU D 152 2.48 -1.92 9.43
N ARG D 153 1.97 -2.00 10.65
CA ARG D 153 0.88 -1.13 11.06
C ARG D 153 1.44 0.29 11.16
N GLY D 154 2.75 0.40 11.09
CA GLY D 154 3.41 1.69 11.13
C GLY D 154 4.03 2.04 9.79
N ALA D 155 3.81 1.17 8.80
CA ALA D 155 4.34 1.37 7.45
C ALA D 155 3.57 0.54 6.42
N PRO D 156 2.34 0.98 6.08
CA PRO D 156 1.37 0.15 5.35
C PRO D 156 1.69 -0.08 3.87
N ASP D 157 2.66 0.67 3.36
CA ASP D 157 3.10 0.51 1.98
C ASP D 157 4.20 -0.55 1.84
N ASP D 158 4.63 -1.08 2.98
CA ASP D 158 5.81 -1.95 3.02
C ASP D 158 5.56 -3.48 3.07
N VAL D 159 6.66 -4.21 2.94
CA VAL D 159 6.68 -5.68 2.93
C VAL D 159 7.69 -6.21 3.94
N ALA D 160 7.23 -7.09 4.83
CA ALA D 160 8.09 -7.64 5.91
C ALA D 160 8.09 -9.16 5.91
N VAL D 161 9.21 -9.76 6.33
CA VAL D 161 9.29 -11.21 6.41
C VAL D 161 9.87 -11.74 7.73
N LEU D 162 9.39 -12.90 8.16
CA LEU D 162 9.99 -13.63 9.26
C LEU D 162 10.75 -14.83 8.70
N VAL D 163 11.82 -15.23 9.36
CA VAL D 163 12.57 -16.43 8.98
C VAL D 163 13.03 -17.09 10.29
N SER D 164 12.51 -18.27 10.52
CA SER D 164 12.80 -19.02 11.72
C SER D 164 13.70 -20.13 11.27
N VAL D 165 14.85 -20.25 11.91
CA VAL D 165 15.73 -21.36 11.60
C VAL D 165 16.15 -21.98 12.88
N GLU D 166 15.70 -23.21 13.10
CA GLU D 166 16.02 -23.95 14.30
C GLU D 166 16.73 -25.26 13.98
N LEU D 167 17.92 -25.42 14.53
CA LEU D 167 18.75 -26.56 14.19
C LEU D 167 19.16 -27.31 15.42
N CYS D 168 18.16 -27.86 16.12
CA CYS D 168 18.35 -28.35 17.48
C CYS D 168 19.38 -29.46 17.61
N SER D 169 19.64 -30.20 16.54
CA SER D 169 20.66 -31.21 16.62
C SER D 169 22.04 -30.56 16.66
N LEU D 170 22.19 -29.34 16.21
CA LEU D 170 23.51 -28.71 16.40
C LEU D 170 23.87 -28.49 17.87
N THR D 171 22.93 -28.74 18.77
CA THR D 171 23.16 -28.57 20.21
C THR D 171 23.77 -29.79 20.93
N TYR D 172 24.12 -30.80 20.16
CA TYR D 172 24.61 -32.06 20.73
C TYR D 172 25.78 -31.93 21.69
N PRO D 173 26.77 -31.07 21.34
CA PRO D 173 27.94 -30.86 22.22
C PRO D 173 27.51 -30.76 23.68
N ALA D 174 26.36 -30.14 23.90
CA ALA D 174 25.77 -29.93 25.22
C ALA D 174 24.93 -31.10 25.79
N VAL D 175 24.72 -32.20 25.05
CA VAL D 175 23.84 -33.27 25.50
C VAL D 175 24.55 -34.19 26.48
N LYS D 176 23.95 -34.30 27.70
CA LYS D 176 24.38 -35.23 28.74
C LYS D 176 23.31 -36.30 29.03
N PRO D 177 23.73 -37.47 29.57
CA PRO D 177 22.80 -38.57 29.84
C PRO D 177 21.92 -38.26 31.05
N THR D 178 20.87 -37.49 30.81
CA THR D 178 20.13 -36.88 31.90
C THR D 178 18.69 -36.67 31.45
N VAL D 179 17.75 -36.82 32.39
CA VAL D 179 16.34 -36.81 32.03
C VAL D 179 15.95 -35.63 31.14
N SER D 180 16.36 -34.42 31.50
CA SER D 180 15.96 -33.23 30.74
C SER D 180 16.52 -33.25 29.32
N SER D 181 17.85 -33.37 29.23
CA SER D 181 18.53 -33.42 27.93
C SER D 181 18.04 -34.60 27.09
N LEU D 182 17.93 -35.78 27.70
CA LEU D 182 17.41 -36.93 26.97
C LEU D 182 15.97 -36.69 26.49
N VAL D 183 15.14 -36.05 27.30
CA VAL D 183 13.82 -35.66 26.82
C VAL D 183 13.95 -34.80 25.56
N GLY D 184 14.76 -33.76 25.64
CA GLY D 184 15.08 -32.94 24.47
C GLY D 184 15.46 -33.75 23.25
N THR D 185 16.33 -34.74 23.43
CA THR D 185 16.77 -35.58 22.33
C THR D 185 15.62 -36.35 21.72
N ALA D 186 14.50 -36.40 22.42
CA ALA D 186 13.33 -37.10 21.89
C ALA D 186 12.53 -36.21 20.94
N LEU D 187 12.36 -34.94 21.32
CA LEU D 187 11.36 -34.07 20.70
C LEU D 187 11.90 -33.21 19.56
N PHE D 188 13.07 -32.62 19.78
CA PHE D 188 13.56 -31.62 18.85
C PHE D 188 14.18 -32.19 17.58
N GLY D 189 13.76 -31.63 16.43
CA GLY D 189 14.35 -31.90 15.12
C GLY D 189 14.93 -30.62 14.52
N ASP D 190 15.26 -30.65 13.24
CA ASP D 190 15.85 -29.48 12.57
C ASP D 190 14.88 -28.91 11.53
N GLY D 191 15.00 -27.62 11.26
CA GLY D 191 14.24 -27.04 10.16
C GLY D 191 14.02 -25.55 10.22
N ALA D 192 13.24 -25.07 9.25
CA ALA D 192 13.09 -23.64 9.02
C ALA D 192 11.70 -23.30 8.47
N ALA D 193 11.46 -22.00 8.31
CA ALA D 193 10.18 -21.49 7.83
C ALA D 193 10.30 -20.00 7.60
N ALA D 194 9.39 -19.47 6.79
CA ALA D 194 9.32 -18.03 6.57
C ALA D 194 7.87 -17.59 6.41
N VAL D 195 7.61 -16.35 6.78
CA VAL D 195 6.34 -15.70 6.48
C VAL D 195 6.65 -14.41 5.74
N VAL D 196 5.93 -14.17 4.65
CA VAL D 196 5.96 -12.87 3.99
C VAL D 196 4.65 -12.19 4.28
N ALA D 197 4.70 -10.95 4.76
CA ALA D 197 3.50 -10.21 5.08
C ALA D 197 3.61 -8.78 4.60
N VAL D 198 2.47 -8.17 4.27
CA VAL D 198 2.47 -6.85 3.68
C VAL D 198 1.45 -5.89 4.33
N GLY D 199 1.76 -4.60 4.30
CA GLY D 199 0.89 -3.61 4.92
C GLY D 199 -0.50 -3.59 4.33
N ASP D 200 -1.35 -2.69 4.83
CA ASP D 200 -2.73 -2.59 4.36
C ASP D 200 -2.86 -1.87 3.02
N ARG D 201 -2.26 -0.70 2.91
CA ARG D 201 -2.12 -0.01 1.63
C ARG D 201 -1.47 -0.86 0.53
N ARG D 202 -0.66 -1.84 0.91
CA ARG D 202 0.03 -2.66 -0.06
C ARG D 202 -0.71 -3.95 -0.38
N ALA D 203 -1.55 -4.41 0.53
CA ALA D 203 -2.38 -5.51 0.19
C ALA D 203 -3.18 -5.03 -1.01
N GLU D 204 -2.90 -3.82 -1.43
CA GLU D 204 -3.50 -3.27 -2.61
C GLU D 204 -2.38 -2.91 -3.54
N GLN D 205 -2.03 -3.85 -4.40
CA GLN D 205 -0.89 -3.74 -5.24
C GLN D 205 -0.32 -5.12 -5.49
N VAL D 206 -0.89 -6.15 -4.86
CA VAL D 206 -0.23 -7.44 -4.88
C VAL D 206 -0.99 -8.73 -4.51
N ARG D 207 -2.30 -8.65 -4.35
CA ARG D 207 -3.16 -9.84 -4.29
C ARG D 207 -2.87 -10.84 -3.18
N ALA D 208 -2.79 -10.35 -1.96
CA ALA D 208 -2.36 -11.13 -0.83
C ALA D 208 -3.34 -12.16 -0.35
N GLY D 209 -3.09 -13.42 -0.70
CA GLY D 209 -3.98 -14.53 -0.42
C GLY D 209 -4.17 -14.94 1.03
N GLY D 210 -3.10 -14.95 1.81
CA GLY D 210 -3.18 -15.38 3.20
C GLY D 210 -4.02 -14.51 4.13
N PRO D 211 -4.05 -14.84 5.40
CA PRO D 211 -4.90 -14.11 6.35
C PRO D 211 -4.34 -12.75 6.78
N ASP D 212 -5.23 -11.87 7.23
CA ASP D 212 -4.86 -10.61 7.88
C ASP D 212 -4.40 -10.95 9.29
N ILE D 213 -3.56 -10.09 9.84
CA ILE D 213 -3.24 -10.26 11.23
C ILE D 213 -3.88 -9.11 11.97
N LEU D 214 -4.89 -9.46 12.77
CA LEU D 214 -5.70 -8.47 13.47
C LEU D 214 -4.96 -7.87 14.67
N ASP D 215 -4.64 -8.69 15.67
CA ASP D 215 -3.91 -8.20 16.84
C ASP D 215 -3.07 -9.29 17.52
N SER D 216 -2.35 -8.91 18.58
CA SER D 216 -1.58 -9.87 19.35
C SER D 216 -1.54 -9.50 20.83
N ARG D 217 -1.27 -10.50 21.65
CA ARG D 217 -1.00 -10.24 23.06
C ARG D 217 0.12 -11.13 23.57
N SER D 218 1.15 -10.50 24.10
CA SER D 218 2.21 -11.23 24.77
C SER D 218 1.66 -11.54 26.15
N SER D 219 2.40 -12.30 26.94
CA SER D 219 1.99 -12.65 28.31
C SER D 219 3.17 -13.29 29.07
N LEU D 220 3.92 -12.44 29.75
CA LEU D 220 5.01 -12.89 30.60
C LEU D 220 4.51 -13.20 32.01
N TYR D 221 4.74 -14.40 32.47
CA TYR D 221 4.31 -14.85 33.80
C TYR D 221 5.32 -14.42 34.87
N PRO D 222 4.83 -14.08 36.06
CA PRO D 222 5.73 -13.64 37.14
C PRO D 222 6.56 -14.76 37.75
N ASP D 223 7.87 -14.55 37.86
CA ASP D 223 8.79 -15.49 38.52
C ASP D 223 8.84 -16.86 37.87
N SER D 224 9.10 -16.89 36.57
CA SER D 224 9.15 -18.15 35.86
C SER D 224 10.36 -18.26 34.94
N LEU D 225 11.36 -17.40 35.16
CA LEU D 225 12.61 -17.38 34.39
C LEU D 225 13.26 -18.76 34.31
N HIS D 226 13.04 -19.57 35.33
CA HIS D 226 13.68 -20.88 35.43
C HIS D 226 12.95 -21.96 34.63
N ILE D 227 11.78 -21.64 34.10
CA ILE D 227 10.93 -22.67 33.50
C ILE D 227 11.59 -23.31 32.28
N MET D 228 12.24 -22.49 31.45
CA MET D 228 13.01 -23.00 30.33
C MET D 228 13.97 -21.95 29.81
N GLY D 229 15.11 -22.39 29.32
CA GLY D 229 16.14 -21.49 28.84
C GLY D 229 17.35 -22.33 28.54
N TRP D 230 18.47 -21.68 28.25
CA TRP D 230 19.71 -22.38 27.99
C TRP D 230 20.68 -22.26 29.17
N ASP D 231 21.23 -23.38 29.62
CA ASP D 231 22.44 -23.33 30.43
C ASP D 231 23.54 -23.13 29.41
N VAL D 232 24.16 -21.94 29.41
CA VAL D 232 25.20 -21.64 28.44
C VAL D 232 26.62 -21.76 29.00
N GLY D 233 27.54 -22.28 28.20
CA GLY D 233 28.86 -22.60 28.70
C GLY D 233 29.92 -22.99 27.68
N SER D 234 30.96 -23.67 28.15
CA SER D 234 31.98 -24.17 27.27
C SER D 234 31.49 -25.33 26.40
N HIS D 235 30.50 -26.09 26.87
CA HIS D 235 30.00 -27.22 26.07
C HIS D 235 28.87 -26.85 25.11
N GLY D 236 28.51 -25.58 25.05
CA GLY D 236 27.47 -25.18 24.13
C GLY D 236 26.20 -24.67 24.78
N LEU D 237 25.09 -25.02 24.14
CA LEU D 237 23.77 -24.55 24.53
C LEU D 237 23.03 -25.71 25.19
N ARG D 238 23.01 -25.71 26.51
CA ARG D 238 22.48 -26.83 27.27
C ARG D 238 21.03 -26.57 27.70
N LEU D 239 20.15 -27.52 27.36
CA LEU D 239 18.72 -27.36 27.63
C LEU D 239 18.33 -27.36 29.09
N ARG D 240 17.33 -26.54 29.39
CA ARG D 240 16.78 -26.40 30.72
C ARG D 240 15.28 -26.42 30.54
N LEU D 241 14.67 -27.48 30.99
CA LEU D 241 13.25 -27.76 30.75
C LEU D 241 12.56 -28.21 32.04
N SER D 242 11.72 -27.35 32.57
CA SER D 242 11.15 -27.63 33.87
C SER D 242 9.81 -28.37 33.79
N PRO D 243 9.68 -29.42 34.61
CA PRO D 243 8.46 -30.15 34.95
C PRO D 243 7.23 -29.27 35.31
N ASP D 244 7.44 -28.11 35.94
CA ASP D 244 6.34 -27.29 36.44
C ASP D 244 5.76 -26.34 35.39
N LEU D 245 6.01 -26.62 34.12
CA LEU D 245 5.41 -25.84 33.05
C LEU D 245 4.06 -26.37 32.64
N THR D 246 3.92 -27.67 32.60
CA THR D 246 2.60 -28.27 32.41
C THR D 246 1.61 -27.75 33.44
N ASN D 247 2.01 -27.76 34.71
CA ASN D 247 1.23 -27.20 35.81
C ASN D 247 1.01 -25.69 35.65
N LEU D 248 1.96 -25.03 35.00
CA LEU D 248 1.89 -23.58 34.80
C LEU D 248 0.79 -23.20 33.80
N ILE D 249 0.68 -23.99 32.71
CA ILE D 249 -0.32 -23.71 31.67
C ILE D 249 -1.75 -23.92 32.18
N GLU D 250 -2.00 -25.08 32.75
CA GLU D 250 -3.31 -25.41 33.30
C GLU D 250 -3.76 -24.30 34.22
N ARG D 251 -2.81 -23.72 34.95
CA ARG D 251 -3.13 -22.69 35.93
C ARG D 251 -3.49 -21.33 35.33
N TYR D 252 -2.81 -20.92 34.27
CA TYR D 252 -2.95 -19.53 33.81
C TYR D 252 -3.31 -19.27 32.35
N LEU D 253 -3.39 -20.31 31.53
CA LEU D 253 -3.59 -20.11 30.11
C LEU D 253 -5.01 -19.65 29.79
N ALA D 254 -6.00 -20.34 30.31
CA ALA D 254 -7.40 -20.00 30.04
C ALA D 254 -7.61 -18.49 30.17
N ASN D 255 -7.16 -17.95 31.30
CA ASN D 255 -7.28 -16.52 31.54
C ASN D 255 -6.65 -15.71 30.43
N ASP D 256 -5.45 -16.06 30.01
CA ASP D 256 -4.79 -15.20 29.04
C ASP D 256 -5.59 -15.09 27.78
N VAL D 257 -6.18 -16.18 27.31
CA VAL D 257 -6.95 -16.09 26.11
C VAL D 257 -8.15 -15.19 26.36
N THR D 258 -8.77 -15.35 27.53
CA THR D 258 -10.07 -14.77 27.77
C THR D 258 -9.94 -13.30 27.60
N THR D 259 -8.90 -12.75 28.19
CA THR D 259 -8.66 -11.35 28.14
C THR D 259 -8.42 -10.95 26.70
N PHE D 260 -7.66 -11.76 25.98
CA PHE D 260 -7.32 -11.43 24.61
C PHE D 260 -8.54 -11.35 23.72
N LEU D 261 -9.45 -12.27 23.89
CA LEU D 261 -10.53 -12.46 22.97
C LEU D 261 -11.70 -11.64 23.45
N ASP D 262 -11.41 -10.74 24.37
CA ASP D 262 -12.46 -9.89 24.93
C ASP D 262 -12.25 -8.51 24.40
N ALA D 263 -11.01 -8.06 24.50
CA ALA D 263 -10.68 -6.79 23.92
C ALA D 263 -11.33 -6.74 22.55
N HIS D 264 -11.70 -7.90 22.03
CA HIS D 264 -12.19 -8.00 20.67
C HIS D 264 -13.59 -8.50 20.45
N ARG D 265 -14.37 -8.66 21.51
CA ARG D 265 -15.74 -9.12 21.35
C ARG D 265 -15.77 -10.54 20.82
N LEU D 266 -15.30 -11.49 21.62
CA LEU D 266 -15.20 -12.88 21.19
C LEU D 266 -14.91 -13.82 22.34
N THR D 267 -15.51 -15.01 22.29
CA THR D 267 -15.09 -16.14 23.12
C THR D 267 -14.54 -17.27 22.27
N LYS D 268 -14.26 -18.40 22.92
CA LYS D 268 -13.44 -19.44 22.34
C LYS D 268 -14.29 -20.37 21.49
N ASP D 269 -15.51 -19.95 21.19
CA ASP D 269 -16.31 -20.68 20.24
C ASP D 269 -16.30 -19.90 18.97
N ASP D 270 -15.75 -18.70 19.05
CA ASP D 270 -15.76 -17.80 17.91
C ASP D 270 -14.57 -17.99 16.96
N ILE D 271 -13.44 -18.47 17.48
CA ILE D 271 -12.29 -18.78 16.63
C ILE D 271 -12.49 -20.14 16.01
N GLY D 272 -12.05 -20.33 14.77
CA GLY D 272 -12.24 -21.61 14.11
C GLY D 272 -11.00 -22.26 13.54
N ALA D 273 -9.85 -21.64 13.76
CA ALA D 273 -8.58 -22.15 13.29
C ALA D 273 -7.65 -22.11 14.46
N TRP D 274 -7.52 -23.23 15.18
CA TRP D 274 -6.70 -23.25 16.36
C TRP D 274 -5.33 -23.68 16.01
N VAL D 275 -4.38 -22.77 16.17
CA VAL D 275 -3.04 -22.99 15.69
C VAL D 275 -2.06 -22.89 16.83
N SER D 276 -1.71 -24.01 17.40
CA SER D 276 -0.90 -23.97 18.57
C SER D 276 0.41 -24.60 18.35
N HIS D 277 1.27 -24.48 19.33
CA HIS D 277 2.64 -24.96 19.23
C HIS D 277 2.83 -26.30 19.93
N PRO D 278 3.49 -27.25 19.25
CA PRO D 278 3.59 -28.67 19.62
C PRO D 278 4.63 -29.00 20.69
N GLY D 279 4.62 -28.28 21.80
CA GLY D 279 5.62 -28.49 22.83
C GLY D 279 5.91 -29.95 23.15
N GLY D 280 5.01 -30.84 22.77
CA GLY D 280 5.14 -32.25 23.10
C GLY D 280 3.84 -32.82 23.63
N PRO D 281 3.67 -34.15 23.54
CA PRO D 281 2.38 -34.80 23.85
C PRO D 281 1.77 -34.25 25.14
N LYS D 282 2.44 -34.41 26.27
CA LYS D 282 1.90 -33.99 27.57
C LYS D 282 1.62 -32.48 27.65
N VAL D 283 2.39 -31.70 26.91
CA VAL D 283 2.10 -30.30 26.74
C VAL D 283 0.88 -30.00 25.88
N ILE D 284 0.79 -30.65 24.73
CA ILE D 284 -0.36 -30.45 23.88
C ILE D 284 -1.64 -30.89 24.59
N ASP D 285 -1.58 -31.97 25.35
CA ASP D 285 -2.78 -32.42 26.06
C ASP D 285 -3.16 -31.33 27.02
N ALA D 286 -2.18 -30.71 27.64
CA ALA D 286 -2.46 -29.71 28.64
C ALA D 286 -3.19 -28.53 28.08
N VAL D 287 -2.83 -28.11 26.89
CA VAL D 287 -3.43 -26.93 26.33
C VAL D 287 -4.88 -27.15 26.17
N ALA D 288 -5.21 -28.31 25.63
CA ALA D 288 -6.59 -28.67 25.34
C ALA D 288 -7.37 -28.73 26.61
N THR D 289 -6.79 -29.24 27.68
CA THR D 289 -7.48 -29.26 28.94
C THR D 289 -7.76 -27.85 29.40
N SER D 290 -6.75 -27.00 29.35
CA SER D 290 -6.84 -25.65 29.86
C SER D 290 -7.85 -24.82 29.11
N LEU D 291 -7.96 -25.02 27.81
CA LEU D 291 -8.98 -24.35 27.02
C LEU D 291 -10.16 -25.25 26.66
N ALA D 292 -10.20 -26.43 27.26
CA ALA D 292 -11.09 -27.54 26.90
C ALA D 292 -11.78 -27.41 25.55
N LEU D 293 -10.99 -27.49 24.48
CA LEU D 293 -11.46 -27.29 23.12
C LEU D 293 -11.95 -28.53 22.38
N PRO D 294 -12.46 -28.30 21.09
CA PRO D 294 -13.22 -29.44 20.55
C PRO D 294 -12.39 -30.67 20.37
N PRO D 295 -13.11 -31.80 19.97
CA PRO D 295 -12.43 -33.07 20.24
C PRO D 295 -11.07 -33.17 19.62
N GLU D 296 -10.89 -32.68 18.39
CA GLU D 296 -9.60 -32.19 17.99
C GLU D 296 -9.66 -30.91 17.16
N ALA D 297 -9.42 -29.79 17.82
CA ALA D 297 -9.10 -28.55 17.14
C ALA D 297 -7.59 -28.47 16.93
N LEU D 298 -6.88 -29.42 17.50
CA LEU D 298 -5.43 -29.47 17.52
C LEU D 298 -4.83 -30.42 16.49
N GLU D 299 -5.67 -30.90 15.60
CA GLU D 299 -5.33 -31.99 14.73
C GLU D 299 -4.07 -31.67 13.98
N LEU D 300 -3.96 -30.44 13.52
CA LEU D 300 -2.81 -30.02 12.75
C LEU D 300 -1.52 -30.01 13.53
N THR D 301 -1.58 -29.60 14.78
CA THR D 301 -0.39 -29.59 15.61
C THR D 301 0.13 -30.98 16.02
N TRP D 302 -0.84 -31.92 16.23
CA TRP D 302 -0.48 -33.29 16.58
C TRP D 302 0.17 -33.92 15.36
N ARG D 303 -0.33 -33.57 14.18
CA ARG D 303 0.22 -34.14 12.96
C ARG D 303 1.66 -33.67 12.76
N SER D 304 1.88 -32.36 12.89
CA SER D 304 3.22 -31.83 12.64
C SER D 304 4.21 -32.43 13.63
N LEU D 305 3.78 -32.57 14.89
CA LEU D 305 4.63 -33.17 15.91
C LEU D 305 5.09 -34.56 15.49
N GLY D 306 4.16 -35.27 14.82
CA GLY D 306 4.42 -36.62 14.36
C GLY D 306 5.39 -36.65 13.20
N GLU D 307 5.21 -35.74 12.25
CA GLU D 307 5.98 -35.80 11.01
C GLU D 307 7.33 -35.09 11.04
N ILE D 308 7.48 -34.07 11.85
CA ILE D 308 8.75 -33.34 11.90
C ILE D 308 9.20 -32.97 13.32
N GLY D 309 8.40 -33.31 14.32
CA GLY D 309 8.81 -33.10 15.70
C GLY D 309 8.78 -31.65 16.14
N ASN D 310 9.48 -31.33 17.21
CA ASN D 310 9.56 -29.95 17.69
C ASN D 310 10.71 -29.21 17.02
N LEU D 311 10.37 -28.29 16.14
CA LEU D 311 11.38 -27.43 15.50
C LEU D 311 11.53 -26.15 16.30
N SER D 312 11.14 -26.18 17.57
CA SER D 312 11.15 -24.95 18.36
C SER D 312 10.16 -23.96 17.71
N SER D 313 10.64 -22.78 17.32
CA SER D 313 9.74 -21.74 16.77
C SER D 313 9.42 -21.87 15.28
N ALA D 314 10.01 -22.81 14.59
CA ALA D 314 9.60 -23.01 13.20
C ALA D 314 8.34 -23.87 13.09
N SER D 315 8.09 -24.73 14.09
CA SER D 315 6.92 -25.62 14.08
C SER D 315 5.59 -24.90 13.85
N ILE D 316 5.28 -23.93 14.72
CA ILE D 316 4.06 -23.14 14.59
C ILE D 316 3.80 -22.57 13.18
N LEU D 317 4.86 -22.29 12.43
CA LEU D 317 4.74 -21.72 11.08
C LEU D 317 4.47 -22.81 10.05
N HIS D 318 4.98 -24.01 10.31
CA HIS D 318 4.66 -25.15 9.46
C HIS D 318 3.20 -25.52 9.64
N ILE D 319 2.73 -25.38 10.86
CA ILE D 319 1.35 -25.69 11.20
C ILE D 319 0.45 -24.64 10.55
N LEU D 320 0.87 -23.40 10.58
CA LEU D 320 0.05 -22.38 9.99
C LEU D 320 -0.15 -22.74 8.52
N ARG D 321 0.90 -23.16 7.82
CA ARG D 321 0.83 -23.47 6.41
C ARG D 321 -0.11 -24.61 6.15
N ASP D 322 -0.10 -25.55 7.07
CA ASP D 322 -1.01 -26.66 6.98
C ASP D 322 -2.46 -26.16 7.07
N THR D 323 -2.74 -25.22 7.95
CA THR D 323 -4.08 -24.67 8.08
C THR D 323 -4.56 -23.88 6.88
N ILE D 324 -3.72 -23.00 6.39
CA ILE D 324 -4.03 -22.14 5.27
C ILE D 324 -4.22 -22.95 4.00
N GLU D 325 -3.42 -23.99 3.83
CA GLU D 325 -3.55 -24.95 2.73
C GLU D 325 -4.92 -25.68 2.79
N LYS D 326 -5.35 -25.98 3.99
CA LYS D 326 -6.64 -26.60 4.20
C LYS D 326 -7.73 -25.65 3.75
N ARG D 327 -7.43 -24.36 3.74
CA ARG D 327 -8.38 -23.33 3.36
C ARG D 327 -9.58 -23.36 4.29
N PRO D 328 -9.56 -22.38 5.28
CA PRO D 328 -10.69 -22.43 6.18
C PRO D 328 -11.82 -21.55 5.70
N PRO D 329 -12.97 -21.58 6.52
CA PRO D 329 -14.08 -20.79 5.98
C PRO D 329 -13.73 -19.32 5.99
N SER D 330 -14.10 -18.59 4.96
CA SER D 330 -13.85 -17.16 4.93
C SER D 330 -14.63 -16.34 5.95
N GLY D 331 -13.91 -15.41 6.56
CA GLY D 331 -14.43 -14.50 7.59
C GLY D 331 -14.25 -14.99 9.01
N SER D 332 -13.87 -16.25 9.14
CA SER D 332 -13.63 -16.84 10.45
C SER D 332 -12.29 -16.37 11.01
N ALA D 333 -12.23 -16.23 12.34
CA ALA D 333 -11.00 -15.81 13.01
C ALA D 333 -10.12 -17.02 13.36
N GLY D 334 -8.81 -16.83 13.33
CA GLY D 334 -7.86 -17.87 13.71
C GLY D 334 -7.27 -17.64 15.09
N LEU D 335 -6.33 -18.47 15.51
CA LEU D 335 -5.59 -18.22 16.73
C LEU D 335 -4.24 -18.93 16.84
N MET D 336 -3.16 -18.19 16.63
CA MET D 336 -1.82 -18.67 16.93
C MET D 336 -1.57 -18.59 18.43
N LEU D 337 -0.99 -19.61 18.98
CA LEU D 337 -0.70 -19.73 20.41
C LEU D 337 0.64 -20.42 20.65
N ALA D 338 1.59 -19.70 21.20
CA ALA D 338 2.97 -20.16 21.35
C ALA D 338 3.44 -19.94 22.80
N MET D 339 4.54 -20.60 23.18
CA MET D 339 5.13 -20.38 24.52
C MET D 339 6.58 -20.85 24.60
N GLY D 340 7.40 -20.07 25.30
CA GLY D 340 8.81 -20.39 25.47
C GLY D 340 9.42 -19.60 26.63
N PRO D 341 10.74 -19.36 26.57
CA PRO D 341 11.44 -18.70 27.69
C PRO D 341 10.77 -17.38 28.10
N GLY D 342 10.68 -17.18 29.41
CA GLY D 342 9.98 -16.04 29.97
C GLY D 342 9.72 -16.24 31.45
N PHE D 343 8.88 -17.21 31.80
CA PHE D 343 8.08 -17.95 30.83
C PHE D 343 7.08 -16.95 30.23
N CYS D 344 6.80 -17.09 28.95
CA CYS D 344 5.88 -16.17 28.30
C CYS D 344 5.06 -16.91 27.28
N THR D 345 3.97 -16.28 26.88
CA THR D 345 3.01 -16.88 25.97
C THR D 345 2.73 -15.80 24.95
N GLU D 346 2.36 -16.18 23.72
CA GLU D 346 2.00 -15.23 22.69
C GLU D 346 0.74 -15.68 21.96
N LEU D 347 -0.21 -14.77 21.84
CA LEU D 347 -1.44 -15.06 21.12
C LEU D 347 -1.51 -14.12 19.94
N VAL D 348 -1.86 -14.67 18.79
CA VAL D 348 -2.07 -13.84 17.62
C VAL D 348 -3.45 -14.14 17.07
N LEU D 349 -4.20 -13.08 16.76
CA LEU D 349 -5.53 -13.25 16.21
C LEU D 349 -5.49 -13.06 14.72
N LEU D 350 -5.89 -14.08 13.98
CA LEU D 350 -5.93 -14.03 12.52
C LEU D 350 -7.37 -13.86 12.05
N ARG D 351 -7.55 -13.39 10.81
CA ARG D 351 -8.83 -13.51 10.11
C ARG D 351 -8.71 -14.09 8.73
N TRP D 352 -9.22 -15.30 8.58
CA TRP D 352 -9.07 -16.09 7.38
C TRP D 352 -9.43 -15.39 6.09
N ARG D 353 -9.37 -16.14 5.00
CA ARG D 353 -9.70 -15.59 3.68
C ARG D 353 -8.53 -15.78 2.72
#